data_8GZQ
#
_entry.id   8GZQ
#
_cell.length_a   1.00
_cell.length_b   1.00
_cell.length_c   1.00
_cell.angle_alpha   90.00
_cell.angle_beta   90.00
_cell.angle_gamma   90.00
#
_symmetry.space_group_name_H-M   'P 1'
#
loop_
_entity.id
_entity.type
_entity.pdbx_description
1 polymer 'Genome polyprotein'
2 polymer 'Genome polyprotein'
3 polymer RNA
4 non-polymer 'ZINC ION'
5 non-polymer "GUANOSINE-5'-DIPHOSPHATE"
#
loop_
_entity_poly.entity_id
_entity_poly.type
_entity_poly.pdbx_seq_one_letter_code
_entity_poly.pdbx_strand_id
1 'polypeptide(L)'
;GPSSGSSGGTGSQGETLGEKWKKRLNQLSRKEFDLYKKSGITEVDRTEAKEGLKRGEITHHAVSRGSAKLQWFVERNMVI
PEGRVIDLGCGRGGWSYYCAGLKKVTEVRGYTKGGPGHEEPVPMSTYGWNIVKLMSGKDVFYLPPEKCDTLLCDIGESSP
SPTVEESRTIRVLKMVEPWLKNNQFCIKVLNPYMPTVIEHLERLQRKHGGMLVRNPLSRNSTHEMYWISNGTGNIVSSVN
MVSRLLLNRFTMTYRRPTIEKDVDLGAGTRHVNAEPETPNMDVIGERIRRIKEEHSSTWHYDDENPYKTWAYHGSYEVKA
TGSASSMINGVVKLLTKPWDVVPTVTQMAMTDTTPFGQQRVFKEKVDTRTPKPMPGTRKVMEITAGWLWRTLGRNKRPRL
CTREEFTKKVRTNAAMGAVFTEENQWDSARAAVEDEEFWKLVDRERELHKQGKCGSCVYNMMGKREKKLGEFGKAKGSRA
IWYMWLGARYLEFEALGFLNEDHWFSRENSYSGVEGEGLHKLGYILRDISKIPGGAMYADDTAGWDTRITEDDLHNEEKI
TQQMDPEHRQLANAIFKLTYQNKVVKVQRPTPKGTVMDIISRKDQRGSGQVGTYGLNTFTNMEAQLIRQMEGEGVLSKTD
LENPHLLEKKITQWLETKGVERLKRMAISGDDCVVKPIDDRFANALLALNDMGKVRKDIPQWQPSKGWHDWQQVPFCSHH
FHELIMKDGRKLVVPCRPQDELIGRARISQGAGWSLKETACLGKAYAQMWALMYFHRRDLRLASNAICSAVPVHWVPTSR
TTWSIHAHHQWMTTEDMLTVWNRVWIEDNPWMEDKTPVTTWEDVPYLGKREDQWCGSLIGLTSRATWAQNILTAIQQVRS
LIGNEEFLDYMPSMKRFRKEEESEGAIW
;
A
2 'polypeptide(L)'
;MGSSHHHHHHSQDPENLYFQGSSGSSGADLTVEKAADVTWEEEAEGGGGSGGGGSGVLWDVPSPPETQKAELEEGVYRIK
QQGIFGKTQVGVGVQKEGVFHTMWHVTRGAVLTYNGKRLEPNWASVKKDLISYGGGWRLSAQWQKGEEVQVIAVEPGKNP
KNFQTMPGIFQTTTGEIGAIALDFKPGTAGSPIINREGKVVGLYGNGVVTKNGGYVSGIAQTNAEPDGPTPELEEEMFKK
RNLTIMDLHPGSGKTRKYLPAIVREAIKRRLRTLILAPTRVVAAEMEEALKGLPIRYQTTATKSEHTGKEIVDLMCHATF
TMRLLSPVRVPNYNLIIMDEAHFTDPASIAARGYISTRVGMGEAAAIFMTATPPGTADAFPQSNAPIQDEERDIPERSWN
SGNDWITDFAGKTVWFVPSIKAGNDIANCLRKNGKKVIQLSRKTFDTEYQKTKLNDWDFVVTTDISEMGANFKADRVIDP
RRCLKPVILTDGPERVILAGPMPVTVASAAQRRGRVGRNPQKENDQYIFTGQPLNNDEDHAHWTEAKMLLDNINTPEGII
PALFEPEREKSAAIDGEYRLKGESRKTFVELMRRGDLPVWLAHKVASEGIKYTDRKWCFDGERNNQILEENMDVEIWTKE
GEKKKLRPRWLDARTYSDPLALKEFKDFAAGRK
;
B
3 'polyribonucleotide'
;(GDP)AGUUGUUAGUCUGUGUGGACCGACAAGGACAGUUCCAAAUCGGAAGCUUGCUUAACACAGUUCUAACAGUUUGUU
UAGAUAGAGAGCAGUAACCUGCUUUCUCUGCAACAUCAAUCCAGGCACAGAGCGCCGCGAGAUGGAUUGGUGUUGUUGAU
CCAACAGGUUCU
;
S
#
loop_
_chem_comp.id
_chem_comp.type
_chem_comp.name
_chem_comp.formula
A RNA linking ADENOSINE-5'-MONOPHOSPHATE 'C10 H14 N5 O7 P'
C RNA linking CYTIDINE-5'-MONOPHOSPHATE 'C9 H14 N3 O8 P'
G RNA linking GUANOSINE-5'-MONOPHOSPHATE 'C10 H14 N5 O8 P'
GDP RNA linking GUANOSINE-5'-DIPHOSPHATE 'C10 H15 N5 O11 P2'
U RNA linking URIDINE-5'-MONOPHOSPHATE 'C9 H13 N2 O9 P'
ZN non-polymer 'ZINC ION' 'Zn 2'
#
# COMPACT_ATOMS: atom_id res chain seq x y z
N GLU A 15 6.77 -40.62 -7.91
CA GLU A 15 6.19 -40.01 -6.72
C GLU A 15 6.17 -38.49 -6.86
N THR A 16 4.97 -37.94 -7.05
CA THR A 16 4.83 -36.51 -7.28
C THR A 16 5.30 -35.72 -6.07
N LEU A 17 5.68 -34.47 -6.32
CA LEU A 17 6.19 -33.62 -5.25
C LEU A 17 5.14 -33.43 -4.17
N GLY A 18 3.88 -33.27 -4.57
CA GLY A 18 2.84 -33.00 -3.59
C GLY A 18 2.77 -34.09 -2.54
N GLU A 19 2.88 -35.35 -2.96
CA GLU A 19 2.86 -36.44 -1.99
C GLU A 19 4.11 -36.44 -1.14
N LYS A 20 5.23 -36.02 -1.73
CA LYS A 20 6.45 -35.91 -0.94
C LYS A 20 6.23 -34.93 0.20
N TRP A 21 5.69 -33.77 -0.10
CA TRP A 21 5.44 -32.78 0.93
C TRP A 21 4.37 -33.26 1.90
N LYS A 22 3.37 -33.97 1.39
CA LYS A 22 2.33 -34.49 2.28
C LYS A 22 2.94 -35.40 3.34
N LYS A 23 3.76 -36.35 2.89
CA LYS A 23 4.46 -37.21 3.85
C LYS A 23 5.31 -36.37 4.79
N ARG A 24 6.13 -35.49 4.23
CA ARG A 24 7.05 -34.73 5.05
C ARG A 24 6.32 -33.97 6.13
N LEU A 25 5.17 -33.41 5.78
CA LEU A 25 4.36 -32.73 6.78
C LEU A 25 3.85 -33.72 7.80
N ASN A 26 3.41 -34.89 7.34
CA ASN A 26 2.92 -35.87 8.29
C ASN A 26 3.98 -36.21 9.33
N GLN A 27 5.25 -36.05 8.98
CA GLN A 27 6.34 -36.45 9.84
C GLN A 27 6.79 -35.34 10.79
N LEU A 28 5.91 -34.39 11.10
CA LEU A 28 6.26 -33.28 11.97
C LEU A 28 5.56 -33.39 13.30
N SER A 29 5.96 -32.53 14.23
CA SER A 29 5.47 -32.58 15.60
C SER A 29 4.61 -31.35 15.88
N ARG A 30 4.05 -31.33 17.10
CA ARG A 30 3.04 -30.32 17.45
C ARG A 30 3.58 -28.91 17.26
N LYS A 31 4.72 -28.59 17.86
CA LYS A 31 5.25 -27.24 17.70
C LYS A 31 5.70 -27.01 16.27
N GLU A 32 6.39 -27.98 15.67
CA GLU A 32 6.91 -27.80 14.32
C GLU A 32 5.77 -27.60 13.34
N PHE A 33 4.77 -28.47 13.39
CA PHE A 33 3.61 -28.33 12.52
C PHE A 33 2.87 -27.03 12.81
N ASP A 34 2.73 -26.69 14.09
CA ASP A 34 2.00 -25.50 14.48
C ASP A 34 2.63 -24.25 13.87
N LEU A 35 3.95 -24.14 13.93
CA LEU A 35 4.58 -22.98 13.31
C LEU A 35 4.54 -23.09 11.80
N TYR A 36 4.81 -24.28 11.25
CA TYR A 36 4.95 -24.42 9.81
C TYR A 36 3.66 -24.10 9.09
N LYS A 37 2.53 -24.29 9.74
CA LYS A 37 1.29 -23.95 9.05
C LYS A 37 1.08 -22.46 8.88
N LYS A 38 1.95 -21.62 9.44
CA LYS A 38 1.75 -20.18 9.42
C LYS A 38 2.97 -19.43 8.91
N SER A 39 3.73 -20.01 8.00
CA SER A 39 4.95 -19.40 7.49
C SER A 39 4.61 -18.51 6.30
N GLY A 40 4.77 -17.20 6.47
CA GLY A 40 4.68 -16.29 5.35
C GLY A 40 3.35 -16.31 4.63
N ILE A 41 2.26 -16.40 5.37
CA ILE A 41 0.94 -16.36 4.75
C ILE A 41 0.21 -15.15 5.27
N THR A 42 -0.68 -14.64 4.44
CA THR A 42 -1.60 -13.60 4.88
C THR A 42 -2.68 -14.23 5.75
N GLU A 43 -3.03 -13.54 6.82
CA GLU A 43 -4.10 -13.99 7.68
C GLU A 43 -4.92 -12.77 8.10
N VAL A 44 -6.21 -12.92 8.09
CA VAL A 44 -7.10 -11.81 8.40
C VAL A 44 -7.36 -11.79 9.89
N ASP A 45 -7.45 -10.60 10.45
CA ASP A 45 -7.74 -10.44 11.86
C ASP A 45 -9.18 -10.81 12.11
N ARG A 46 -9.42 -11.92 12.81
CA ARG A 46 -10.77 -12.37 13.10
C ARG A 46 -11.13 -12.16 14.58
N THR A 47 -10.31 -11.44 15.32
CA THR A 47 -10.62 -11.21 16.73
C THR A 47 -11.94 -10.47 16.87
N GLU A 48 -11.97 -9.22 16.39
CA GLU A 48 -13.16 -8.40 16.54
C GLU A 48 -14.40 -9.11 16.06
N ALA A 49 -14.30 -9.81 14.94
CA ALA A 49 -15.45 -10.55 14.44
C ALA A 49 -15.87 -11.62 15.43
N LYS A 50 -14.89 -12.33 16.00
CA LYS A 50 -15.24 -13.34 16.99
C LYS A 50 -15.96 -12.70 18.16
N GLU A 51 -15.49 -11.53 18.60
CA GLU A 51 -16.12 -10.84 19.70
C GLU A 51 -17.56 -10.46 19.36
N GLY A 52 -17.75 -9.85 18.19
CA GLY A 52 -19.07 -9.41 17.83
C GLY A 52 -20.05 -10.54 17.67
N LEU A 53 -19.57 -11.67 17.13
CA LEU A 53 -20.47 -12.79 16.92
C LEU A 53 -20.79 -13.48 18.24
N LYS A 54 -19.79 -13.65 19.11
CA LYS A 54 -20.05 -14.17 20.43
C LYS A 54 -21.05 -13.28 21.16
N ARG A 55 -20.92 -11.97 20.99
CA ARG A 55 -21.88 -11.05 21.59
C ARG A 55 -23.28 -11.29 21.05
N GLY A 56 -23.40 -11.45 19.74
CA GLY A 56 -24.70 -11.65 19.13
C GLY A 56 -25.07 -10.58 18.14
N GLU A 57 -24.08 -9.93 17.54
CA GLU A 57 -24.35 -8.91 16.54
C GLU A 57 -24.92 -9.54 15.29
N ILE A 58 -25.53 -8.70 14.45
CA ILE A 58 -26.18 -9.20 13.24
C ILE A 58 -25.62 -8.55 11.98
N THR A 59 -24.77 -7.54 12.08
CA THR A 59 -24.35 -6.78 10.92
C THR A 59 -22.85 -6.55 10.95
N HIS A 60 -22.30 -6.20 9.79
CA HIS A 60 -20.92 -5.79 9.63
C HIS A 60 -19.91 -6.88 9.90
N HIS A 61 -20.27 -8.15 9.78
CA HIS A 61 -19.32 -9.16 10.22
C HIS A 61 -19.34 -10.39 9.34
N ALA A 62 -18.16 -10.77 8.86
CA ALA A 62 -18.02 -12.01 8.14
C ALA A 62 -18.19 -13.16 9.08
N VAL A 63 -19.09 -14.08 8.74
CA VAL A 63 -19.39 -15.20 9.63
C VAL A 63 -18.13 -16.00 9.89
N SER A 64 -17.31 -16.18 8.88
CA SER A 64 -16.15 -17.04 8.97
C SER A 64 -14.99 -16.33 8.29
N ARG A 65 -13.95 -17.08 7.99
CA ARG A 65 -12.88 -16.58 7.17
C ARG A 65 -13.13 -16.85 5.70
N GLY A 66 -14.27 -17.44 5.36
CA GLY A 66 -14.56 -17.69 3.97
C GLY A 66 -14.70 -16.40 3.18
N SER A 67 -15.20 -15.35 3.82
CA SER A 67 -15.52 -14.14 3.07
C SER A 67 -14.27 -13.54 2.46
N ALA A 68 -13.23 -13.35 3.25
CA ALA A 68 -12.02 -12.80 2.67
C ALA A 68 -11.48 -13.70 1.59
N LYS A 69 -11.58 -15.01 1.82
CA LYS A 69 -11.03 -15.96 0.86
C LYS A 69 -11.70 -15.81 -0.49
N LEU A 70 -13.02 -15.69 -0.50
CA LEU A 70 -13.69 -15.52 -1.77
C LEU A 70 -13.45 -14.13 -2.32
N GLN A 71 -13.28 -13.15 -1.44
CA GLN A 71 -13.02 -11.80 -1.91
C GLN A 71 -11.75 -11.77 -2.72
N TRP A 72 -10.74 -12.52 -2.30
CA TRP A 72 -9.49 -12.49 -3.02
C TRP A 72 -9.67 -12.90 -4.47
N PHE A 73 -10.54 -13.87 -4.73
CA PHE A 73 -10.83 -14.22 -6.11
C PHE A 73 -11.65 -13.15 -6.79
N VAL A 74 -12.75 -12.76 -6.16
CA VAL A 74 -13.69 -11.89 -6.84
C VAL A 74 -13.00 -10.60 -7.25
N GLU A 75 -12.14 -10.09 -6.37
CA GLU A 75 -11.49 -8.82 -6.61
C GLU A 75 -10.73 -8.83 -7.91
N ARG A 76 -9.94 -9.86 -8.12
CA ARG A 76 -9.12 -9.95 -9.33
C ARG A 76 -9.92 -10.40 -10.53
N ASN A 77 -11.24 -10.47 -10.40
CA ASN A 77 -12.15 -10.84 -11.48
C ASN A 77 -11.89 -12.23 -12.02
N MET A 78 -11.08 -13.03 -11.33
CA MET A 78 -10.84 -14.38 -11.77
C MET A 78 -12.13 -15.16 -11.88
N VAL A 79 -13.13 -14.78 -11.10
CA VAL A 79 -14.47 -15.34 -11.23
C VAL A 79 -15.45 -14.27 -10.84
N ILE A 80 -16.52 -14.14 -11.61
CA ILE A 80 -17.39 -12.98 -11.46
C ILE A 80 -18.82 -13.42 -11.21
N PRO A 81 -19.32 -13.27 -10.00
CA PRO A 81 -20.70 -13.64 -9.71
C PRO A 81 -21.65 -12.86 -10.58
N GLU A 82 -22.76 -13.50 -10.94
CA GLU A 82 -23.75 -12.85 -11.79
C GLU A 82 -25.06 -13.60 -11.69
N GLY A 83 -26.15 -12.85 -11.76
CA GLY A 83 -27.45 -13.48 -11.80
C GLY A 83 -27.70 -14.34 -10.58
N ARG A 84 -28.16 -15.56 -10.82
CA ARG A 84 -28.41 -16.50 -9.74
C ARG A 84 -27.10 -17.18 -9.36
N VAL A 85 -26.84 -17.26 -8.06
CA VAL A 85 -25.63 -17.87 -7.55
C VAL A 85 -26.03 -19.02 -6.64
N ILE A 86 -25.49 -20.21 -6.91
CA ILE A 86 -25.77 -21.40 -6.14
C ILE A 86 -24.49 -21.82 -5.46
N ASP A 87 -24.54 -21.97 -4.14
CA ASP A 87 -23.39 -22.35 -3.36
C ASP A 87 -23.65 -23.71 -2.74
N LEU A 88 -22.67 -24.59 -2.82
CA LEU A 88 -22.77 -25.94 -2.28
C LEU A 88 -21.80 -26.09 -1.15
N GLY A 89 -22.23 -26.76 -0.10
CA GLY A 89 -21.42 -26.79 1.11
C GLY A 89 -21.32 -25.41 1.69
N CYS A 90 -22.43 -24.68 1.74
CA CYS A 90 -22.38 -23.29 2.16
C CYS A 90 -21.79 -23.15 3.56
N GLY A 91 -21.98 -24.14 4.41
CA GLY A 91 -21.39 -24.04 5.73
C GLY A 91 -22.02 -22.90 6.51
N ARG A 92 -21.21 -22.26 7.36
CA ARG A 92 -21.72 -21.11 8.10
C ARG A 92 -22.20 -20.03 7.15
N GLY A 93 -21.73 -20.03 5.92
CA GLY A 93 -22.26 -19.19 4.87
C GLY A 93 -21.48 -17.95 4.57
N GLY A 94 -20.17 -17.94 4.83
CA GLY A 94 -19.39 -16.75 4.52
C GLY A 94 -19.46 -16.39 3.05
N TRP A 95 -19.32 -17.39 2.19
CA TRP A 95 -19.30 -17.11 0.76
C TRP A 95 -20.62 -16.55 0.29
N SER A 96 -21.72 -17.13 0.74
CA SER A 96 -23.01 -16.65 0.28
C SER A 96 -23.20 -15.20 0.67
N TYR A 97 -22.98 -14.87 1.93
CA TYR A 97 -23.20 -13.51 2.37
C TYR A 97 -22.28 -12.55 1.64
N TYR A 98 -21.02 -12.91 1.46
CA TYR A 98 -20.16 -12.01 0.72
C TYR A 98 -20.70 -11.79 -0.67
N CYS A 99 -21.19 -12.85 -1.30
CA CYS A 99 -21.67 -12.71 -2.66
C CYS A 99 -22.91 -11.85 -2.73
N ALA A 100 -23.74 -11.88 -1.69
CA ALA A 100 -25.00 -11.17 -1.76
C ALA A 100 -24.81 -9.70 -2.05
N GLY A 101 -23.70 -9.13 -1.61
CA GLY A 101 -23.54 -7.70 -1.73
C GLY A 101 -22.80 -7.31 -2.99
N LEU A 102 -23.11 -7.94 -4.11
CA LEU A 102 -22.43 -7.64 -5.35
C LEU A 102 -23.42 -7.14 -6.39
N LYS A 103 -22.88 -6.47 -7.41
CA LYS A 103 -23.73 -5.75 -8.34
C LYS A 103 -24.69 -6.69 -9.05
N LYS A 104 -24.15 -7.61 -9.84
CA LYS A 104 -24.98 -8.40 -10.71
C LYS A 104 -25.82 -9.43 -9.96
N VAL A 105 -25.40 -9.83 -8.78
CA VAL A 105 -26.06 -10.92 -8.07
C VAL A 105 -27.53 -10.61 -7.84
N THR A 106 -28.36 -11.62 -7.96
CA THR A 106 -29.78 -11.41 -7.76
C THR A 106 -30.41 -12.36 -6.75
N GLU A 107 -29.98 -13.62 -6.71
CA GLU A 107 -30.58 -14.59 -5.81
C GLU A 107 -29.52 -15.60 -5.39
N VAL A 108 -29.40 -15.83 -4.09
CA VAL A 108 -28.37 -16.72 -3.55
C VAL A 108 -29.04 -17.83 -2.77
N ARG A 109 -28.69 -19.07 -3.09
CA ARG A 109 -29.16 -20.24 -2.37
C ARG A 109 -27.97 -21.10 -2.00
N GLY A 110 -27.85 -21.40 -0.72
CA GLY A 110 -26.71 -22.14 -0.20
C GLY A 110 -27.16 -23.45 0.43
N TYR A 111 -26.39 -24.51 0.20
CA TYR A 111 -26.74 -25.84 0.66
C TYR A 111 -25.64 -26.41 1.53
N THR A 112 -26.05 -27.25 2.48
CA THR A 112 -25.13 -28.06 3.26
C THR A 112 -25.91 -29.18 3.92
N LYS A 113 -25.23 -30.31 4.14
CA LYS A 113 -25.88 -31.43 4.82
C LYS A 113 -26.25 -31.06 6.24
N GLY A 114 -25.49 -30.17 6.86
CA GLY A 114 -25.77 -29.78 8.23
C GLY A 114 -25.61 -30.92 9.20
N GLY A 115 -25.84 -30.66 10.48
CA GLY A 115 -25.86 -31.71 11.45
C GLY A 115 -24.58 -31.82 12.26
N PRO A 116 -24.42 -32.95 12.94
CA PRO A 116 -23.33 -33.08 13.91
C PRO A 116 -21.98 -32.97 13.23
N GLY A 117 -21.05 -32.30 13.91
CA GLY A 117 -19.70 -32.14 13.41
C GLY A 117 -19.64 -31.26 12.18
N HIS A 118 -20.79 -30.71 11.80
CA HIS A 118 -20.93 -29.90 10.61
C HIS A 118 -21.44 -28.51 10.99
N GLU A 119 -21.01 -27.51 10.23
CA GLU A 119 -21.42 -26.16 10.53
C GLU A 119 -22.91 -25.99 10.25
N GLU A 120 -23.45 -24.88 10.73
CA GLU A 120 -24.81 -24.53 10.40
C GLU A 120 -24.85 -23.08 9.95
N PRO A 121 -25.79 -22.73 9.09
CA PRO A 121 -25.93 -21.32 8.70
C PRO A 121 -26.19 -20.47 9.92
N VAL A 122 -25.58 -19.30 9.95
CA VAL A 122 -25.77 -18.38 11.06
C VAL A 122 -26.55 -17.19 10.52
N PRO A 123 -27.85 -17.12 10.78
CA PRO A 123 -28.65 -16.04 10.22
C PRO A 123 -28.12 -14.69 10.67
N MET A 124 -27.93 -13.80 9.71
CA MET A 124 -27.43 -12.47 9.97
C MET A 124 -28.21 -11.50 9.11
N SER A 125 -27.89 -10.23 9.23
CA SER A 125 -28.56 -9.22 8.45
C SER A 125 -27.58 -8.22 7.91
N THR A 126 -26.47 -8.72 7.39
CA THR A 126 -25.60 -7.84 6.63
C THR A 126 -26.23 -7.52 5.29
N TYR A 127 -25.64 -6.56 4.60
CA TYR A 127 -26.22 -6.03 3.38
C TYR A 127 -26.53 -7.16 2.42
N GLY A 128 -27.73 -7.14 1.86
CA GLY A 128 -28.11 -8.19 0.95
C GLY A 128 -28.61 -9.46 1.59
N TRP A 129 -28.87 -9.45 2.90
CA TRP A 129 -29.35 -10.66 3.53
C TRP A 129 -30.74 -11.05 3.04
N ASN A 130 -31.56 -10.07 2.68
CA ASN A 130 -32.93 -10.34 2.33
C ASN A 130 -33.06 -11.29 1.14
N ILE A 131 -32.00 -11.48 0.36
CA ILE A 131 -32.10 -12.30 -0.82
C ILE A 131 -31.29 -13.58 -0.70
N VAL A 132 -31.02 -14.02 0.52
CA VAL A 132 -30.20 -15.19 0.77
C VAL A 132 -31.04 -16.27 1.41
N LYS A 133 -31.05 -17.46 0.80
CA LYS A 133 -31.77 -18.61 1.32
C LYS A 133 -30.77 -19.71 1.61
N LEU A 134 -30.55 -19.99 2.88
CA LEU A 134 -29.61 -21.01 3.31
C LEU A 134 -30.38 -22.21 3.81
N MET A 135 -29.94 -23.40 3.42
CA MET A 135 -30.71 -24.61 3.64
C MET A 135 -29.81 -25.66 4.26
N SER A 136 -30.09 -26.00 5.52
CA SER A 136 -29.40 -27.10 6.17
C SER A 136 -30.07 -28.43 5.79
N GLY A 137 -29.55 -29.50 6.36
CA GLY A 137 -30.20 -30.79 6.27
C GLY A 137 -30.32 -31.32 4.86
N LYS A 138 -29.59 -30.75 3.92
CA LYS A 138 -29.63 -31.23 2.54
C LYS A 138 -28.21 -31.52 2.09
N ASP A 139 -27.91 -32.78 1.88
CA ASP A 139 -26.61 -33.15 1.34
C ASP A 139 -26.57 -32.86 -0.15
N VAL A 140 -25.46 -32.26 -0.58
CA VAL A 140 -25.34 -31.84 -1.96
C VAL A 140 -25.21 -33.04 -2.88
N PHE A 141 -24.67 -34.15 -2.38
CA PHE A 141 -24.39 -35.27 -3.27
C PHE A 141 -25.66 -35.78 -3.93
N TYR A 142 -26.76 -35.78 -3.20
CA TYR A 142 -28.03 -36.22 -3.77
C TYR A 142 -28.85 -34.99 -4.10
N LEU A 143 -28.49 -34.35 -5.21
CA LEU A 143 -29.20 -33.15 -5.62
C LEU A 143 -29.52 -33.20 -7.10
N PRO A 144 -30.66 -32.63 -7.49
CA PRO A 144 -31.03 -32.56 -8.90
C PRO A 144 -30.45 -31.32 -9.57
N PRO A 145 -29.26 -31.40 -10.16
CA PRO A 145 -28.57 -30.19 -10.64
C PRO A 145 -29.44 -29.16 -11.33
N GLU A 146 -29.50 -27.97 -10.76
CA GLU A 146 -30.33 -26.86 -11.24
C GLU A 146 -29.53 -25.87 -12.06
N LYS A 147 -30.25 -25.05 -12.84
CA LYS A 147 -29.62 -24.12 -13.76
C LYS A 147 -29.00 -22.97 -12.98
N CYS A 148 -27.67 -22.86 -13.03
CA CYS A 148 -26.92 -21.94 -12.20
C CYS A 148 -26.20 -20.94 -13.08
N ASP A 149 -26.30 -19.66 -12.73
CA ASP A 149 -25.52 -18.66 -13.42
C ASP A 149 -24.13 -18.56 -12.86
N THR A 150 -23.99 -18.73 -11.56
CA THR A 150 -22.69 -18.73 -10.93
C THR A 150 -22.69 -19.81 -9.87
N LEU A 151 -21.59 -20.53 -9.77
CA LEU A 151 -21.51 -21.66 -8.87
C LEU A 151 -20.33 -21.52 -7.93
N LEU A 152 -20.56 -21.82 -6.66
CA LEU A 152 -19.52 -21.80 -5.66
C LEU A 152 -19.53 -23.13 -4.91
N CYS A 153 -18.36 -23.71 -4.73
CA CYS A 153 -18.25 -24.96 -3.99
C CYS A 153 -16.98 -24.93 -3.17
N ASP A 154 -17.10 -25.29 -1.90
CA ASP A 154 -16.00 -25.22 -0.98
C ASP A 154 -15.97 -26.47 -0.12
N ILE A 155 -16.14 -27.61 -0.76
CA ILE A 155 -16.30 -28.87 -0.06
C ILE A 155 -14.96 -29.58 -0.05
N GLY A 156 -14.51 -29.97 1.13
CA GLY A 156 -13.26 -30.68 1.23
C GLY A 156 -12.98 -31.21 2.62
N GLU A 157 -12.59 -32.48 2.71
CA GLU A 157 -12.36 -33.14 3.99
C GLU A 157 -10.95 -33.71 3.98
N SER A 158 -10.03 -33.01 4.63
CA SER A 158 -8.64 -33.42 4.60
C SER A 158 -8.40 -34.60 5.54
N SER A 159 -7.46 -35.47 5.15
CA SER A 159 -7.02 -36.58 5.96
C SER A 159 -5.52 -36.77 5.80
N PRO A 160 -4.85 -37.30 6.82
CA PRO A 160 -3.44 -37.70 6.63
C PRO A 160 -3.25 -38.67 5.48
N SER A 161 -4.25 -39.49 5.17
CA SER A 161 -4.11 -40.35 4.01
C SER A 161 -4.35 -39.57 2.73
N PRO A 162 -3.34 -39.43 1.88
CA PRO A 162 -3.56 -38.76 0.59
C PRO A 162 -4.55 -39.48 -0.30
N THR A 163 -4.59 -40.81 -0.24
CA THR A 163 -5.52 -41.54 -1.10
C THR A 163 -6.95 -41.18 -0.78
N VAL A 164 -7.25 -41.04 0.50
CA VAL A 164 -8.61 -40.72 0.92
C VAL A 164 -9.01 -39.36 0.36
N GLU A 165 -8.12 -38.38 0.48
CA GLU A 165 -8.41 -37.06 -0.05
C GLU A 165 -8.58 -37.12 -1.56
N GLU A 166 -7.75 -37.91 -2.24
CA GLU A 166 -7.88 -38.03 -3.67
C GLU A 166 -9.25 -38.58 -4.04
N SER A 167 -9.67 -39.63 -3.36
CA SER A 167 -10.96 -40.23 -3.68
C SER A 167 -12.09 -39.25 -3.41
N ARG A 168 -12.02 -38.56 -2.28
CA ARG A 168 -13.05 -37.58 -1.97
C ARG A 168 -13.09 -36.51 -3.05
N THR A 169 -11.93 -36.06 -3.48
CA THR A 169 -11.85 -35.08 -4.54
C THR A 169 -12.52 -35.59 -5.81
N ILE A 170 -12.25 -36.86 -6.13
CA ILE A 170 -12.83 -37.44 -7.34
C ILE A 170 -14.33 -37.46 -7.26
N ARG A 171 -14.86 -37.87 -6.11
CA ARG A 171 -16.29 -37.87 -5.93
C ARG A 171 -16.85 -36.47 -6.07
N VAL A 172 -16.12 -35.49 -5.56
CA VAL A 172 -16.57 -34.10 -5.65
C VAL A 172 -16.68 -33.69 -7.10
N LEU A 173 -15.62 -33.94 -7.87
CA LEU A 173 -15.64 -33.53 -9.27
C LEU A 173 -16.77 -34.21 -10.02
N LYS A 174 -16.99 -35.49 -9.73
CA LYS A 174 -18.11 -36.18 -10.33
C LYS A 174 -19.42 -35.49 -9.98
N MET A 175 -19.58 -35.13 -8.72
CA MET A 175 -20.84 -34.51 -8.28
C MET A 175 -21.05 -33.18 -8.98
N VAL A 176 -19.97 -32.43 -9.19
CA VAL A 176 -20.11 -31.04 -9.62
C VAL A 176 -19.97 -30.88 -11.13
N GLU A 177 -19.71 -31.96 -11.86
CA GLU A 177 -19.73 -31.84 -13.32
C GLU A 177 -21.07 -31.38 -13.88
N PRO A 178 -22.22 -31.99 -13.55
CA PRO A 178 -23.44 -31.67 -14.28
C PRO A 178 -23.98 -30.28 -14.03
N TRP A 179 -23.29 -29.47 -13.25
CA TRP A 179 -23.75 -28.12 -12.97
C TRP A 179 -23.15 -27.08 -13.90
N LEU A 180 -21.97 -27.36 -14.44
CA LEU A 180 -21.29 -26.38 -15.29
C LEU A 180 -21.96 -26.35 -16.66
N LYS A 181 -22.85 -25.39 -16.86
CA LYS A 181 -23.45 -25.14 -18.16
C LYS A 181 -23.13 -23.70 -18.56
N ASN A 182 -21.92 -23.51 -19.09
CA ASN A 182 -21.45 -22.21 -19.56
C ASN A 182 -21.74 -21.10 -18.53
N ASN A 183 -21.10 -21.21 -17.37
CA ASN A 183 -21.37 -20.28 -16.30
C ASN A 183 -20.12 -20.09 -15.46
N GLN A 184 -20.07 -18.94 -14.78
CA GLN A 184 -18.95 -18.62 -13.90
C GLN A 184 -18.95 -19.54 -12.70
N PHE A 185 -17.77 -20.02 -12.32
CA PHE A 185 -17.70 -21.02 -11.29
C PHE A 185 -16.40 -20.90 -10.51
N CYS A 186 -16.47 -21.33 -9.26
CA CYS A 186 -15.28 -21.55 -8.43
C CYS A 186 -15.52 -22.79 -7.61
N ILE A 187 -14.66 -23.78 -7.78
CA ILE A 187 -14.77 -25.05 -7.08
C ILE A 187 -13.49 -25.29 -6.32
N LYS A 188 -13.62 -25.64 -5.04
CA LYS A 188 -12.46 -26.03 -4.27
C LYS A 188 -11.93 -27.35 -4.79
N VAL A 189 -10.62 -27.47 -4.86
CA VAL A 189 -9.95 -28.73 -5.11
C VAL A 189 -8.98 -28.94 -3.97
N LEU A 190 -9.22 -29.98 -3.19
CA LEU A 190 -8.43 -30.18 -1.97
C LEU A 190 -7.08 -30.77 -2.30
N ASN A 191 -7.09 -31.93 -2.93
CA ASN A 191 -5.85 -32.62 -3.26
C ASN A 191 -5.65 -32.54 -4.76
N PRO A 192 -4.83 -31.63 -5.24
CA PRO A 192 -4.66 -31.48 -6.67
C PRO A 192 -3.48 -32.26 -7.20
N TYR A 193 -2.65 -32.80 -6.30
CA TYR A 193 -1.42 -33.46 -6.69
C TYR A 193 -1.57 -34.97 -6.79
N MET A 194 -2.76 -35.46 -7.04
CA MET A 194 -2.90 -36.86 -7.32
C MET A 194 -3.15 -37.04 -8.81
N PRO A 195 -2.45 -37.95 -9.43
CA PRO A 195 -2.52 -38.11 -10.89
C PRO A 195 -3.92 -38.20 -11.47
N THR A 196 -4.72 -39.13 -10.98
CA THR A 196 -6.08 -39.26 -11.49
C THR A 196 -6.83 -37.95 -11.36
N VAL A 197 -6.61 -37.26 -10.25
CA VAL A 197 -7.21 -35.94 -10.07
C VAL A 197 -6.75 -35.02 -11.18
N ILE A 198 -5.45 -35.03 -11.46
CA ILE A 198 -4.92 -34.13 -12.47
C ILE A 198 -5.57 -34.40 -13.81
N GLU A 199 -5.70 -35.68 -14.14
CA GLU A 199 -6.29 -36.05 -15.42
C GLU A 199 -7.75 -35.63 -15.51
N HIS A 200 -8.51 -35.88 -14.45
CA HIS A 200 -9.90 -35.49 -14.47
C HIS A 200 -10.04 -33.99 -14.62
N LEU A 201 -9.21 -33.24 -13.89
CA LEU A 201 -9.22 -31.80 -14.04
C LEU A 201 -8.94 -31.40 -15.47
N GLU A 202 -7.97 -32.05 -16.11
CA GLU A 202 -7.62 -31.68 -17.47
C GLU A 202 -8.78 -31.96 -18.42
N ARG A 203 -9.44 -33.09 -18.25
CA ARG A 203 -10.60 -33.40 -19.08
C ARG A 203 -11.69 -32.37 -18.88
N LEU A 204 -11.94 -31.99 -17.63
CA LEU A 204 -12.96 -31.00 -17.35
C LEU A 204 -12.56 -29.64 -17.93
N GLN A 205 -11.28 -29.30 -17.86
CA GLN A 205 -10.80 -28.04 -18.42
C GLN A 205 -11.05 -28.00 -19.91
N ARG A 206 -10.73 -29.09 -20.60
CA ARG A 206 -11.03 -29.15 -22.02
C ARG A 206 -12.52 -29.02 -22.25
N LYS A 207 -13.32 -29.61 -21.38
CA LYS A 207 -14.76 -29.52 -21.55
C LYS A 207 -15.28 -28.12 -21.31
N HIS A 208 -14.63 -27.36 -20.42
CA HIS A 208 -15.20 -26.09 -19.99
C HIS A 208 -14.22 -24.93 -20.03
N GLY A 209 -12.95 -25.19 -19.78
CA GLY A 209 -12.01 -24.11 -19.63
C GLY A 209 -11.87 -23.68 -18.19
N GLY A 210 -11.17 -22.58 -18.00
CA GLY A 210 -10.85 -22.10 -16.67
C GLY A 210 -9.54 -22.69 -16.16
N MET A 211 -9.00 -22.05 -15.14
CA MET A 211 -7.67 -22.39 -14.67
C MET A 211 -7.73 -22.87 -13.23
N LEU A 212 -6.54 -23.11 -12.65
CA LEU A 212 -6.40 -23.57 -11.28
C LEU A 212 -5.45 -22.65 -10.56
N VAL A 213 -5.84 -22.17 -9.39
CA VAL A 213 -5.17 -21.07 -8.73
C VAL A 213 -5.01 -21.39 -7.25
N ARG A 214 -3.99 -20.82 -6.64
CA ARG A 214 -3.82 -20.93 -5.20
C ARG A 214 -4.11 -19.60 -4.55
N ASN A 215 -4.82 -19.65 -3.44
CA ASN A 215 -5.20 -18.46 -2.70
C ASN A 215 -4.23 -18.25 -1.56
N PRO A 216 -3.56 -17.12 -1.46
CA PRO A 216 -2.55 -16.93 -0.42
C PRO A 216 -3.10 -17.02 0.98
N LEU A 217 -4.40 -16.89 1.16
CA LEU A 217 -4.94 -16.98 2.51
C LEU A 217 -4.82 -18.39 3.06
N SER A 218 -5.00 -19.39 2.21
CA SER A 218 -5.02 -20.77 2.69
C SER A 218 -3.70 -21.11 3.36
N ARG A 219 -3.80 -21.73 4.54
CA ARG A 219 -2.64 -21.96 5.39
C ARG A 219 -1.67 -22.93 4.71
N ASN A 220 -0.46 -22.97 5.24
CA ASN A 220 0.56 -23.89 4.73
C ASN A 220 0.18 -25.34 4.94
N SER A 221 -0.66 -25.62 5.92
CA SER A 221 -0.91 -27.00 6.27
C SER A 221 -1.62 -27.77 5.18
N THR A 222 -2.15 -27.10 4.16
CA THR A 222 -2.84 -27.83 3.11
C THR A 222 -2.31 -27.38 1.76
N HIS A 223 -2.66 -28.15 0.74
CA HIS A 223 -2.24 -27.88 -0.63
C HIS A 223 -3.44 -27.67 -1.54
N GLU A 224 -4.51 -27.10 -0.99
CA GLU A 224 -5.70 -26.88 -1.77
C GLU A 224 -5.49 -25.81 -2.82
N MET A 225 -6.22 -25.92 -3.92
CA MET A 225 -6.29 -24.89 -4.94
C MET A 225 -7.75 -24.75 -5.36
N TYR A 226 -8.00 -23.89 -6.33
CA TYR A 226 -9.37 -23.68 -6.76
C TYR A 226 -9.43 -23.60 -8.26
N TRP A 227 -10.41 -24.28 -8.83
CA TRP A 227 -10.63 -24.26 -10.26
C TRP A 227 -11.68 -23.18 -10.54
N ILE A 228 -11.35 -22.26 -11.44
CA ILE A 228 -12.14 -21.06 -11.65
C ILE A 228 -12.39 -20.83 -13.12
N SER A 229 -13.48 -20.12 -13.40
CA SER A 229 -13.98 -20.00 -14.76
C SER A 229 -13.09 -19.14 -15.63
N ASN A 230 -12.69 -17.98 -15.13
CA ASN A 230 -12.02 -16.98 -15.96
C ASN A 230 -10.51 -17.08 -15.73
N GLY A 231 -9.86 -17.86 -16.57
CA GLY A 231 -8.42 -18.00 -16.48
C GLY A 231 -7.88 -19.15 -17.29
N THR A 232 -6.60 -19.11 -17.63
CA THR A 232 -5.96 -20.18 -18.37
C THR A 232 -4.67 -20.57 -17.69
N GLY A 233 -3.88 -21.44 -18.33
CA GLY A 233 -2.58 -21.80 -17.82
C GLY A 233 -2.38 -23.31 -17.87
N ASN A 234 -1.32 -23.75 -17.20
CA ASN A 234 -0.96 -25.17 -17.14
C ASN A 234 -1.18 -25.67 -15.73
N ILE A 235 -2.02 -26.68 -15.58
CA ILE A 235 -2.33 -27.18 -14.25
C ILE A 235 -1.08 -27.73 -13.60
N VAL A 236 -0.35 -28.60 -14.31
CA VAL A 236 0.69 -29.39 -13.70
C VAL A 236 1.80 -28.50 -13.18
N SER A 237 2.24 -27.56 -14.00
CA SER A 237 3.33 -26.70 -13.59
C SER A 237 2.94 -25.88 -12.38
N SER A 238 1.70 -25.40 -12.36
CA SER A 238 1.27 -24.61 -11.22
C SER A 238 1.30 -25.45 -9.95
N VAL A 239 0.82 -26.70 -10.05
CA VAL A 239 0.85 -27.57 -8.89
C VAL A 239 2.27 -27.76 -8.41
N ASN A 240 3.18 -28.01 -9.35
CA ASN A 240 4.57 -28.17 -8.99
C ASN A 240 5.09 -26.93 -8.30
N MET A 241 4.69 -25.75 -8.78
CA MET A 241 5.15 -24.52 -8.17
C MET A 241 4.67 -24.44 -6.73
N VAL A 242 3.41 -24.81 -6.51
CA VAL A 242 2.88 -24.78 -5.15
C VAL A 242 3.69 -25.69 -4.26
N SER A 243 3.95 -26.90 -4.74
CA SER A 243 4.67 -27.88 -3.94
C SER A 243 6.07 -27.39 -3.63
N ARG A 244 6.71 -26.79 -4.63
CA ARG A 244 8.05 -26.28 -4.40
C ARG A 244 8.03 -25.18 -3.37
N LEU A 245 7.02 -24.33 -3.43
CA LEU A 245 6.89 -23.28 -2.44
C LEU A 245 6.81 -23.89 -1.05
N LEU A 246 5.90 -24.84 -0.88
CA LEU A 246 5.72 -25.43 0.44
C LEU A 246 7.02 -26.04 0.93
N LEU A 247 7.72 -26.76 0.06
CA LEU A 247 8.98 -27.36 0.46
C LEU A 247 9.95 -26.29 0.91
N ASN A 248 10.09 -25.23 0.11
CA ASN A 248 10.97 -24.14 0.48
C ASN A 248 10.55 -23.49 1.78
N ARG A 249 9.30 -23.67 2.17
CA ARG A 249 8.76 -22.99 3.32
C ARG A 249 8.73 -23.86 4.57
N PHE A 250 9.37 -25.03 4.54
CA PHE A 250 9.30 -25.90 5.71
C PHE A 250 9.91 -25.22 6.93
N THR A 251 11.11 -24.67 6.78
CA THR A 251 11.68 -23.84 7.83
C THR A 251 11.87 -22.41 7.35
N MET A 252 12.63 -22.21 6.28
CA MET A 252 12.81 -20.92 5.64
C MET A 252 13.01 -19.79 6.65
N THR A 253 13.71 -20.07 7.75
CA THR A 253 13.90 -19.14 8.87
C THR A 253 12.58 -18.44 9.17
N TYR A 254 11.61 -19.20 9.66
CA TYR A 254 10.18 -18.88 9.66
C TYR A 254 9.87 -17.39 9.76
N ARG A 255 9.00 -16.91 8.89
CA ARG A 255 8.56 -15.53 8.90
C ARG A 255 7.18 -15.45 9.53
N ARG A 256 6.96 -14.40 10.32
CA ARG A 256 5.65 -14.19 10.91
C ARG A 256 4.62 -13.95 9.82
N PRO A 257 3.37 -14.28 10.06
CA PRO A 257 2.36 -14.13 9.02
C PRO A 257 1.89 -12.69 8.93
N THR A 258 1.76 -12.22 7.70
CA THR A 258 1.25 -10.87 7.47
C THR A 258 -0.24 -10.82 7.75
N ILE A 259 -0.68 -9.71 8.30
CA ILE A 259 -2.06 -9.52 8.68
C ILE A 259 -2.73 -8.66 7.63
N GLU A 260 -4.05 -8.80 7.53
CA GLU A 260 -4.85 -7.89 6.73
C GLU A 260 -6.13 -7.57 7.48
N LYS A 261 -6.80 -6.52 7.04
CA LYS A 261 -8.03 -6.12 7.67
C LYS A 261 -9.18 -6.96 7.15
N ASP A 262 -10.07 -7.35 8.05
CA ASP A 262 -11.17 -8.22 7.70
C ASP A 262 -12.14 -7.49 6.76
N VAL A 263 -13.12 -8.22 6.30
CA VAL A 263 -14.10 -7.67 5.38
C VAL A 263 -15.29 -7.12 6.15
N ASP A 264 -15.99 -6.16 5.57
CA ASP A 264 -17.24 -5.65 6.10
C ASP A 264 -18.37 -5.93 5.11
N LEU A 265 -19.58 -5.98 5.63
CA LEU A 265 -20.71 -6.28 4.78
C LEU A 265 -21.88 -5.36 5.07
N GLY A 266 -21.58 -4.15 5.54
CA GLY A 266 -22.62 -3.15 5.71
C GLY A 266 -23.67 -3.66 6.66
N ALA A 267 -24.92 -3.51 6.24
CA ALA A 267 -26.06 -3.93 7.05
C ALA A 267 -27.31 -3.80 6.18
N GLY A 268 -28.46 -4.02 6.80
CA GLY A 268 -29.71 -3.68 6.19
C GLY A 268 -30.09 -4.53 4.99
N THR A 269 -31.36 -4.47 4.60
CA THR A 269 -31.81 -5.18 3.43
C THR A 269 -31.33 -4.46 2.18
N ARG A 270 -31.25 -5.22 1.09
CA ARG A 270 -30.79 -4.71 -0.19
C ARG A 270 -31.93 -4.74 -1.17
N HIS A 271 -32.26 -3.59 -1.73
CA HIS A 271 -33.31 -3.47 -2.73
C HIS A 271 -32.65 -3.12 -4.05
N VAL A 272 -32.70 -4.04 -5.00
CA VAL A 272 -32.02 -3.78 -6.25
C VAL A 272 -32.71 -2.68 -7.04
N ASN A 273 -34.04 -2.75 -7.12
CA ASN A 273 -34.76 -1.89 -8.04
C ASN A 273 -34.54 -0.42 -7.74
N ALA A 274 -34.26 -0.07 -6.49
CA ALA A 274 -34.06 1.32 -6.12
C ALA A 274 -32.59 1.70 -6.02
N GLU A 275 -31.68 0.81 -6.37
CA GLU A 275 -30.27 1.07 -6.15
C GLU A 275 -29.65 1.98 -7.22
N PRO A 276 -29.71 1.64 -8.50
CA PRO A 276 -28.94 2.39 -9.49
C PRO A 276 -29.45 3.81 -9.61
N GLU A 277 -28.58 4.69 -10.11
CA GLU A 277 -28.83 6.12 -10.12
C GLU A 277 -29.00 6.64 -11.53
N THR A 278 -29.84 7.64 -11.69
CA THR A 278 -30.02 8.31 -12.97
C THR A 278 -29.34 9.67 -12.91
N PRO A 279 -28.25 9.88 -13.64
CA PRO A 279 -27.52 11.14 -13.52
C PRO A 279 -28.06 12.24 -14.41
N ASN A 280 -27.96 13.47 -13.89
CA ASN A 280 -28.37 14.67 -14.62
C ASN A 280 -27.33 14.92 -15.72
N MET A 281 -27.42 14.11 -16.76
CA MET A 281 -26.36 14.10 -17.77
C MET A 281 -26.14 15.48 -18.35
N ASP A 282 -27.16 16.31 -18.39
CA ASP A 282 -26.94 17.66 -18.88
C ASP A 282 -26.01 18.45 -17.98
N VAL A 283 -25.92 18.10 -16.71
CA VAL A 283 -25.16 18.92 -15.77
C VAL A 283 -23.69 18.54 -15.79
N ILE A 284 -23.38 17.26 -15.88
CA ILE A 284 -22.01 16.79 -15.86
C ILE A 284 -21.51 16.38 -17.23
N GLY A 285 -22.34 16.51 -18.25
CA GLY A 285 -21.98 16.00 -19.56
C GLY A 285 -20.70 16.63 -20.07
N GLU A 286 -20.57 17.93 -19.88
CA GLU A 286 -19.39 18.61 -20.40
C GLU A 286 -18.13 18.05 -19.76
N ARG A 287 -18.16 17.84 -18.45
CA ARG A 287 -16.98 17.29 -17.78
C ARG A 287 -16.67 15.90 -18.29
N ILE A 288 -17.70 15.06 -18.37
CA ILE A 288 -17.46 13.70 -18.83
C ILE A 288 -16.89 13.72 -20.23
N ARG A 289 -17.48 14.54 -21.09
CA ARG A 289 -17.03 14.61 -22.47
C ARG A 289 -15.60 15.08 -22.54
N ARG A 290 -15.25 16.08 -21.74
CA ARG A 290 -13.88 16.57 -21.79
C ARG A 290 -12.92 15.48 -21.38
N ILE A 291 -13.27 14.72 -20.36
CA ILE A 291 -12.39 13.64 -19.94
C ILE A 291 -12.24 12.63 -21.05
N LYS A 292 -13.35 12.24 -21.66
CA LYS A 292 -13.29 11.25 -22.72
C LYS A 292 -12.44 11.75 -23.87
N GLU A 293 -12.61 13.01 -24.24
CA GLU A 293 -11.80 13.57 -25.31
C GLU A 293 -10.33 13.56 -24.95
N GLU A 294 -10.00 13.88 -23.71
CA GLU A 294 -8.59 14.02 -23.38
C GLU A 294 -7.83 12.72 -23.56
N HIS A 295 -8.42 11.60 -23.16
CA HIS A 295 -7.85 10.30 -23.49
C HIS A 295 -8.80 9.62 -24.45
N SER A 296 -8.71 10.00 -25.72
CA SER A 296 -9.60 9.45 -26.72
C SER A 296 -9.10 8.13 -27.27
N SER A 297 -7.96 7.67 -26.79
CA SER A 297 -7.43 6.39 -27.21
C SER A 297 -8.05 5.26 -26.39
N THR A 298 -8.04 5.39 -25.07
CA THR A 298 -8.27 4.27 -24.17
C THR A 298 -9.64 4.32 -23.52
N TRP A 299 -10.54 5.12 -24.04
CA TRP A 299 -11.84 5.25 -23.41
C TRP A 299 -12.70 4.01 -23.62
N HIS A 300 -12.36 2.90 -23.00
CA HIS A 300 -13.07 1.65 -23.25
C HIS A 300 -14.11 1.46 -22.17
N TYR A 301 -15.38 1.61 -22.55
CA TYR A 301 -16.44 1.32 -21.61
C TYR A 301 -16.35 -0.12 -21.16
N ASP A 302 -16.25 -0.34 -19.85
CA ASP A 302 -16.07 -1.67 -19.32
C ASP A 302 -17.42 -2.33 -19.05
N ASP A 303 -17.39 -3.57 -18.61
CA ASP A 303 -18.61 -4.22 -18.15
C ASP A 303 -18.38 -5.04 -16.90
N GLU A 304 -17.16 -5.14 -16.41
CA GLU A 304 -16.87 -5.70 -15.10
C GLU A 304 -16.78 -4.62 -14.03
N ASN A 305 -17.40 -3.50 -14.26
CA ASN A 305 -17.34 -2.42 -13.30
C ASN A 305 -18.19 -2.76 -12.10
N PRO A 306 -17.63 -2.89 -10.95
CA PRO A 306 -18.38 -3.19 -9.74
C PRO A 306 -18.85 -1.90 -9.08
N TYR A 307 -19.95 -1.35 -9.56
CA TYR A 307 -20.42 -0.08 -9.01
C TYR A 307 -21.91 -0.18 -8.82
N LYS A 308 -22.31 -0.36 -7.57
CA LYS A 308 -23.72 -0.58 -7.28
C LYS A 308 -24.50 0.73 -7.35
N THR A 309 -24.11 1.71 -6.53
CA THR A 309 -24.91 2.90 -6.42
C THR A 309 -24.33 4.09 -7.15
N TRP A 310 -23.12 3.98 -7.67
CA TRP A 310 -22.54 5.09 -8.40
C TRP A 310 -22.79 4.91 -9.88
N ALA A 311 -23.28 5.96 -10.52
CA ALA A 311 -23.46 5.88 -11.96
C ALA A 311 -22.10 5.82 -12.63
N TYR A 312 -22.05 5.16 -13.79
CA TYR A 312 -20.81 4.86 -14.45
C TYR A 312 -20.73 5.59 -15.78
N HIS A 313 -19.50 5.88 -16.20
CA HIS A 313 -19.32 6.61 -17.44
C HIS A 313 -18.21 6.09 -18.33
N GLY A 314 -17.35 5.21 -17.85
CA GLY A 314 -16.28 4.74 -18.70
C GLY A 314 -14.98 4.66 -17.94
N SER A 315 -13.93 4.29 -18.65
CA SER A 315 -12.62 4.11 -18.04
C SER A 315 -11.55 4.50 -19.05
N TYR A 316 -10.31 4.44 -18.61
CA TYR A 316 -9.21 4.71 -19.50
C TYR A 316 -7.92 4.31 -18.84
N GLU A 317 -6.92 3.97 -19.66
CA GLU A 317 -5.70 3.37 -19.13
C GLU A 317 -5.02 4.29 -18.14
N VAL A 318 -4.36 3.69 -17.16
CA VAL A 318 -3.74 4.41 -16.06
C VAL A 318 -2.56 3.60 -15.55
N LYS A 319 -1.72 4.24 -14.76
CA LYS A 319 -0.55 3.61 -14.16
C LYS A 319 -0.78 3.46 -12.66
N ALA A 320 0.26 3.04 -11.95
CA ALA A 320 0.18 2.88 -10.51
C ALA A 320 -0.17 4.19 -9.81
N SER A 326 4.50 0.58 4.04
CA SER A 326 5.18 1.86 4.07
C SER A 326 6.64 1.71 4.47
N MET A 327 7.41 2.76 4.32
CA MET A 327 8.84 2.69 4.59
C MET A 327 9.13 3.07 6.04
N ILE A 328 10.04 2.33 6.66
CA ILE A 328 10.33 2.45 8.08
C ILE A 328 11.50 3.39 8.24
N ASN A 329 11.30 4.51 8.95
CA ASN A 329 12.38 5.46 9.11
C ASN A 329 13.49 4.83 9.90
N GLY A 330 14.69 4.83 9.33
CA GLY A 330 15.81 4.22 10.00
C GLY A 330 16.18 4.94 11.28
N VAL A 331 16.21 6.26 11.25
CA VAL A 331 16.70 7.00 12.41
C VAL A 331 15.86 6.69 13.63
N VAL A 332 14.55 6.67 13.46
CA VAL A 332 13.70 6.30 14.58
C VAL A 332 13.85 4.82 14.88
N LYS A 333 13.85 3.97 13.86
CA LYS A 333 13.85 2.54 14.11
C LYS A 333 15.06 2.15 14.93
N LEU A 334 16.19 2.79 14.69
CA LEU A 334 17.39 2.48 15.41
C LEU A 334 17.33 2.91 16.86
N LEU A 335 16.40 3.80 17.20
CA LEU A 335 16.38 4.34 18.55
C LEU A 335 15.14 3.94 19.34
N THR A 336 14.28 3.11 18.77
CA THR A 336 13.10 2.65 19.48
C THR A 336 12.99 1.15 19.39
N LYS A 337 14.12 0.49 19.56
CA LYS A 337 14.18 -0.95 19.42
C LYS A 337 13.12 -1.68 20.23
N PRO A 338 12.94 -1.43 21.52
CA PRO A 338 12.09 -2.31 22.33
C PRO A 338 10.71 -2.51 21.79
N TRP A 339 10.28 -1.70 20.83
CA TRP A 339 8.91 -1.79 20.34
C TRP A 339 8.77 -2.69 19.13
N ASP A 340 9.74 -3.56 18.87
CA ASP A 340 9.63 -4.42 17.71
C ASP A 340 8.55 -5.48 17.89
N VAL A 341 8.44 -6.07 19.07
CA VAL A 341 7.47 -7.14 19.25
C VAL A 341 6.05 -6.65 19.38
N VAL A 342 5.84 -5.35 19.54
CA VAL A 342 4.53 -4.82 19.85
C VAL A 342 3.62 -4.98 18.65
N PRO A 343 2.53 -5.72 18.77
CA PRO A 343 1.73 -6.03 17.59
C PRO A 343 1.19 -4.81 16.91
N THR A 344 0.69 -3.84 17.67
CA THR A 344 0.06 -2.69 17.04
C THR A 344 1.08 -1.86 16.29
N VAL A 345 2.29 -1.73 16.82
CA VAL A 345 3.27 -0.90 16.14
C VAL A 345 3.58 -1.46 14.77
N THR A 346 3.74 -2.77 14.67
CA THR A 346 3.91 -3.37 13.36
C THR A 346 2.65 -3.24 12.52
N GLN A 347 1.49 -3.47 13.12
CA GLN A 347 0.26 -3.48 12.35
C GLN A 347 0.04 -2.16 11.65
N MET A 348 0.30 -1.06 12.34
CA MET A 348 0.15 0.24 11.69
C MET A 348 0.97 0.31 10.43
N ALA A 349 2.16 -0.30 10.43
CA ALA A 349 3.02 -0.18 9.27
C ALA A 349 2.46 -0.94 8.07
N MET A 350 1.90 -2.13 8.31
CA MET A 350 1.47 -2.99 7.21
C MET A 350 0.04 -2.62 6.80
N THR A 351 -0.08 -1.45 6.21
CA THR A 351 -1.31 -0.99 5.59
C THR A 351 -0.98 -0.50 4.19
N ASP A 352 -1.79 -0.91 3.21
CA ASP A 352 -1.48 -0.71 1.81
C ASP A 352 -2.53 0.15 1.14
N THR A 353 -2.08 1.01 0.23
CA THR A 353 -2.96 1.89 -0.52
C THR A 353 -2.98 1.57 -2.01
N THR A 354 -2.67 0.33 -2.35
CA THR A 354 -2.70 -0.08 -3.74
C THR A 354 -4.14 -0.09 -4.25
N PRO A 355 -4.31 -0.02 -5.57
CA PRO A 355 -5.66 -0.07 -6.13
C PRO A 355 -6.52 -1.16 -5.53
N PHE A 356 -5.93 -2.30 -5.17
CA PHE A 356 -6.70 -3.31 -4.48
C PHE A 356 -7.31 -2.74 -3.21
N GLY A 357 -6.48 -2.10 -2.40
CA GLY A 357 -6.98 -1.56 -1.15
C GLY A 357 -8.04 -0.50 -1.37
N GLN A 358 -7.78 0.42 -2.30
CA GLN A 358 -8.72 1.50 -2.52
C GLN A 358 -10.04 0.97 -3.03
N GLN A 359 -10.01 0.02 -3.95
CA GLN A 359 -11.25 -0.57 -4.42
C GLN A 359 -11.98 -1.24 -3.28
N ARG A 360 -11.26 -1.96 -2.43
CA ARG A 360 -11.94 -2.62 -1.32
C ARG A 360 -12.62 -1.61 -0.43
N VAL A 361 -11.90 -0.54 -0.12
CA VAL A 361 -12.45 0.46 0.78
C VAL A 361 -13.67 1.10 0.15
N PHE A 362 -13.58 1.40 -1.13
CA PHE A 362 -14.72 2.00 -1.80
C PHE A 362 -15.91 1.07 -1.78
N LYS A 363 -15.67 -0.22 -2.01
CA LYS A 363 -16.78 -1.15 -2.01
C LYS A 363 -17.44 -1.23 -0.65
N GLU A 364 -16.65 -1.30 0.39
CA GLU A 364 -17.26 -1.57 1.68
C GLU A 364 -17.74 -0.30 2.39
N LYS A 365 -17.37 0.86 1.90
CA LYS A 365 -17.63 2.06 2.67
C LYS A 365 -18.49 3.07 1.94
N VAL A 366 -18.26 3.28 0.65
CA VAL A 366 -18.87 4.39 -0.05
C VAL A 366 -19.98 3.96 -0.99
N ASP A 367 -19.97 2.74 -1.49
CA ASP A 367 -21.00 2.30 -2.42
C ASP A 367 -22.23 1.82 -1.66
N THR A 368 -22.81 2.71 -0.88
CA THR A 368 -24.05 2.42 -0.17
C THR A 368 -25.10 3.43 -0.62
N ARG A 369 -26.24 3.41 0.06
CA ARG A 369 -27.30 4.37 -0.21
C ARG A 369 -28.11 4.54 1.06
N THR A 370 -28.18 5.74 1.53
CA THR A 370 -28.84 5.94 2.81
C THR A 370 -30.32 6.22 2.60
N PRO A 371 -31.20 5.55 3.32
CA PRO A 371 -32.63 5.69 3.05
C PRO A 371 -33.10 7.12 3.22
N LYS A 372 -34.08 7.49 2.41
CA LYS A 372 -34.66 8.82 2.51
C LYS A 372 -35.39 8.96 3.85
N PRO A 373 -35.18 10.04 4.57
CA PRO A 373 -35.75 10.18 5.90
C PRO A 373 -37.24 10.49 5.87
N MET A 374 -37.87 10.30 7.02
CA MET A 374 -39.27 10.64 7.18
C MET A 374 -39.49 12.14 6.95
N PRO A 375 -40.64 12.51 6.37
CA PRO A 375 -40.90 13.94 6.13
C PRO A 375 -40.82 14.80 7.37
N GLY A 376 -41.30 14.30 8.52
CA GLY A 376 -41.20 15.09 9.72
C GLY A 376 -39.77 15.45 10.05
N THR A 377 -38.87 14.48 9.89
CA THR A 377 -37.46 14.77 10.08
C THR A 377 -36.99 15.83 9.12
N ARG A 378 -37.41 15.74 7.86
CA ARG A 378 -36.95 16.71 6.90
C ARG A 378 -37.39 18.11 7.30
N LYS A 379 -38.64 18.26 7.72
CA LYS A 379 -39.08 19.59 8.13
C LYS A 379 -38.30 20.07 9.33
N VAL A 380 -38.10 19.18 10.30
CA VAL A 380 -37.38 19.56 11.50
C VAL A 380 -36.00 20.05 11.15
N MET A 381 -35.30 19.29 10.32
CA MET A 381 -33.95 19.67 9.94
C MET A 381 -33.96 20.99 9.21
N GLU A 382 -34.96 21.19 8.35
CA GLU A 382 -35.04 22.44 7.64
C GLU A 382 -35.13 23.61 8.61
N ILE A 383 -36.01 23.49 9.59
CA ILE A 383 -36.18 24.55 10.55
C ILE A 383 -34.88 24.78 11.29
N THR A 384 -34.30 23.70 11.79
CA THR A 384 -33.11 23.85 12.60
C THR A 384 -32.00 24.50 11.82
N ALA A 385 -31.83 24.08 10.58
CA ALA A 385 -30.75 24.61 9.78
C ALA A 385 -30.95 26.10 9.56
N GLY A 386 -32.18 26.51 9.26
CA GLY A 386 -32.41 27.93 9.09
C GLY A 386 -32.06 28.71 10.34
N TRP A 387 -32.54 28.24 11.48
CA TRP A 387 -32.23 28.94 12.71
C TRP A 387 -30.74 28.99 12.94
N LEU A 388 -30.07 27.88 12.72
CA LEU A 388 -28.66 27.81 13.03
C LEU A 388 -27.86 28.75 12.15
N TRP A 389 -28.19 28.79 10.86
CA TRP A 389 -27.45 29.68 9.98
C TRP A 389 -27.70 31.12 10.37
N ARG A 390 -28.93 31.45 10.74
CA ARG A 390 -29.17 32.83 11.15
C ARG A 390 -28.35 33.16 12.38
N THR A 391 -28.25 32.22 13.32
CA THR A 391 -27.43 32.47 14.50
C THR A 391 -25.99 32.69 14.11
N LEU A 392 -25.44 31.78 13.31
CA LEU A 392 -24.03 31.86 12.99
C LEU A 392 -23.67 33.16 12.32
N GLY A 393 -24.61 33.82 11.69
CA GLY A 393 -24.32 35.08 11.08
C GLY A 393 -24.83 36.23 11.92
N ARG A 394 -24.80 36.07 13.23
CA ARG A 394 -25.27 37.17 14.07
C ARG A 394 -24.36 38.37 13.98
N ASN A 395 -23.07 38.16 13.75
CA ASN A 395 -22.15 39.26 13.59
C ASN A 395 -21.43 39.26 12.26
N LYS A 396 -20.79 38.17 11.89
CA LYS A 396 -20.02 38.17 10.67
C LYS A 396 -20.95 38.11 9.47
N ARG A 397 -20.41 38.44 8.30
CA ARG A 397 -21.15 38.38 7.06
C ARG A 397 -20.23 37.83 5.99
N PRO A 398 -20.73 36.94 5.14
CA PRO A 398 -19.87 36.33 4.14
C PRO A 398 -19.32 37.36 3.18
N ARG A 399 -18.18 37.01 2.58
CA ARG A 399 -17.57 37.80 1.52
C ARG A 399 -16.96 36.85 0.53
N LEU A 400 -16.78 37.30 -0.70
CA LEU A 400 -15.99 36.53 -1.64
C LEU A 400 -14.56 36.45 -1.17
N CYS A 401 -13.88 35.38 -1.56
CA CYS A 401 -12.44 35.33 -1.34
C CYS A 401 -11.71 35.93 -2.53
N THR A 402 -10.41 36.11 -2.38
CA THR A 402 -9.62 36.80 -3.37
C THR A 402 -8.42 35.97 -3.78
N ARG A 403 -7.94 36.22 -4.99
CA ARG A 403 -6.86 35.40 -5.53
C ARG A 403 -5.60 35.51 -4.69
N GLU A 404 -5.17 36.74 -4.41
CA GLU A 404 -3.92 36.92 -3.67
C GLU A 404 -3.97 36.21 -2.33
N GLU A 405 -5.14 36.13 -1.73
CA GLU A 405 -5.26 35.34 -0.53
C GLU A 405 -4.92 33.88 -0.83
N PHE A 406 -5.40 33.37 -1.95
CA PHE A 406 -5.08 32.00 -2.31
C PHE A 406 -3.59 31.85 -2.51
N THR A 407 -2.97 32.86 -3.11
CA THR A 407 -1.52 32.85 -3.26
C THR A 407 -0.85 32.73 -1.91
N LYS A 408 -1.30 33.52 -0.94
CA LYS A 408 -0.69 33.45 0.38
C LYS A 408 -0.87 32.08 0.97
N LYS A 409 -2.08 31.53 0.87
CA LYS A 409 -2.34 30.24 1.48
C LYS A 409 -1.47 29.17 0.86
N VAL A 410 -1.22 29.26 -0.43
CA VAL A 410 -0.37 28.26 -1.05
C VAL A 410 1.09 28.47 -0.64
N ARG A 411 1.61 29.67 -0.86
CA ARG A 411 3.02 29.95 -0.59
C ARG A 411 3.42 29.54 0.82
N THR A 412 2.72 30.07 1.80
CA THR A 412 3.11 29.80 3.17
C THR A 412 2.77 28.39 3.61
N ASN A 413 2.07 27.62 2.79
CA ASN A 413 1.67 26.28 3.18
C ASN A 413 0.90 26.27 4.49
N GLN A 425 2.22 17.91 -2.94
CA GLN A 425 1.96 18.71 -4.12
C GLN A 425 2.22 20.17 -3.85
N TRP A 426 2.73 20.46 -2.65
CA TRP A 426 2.87 21.86 -2.24
C TRP A 426 3.71 22.64 -3.23
N ASP A 427 4.88 22.12 -3.58
CA ASP A 427 5.82 22.89 -4.40
C ASP A 427 5.24 23.18 -5.77
N SER A 428 4.79 22.14 -6.46
CA SER A 428 4.12 22.34 -7.73
C SER A 428 2.94 23.28 -7.57
N ALA A 429 2.29 23.25 -6.41
CA ALA A 429 1.18 24.15 -6.18
C ALA A 429 1.66 25.60 -6.21
N ARG A 430 2.74 25.88 -5.51
CA ARG A 430 3.33 27.21 -5.56
C ARG A 430 3.62 27.59 -6.99
N ALA A 431 4.28 26.68 -7.71
CA ALA A 431 4.61 26.95 -9.09
C ALA A 431 3.37 27.35 -9.88
N ALA A 432 2.32 26.54 -9.77
CA ALA A 432 1.12 26.77 -10.57
C ALA A 432 0.45 28.08 -10.20
N VAL A 433 0.42 28.40 -8.91
CA VAL A 433 -0.19 29.65 -8.49
C VAL A 433 0.59 30.83 -9.04
N GLU A 434 1.91 30.76 -8.94
CA GLU A 434 2.76 31.80 -9.49
C GLU A 434 2.73 31.84 -11.01
N ASP A 435 2.21 30.81 -11.65
CA ASP A 435 2.09 30.82 -13.10
C ASP A 435 1.01 31.81 -13.52
N GLU A 436 0.80 31.91 -14.83
CA GLU A 436 -0.16 32.84 -15.40
C GLU A 436 -1.30 32.12 -16.11
N GLU A 437 -0.98 31.26 -17.07
CA GLU A 437 -2.02 30.61 -17.87
C GLU A 437 -3.06 29.95 -17.00
N PHE A 438 -2.62 29.41 -15.87
CA PHE A 438 -3.56 28.86 -14.90
C PHE A 438 -4.65 29.86 -14.57
N TRP A 439 -4.27 31.11 -14.34
CA TRP A 439 -5.26 32.09 -13.94
C TRP A 439 -6.26 32.35 -15.05
N LYS A 440 -5.81 32.43 -16.29
CA LYS A 440 -6.76 32.60 -17.38
C LYS A 440 -7.70 31.42 -17.46
N LEU A 441 -7.17 30.21 -17.28
CA LEU A 441 -8.03 29.03 -17.28
C LEU A 441 -9.08 29.15 -16.20
N VAL A 442 -8.66 29.59 -15.02
CA VAL A 442 -9.58 29.75 -13.92
C VAL A 442 -10.66 30.74 -14.29
N ASP A 443 -10.28 31.85 -14.91
CA ASP A 443 -11.27 32.85 -15.25
C ASP A 443 -12.29 32.30 -16.23
N ARG A 444 -11.81 31.54 -17.23
CA ARG A 444 -12.74 31.00 -18.21
C ARG A 444 -13.73 30.05 -17.56
N GLU A 445 -13.22 29.07 -16.82
CA GLU A 445 -14.13 28.16 -16.13
C GLU A 445 -15.03 28.92 -15.18
N ARG A 446 -14.53 30.02 -14.63
CA ARG A 446 -15.32 30.78 -13.68
C ARG A 446 -16.52 31.40 -14.34
N GLU A 447 -16.31 31.98 -15.52
CA GLU A 447 -17.45 32.56 -16.22
C GLU A 447 -18.39 31.48 -16.70
N LEU A 448 -17.86 30.29 -16.97
CA LEU A 448 -18.76 29.16 -17.16
C LEU A 448 -19.62 28.95 -15.94
N HIS A 449 -19.02 28.99 -14.76
CA HIS A 449 -19.77 28.86 -13.53
C HIS A 449 -20.86 29.93 -13.45
N LYS A 450 -20.49 31.16 -13.78
CA LYS A 450 -21.47 32.24 -13.76
C LYS A 450 -22.63 31.93 -14.68
N GLN A 451 -22.34 31.33 -15.83
CA GLN A 451 -23.43 30.90 -16.69
C GLN A 451 -24.22 29.78 -16.05
N GLY A 452 -23.54 28.87 -15.36
CA GLY A 452 -24.26 27.80 -14.71
C GLY A 452 -23.85 26.42 -15.15
N LYS A 453 -22.63 26.31 -15.67
CA LYS A 453 -22.11 25.03 -16.10
C LYS A 453 -20.67 24.92 -15.63
N CYS A 454 -20.15 23.70 -15.63
CA CYS A 454 -18.87 23.42 -14.98
C CYS A 454 -18.05 22.55 -15.92
N GLY A 455 -16.77 22.88 -16.07
CA GLY A 455 -16.02 22.26 -17.15
C GLY A 455 -14.89 21.39 -16.70
N SER A 456 -14.28 21.71 -15.58
CA SER A 456 -13.21 20.87 -15.09
C SER A 456 -13.31 20.61 -13.60
N CYS A 457 -14.44 20.93 -12.98
CA CYS A 457 -14.62 20.69 -11.55
C CYS A 457 -14.81 19.18 -11.35
N VAL A 458 -13.69 18.48 -11.20
CA VAL A 458 -13.66 17.05 -10.95
C VAL A 458 -12.49 16.75 -10.05
N TYR A 459 -12.70 15.88 -9.06
CA TYR A 459 -11.65 15.57 -8.11
C TYR A 459 -11.44 14.07 -8.01
N ASN A 460 -10.26 13.70 -7.53
CA ASN A 460 -9.85 12.32 -7.47
C ASN A 460 -9.81 11.84 -6.02
N MET A 461 -10.12 10.57 -5.83
CA MET A 461 -10.07 9.95 -4.51
C MET A 461 -8.74 9.23 -4.38
N MET A 462 -7.76 9.92 -3.82
CA MET A 462 -6.44 9.34 -3.66
C MET A 462 -6.42 8.43 -2.44
N ARG A 479 0.28 18.18 -16.49
CA ARG A 479 0.21 19.45 -15.81
C ARG A 479 -1.08 20.19 -16.15
N ALA A 480 -1.57 19.98 -17.36
CA ALA A 480 -2.80 20.64 -17.77
C ALA A 480 -3.99 20.18 -16.93
N ILE A 481 -4.18 18.87 -16.84
CA ILE A 481 -5.26 18.34 -16.02
C ILE A 481 -5.06 18.77 -14.58
N TRP A 482 -3.81 18.78 -14.13
CA TRP A 482 -3.55 19.18 -12.76
C TRP A 482 -3.89 20.63 -12.56
N TYR A 483 -3.68 21.47 -13.57
CA TYR A 483 -4.16 22.83 -13.46
C TYR A 483 -5.66 22.84 -13.30
N MET A 484 -6.38 22.00 -14.05
CA MET A 484 -7.82 21.97 -13.89
C MET A 484 -8.21 21.66 -12.46
N TRP A 485 -7.58 20.65 -11.87
CA TRP A 485 -7.93 20.25 -10.52
C TRP A 485 -7.67 21.38 -9.53
N LEU A 486 -6.47 21.91 -9.56
CA LEU A 486 -6.15 22.99 -8.64
C LEU A 486 -7.09 24.15 -8.85
N GLY A 487 -7.47 24.41 -10.09
CA GLY A 487 -8.37 25.51 -10.33
C GLY A 487 -9.72 25.30 -9.67
N ALA A 488 -10.24 24.09 -9.77
CA ALA A 488 -11.52 23.83 -9.13
C ALA A 488 -11.40 24.06 -7.63
N ARG A 489 -10.32 23.59 -7.05
CA ARG A 489 -10.11 23.90 -5.64
C ARG A 489 -10.14 25.40 -5.42
N TYR A 490 -9.52 26.16 -6.32
CA TYR A 490 -9.49 27.59 -6.09
C TYR A 490 -10.87 28.19 -6.15
N LEU A 491 -11.70 27.72 -7.07
CA LEU A 491 -13.04 28.27 -7.16
C LEU A 491 -13.82 28.01 -5.89
N GLU A 492 -13.71 26.79 -5.38
CA GLU A 492 -14.38 26.51 -4.12
C GLU A 492 -13.86 27.43 -3.04
N PHE A 493 -12.55 27.67 -3.02
CA PHE A 493 -12.00 28.57 -2.02
C PHE A 493 -12.57 29.95 -2.18
N GLU A 494 -12.70 30.41 -3.41
CA GLU A 494 -13.19 31.75 -3.64
C GLU A 494 -14.60 31.89 -3.12
N ALA A 495 -15.44 30.88 -3.34
CA ALA A 495 -16.83 31.06 -2.99
C ALA A 495 -17.14 30.68 -1.55
N LEU A 496 -16.37 29.79 -0.94
CA LEU A 496 -16.71 29.25 0.37
C LEU A 496 -15.53 29.32 1.31
N GLY A 497 -14.61 30.25 1.08
CA GLY A 497 -13.48 30.35 1.95
C GLY A 497 -13.78 31.13 3.20
N PHE A 498 -14.79 31.99 3.14
CA PHE A 498 -15.09 32.82 4.30
C PHE A 498 -15.42 31.98 5.51
N LEU A 499 -15.90 30.76 5.29
CA LEU A 499 -16.14 29.87 6.42
C LEU A 499 -14.89 29.71 7.27
N ASN A 500 -13.73 29.61 6.65
CA ASN A 500 -12.51 29.37 7.39
C ASN A 500 -11.68 30.62 7.58
N GLU A 501 -11.49 31.39 6.53
CA GLU A 501 -10.62 32.56 6.67
C GLU A 501 -11.15 33.51 7.73
N ASP A 502 -12.45 33.46 7.99
CA ASP A 502 -13.05 34.34 8.99
C ASP A 502 -13.46 33.60 10.25
N HIS A 503 -13.18 32.31 10.35
CA HIS A 503 -13.48 31.54 11.55
C HIS A 503 -14.95 31.65 11.92
N TRP A 504 -15.79 31.18 11.01
CA TRP A 504 -17.20 31.13 11.33
C TRP A 504 -17.48 30.15 12.44
N PHE A 505 -16.60 29.19 12.67
CA PHE A 505 -16.91 28.15 13.64
C PHE A 505 -16.04 28.22 14.88
N SER A 506 -15.32 29.31 15.09
CA SER A 506 -14.51 29.40 16.29
C SER A 506 -15.38 29.31 17.53
N ARG A 507 -14.81 28.78 18.60
CA ARG A 507 -15.56 28.54 19.81
C ARG A 507 -16.28 29.77 20.27
N GLU A 508 -15.68 30.93 20.07
CA GLU A 508 -16.33 32.17 20.46
C GLU A 508 -17.57 32.43 19.62
N ASN A 509 -17.50 32.14 18.33
CA ASN A 509 -18.57 32.55 17.44
C ASN A 509 -19.69 31.52 17.34
N SER A 510 -19.36 30.24 17.37
CA SER A 510 -20.34 29.21 17.11
C SER A 510 -20.78 28.49 18.36
N TYR A 511 -20.20 28.79 19.50
CA TYR A 511 -20.64 28.23 20.77
C TYR A 511 -20.41 26.74 20.83
N SER A 512 -20.07 26.13 19.75
CA SER A 512 -19.72 24.74 19.87
C SER A 512 -18.44 24.37 19.14
N GLY A 513 -18.19 24.96 17.99
CA GLY A 513 -17.03 24.57 17.22
C GLY A 513 -15.74 24.81 17.98
N VAL A 514 -14.70 24.11 17.56
CA VAL A 514 -13.41 24.31 18.19
C VAL A 514 -12.37 24.60 17.13
N GLU A 515 -12.79 25.21 16.04
CA GLU A 515 -11.85 25.59 15.02
C GLU A 515 -10.84 26.59 15.56
N GLY A 516 -9.58 26.39 15.21
CA GLY A 516 -8.56 27.34 15.58
C GLY A 516 -8.04 27.21 16.97
N GLU A 517 -8.29 26.09 17.65
CA GLU A 517 -7.81 25.92 19.00
C GLU A 517 -6.52 25.12 19.06
N GLY A 518 -6.46 24.00 18.36
CA GLY A 518 -5.30 23.14 18.43
C GLY A 518 -5.33 22.26 19.66
N LEU A 519 -4.42 21.29 19.68
CA LEU A 519 -4.53 20.24 20.67
C LEU A 519 -4.38 20.79 22.08
N HIS A 520 -3.51 21.71 22.27
CA HIS A 520 -3.28 22.09 23.65
C HIS A 520 -4.40 22.80 24.28
N LYS A 521 -5.55 22.92 23.65
CA LYS A 521 -6.68 23.59 24.28
C LYS A 521 -7.92 22.74 24.33
N LEU A 522 -7.99 21.68 23.55
CA LEU A 522 -9.16 20.84 23.62
C LEU A 522 -9.36 20.30 25.01
N GLY A 523 -8.28 20.05 25.74
CA GLY A 523 -8.44 19.61 27.11
C GLY A 523 -9.22 20.62 27.93
N TYR A 524 -8.81 21.88 27.88
CA TYR A 524 -9.46 22.88 28.69
C TYR A 524 -10.91 23.02 28.29
N ILE A 525 -11.17 22.94 26.99
CA ILE A 525 -12.54 23.05 26.55
C ILE A 525 -13.35 21.89 27.10
N LEU A 526 -12.80 20.69 27.05
CA LEU A 526 -13.52 19.55 27.60
C LEU A 526 -13.83 19.77 29.07
N ARG A 527 -12.85 20.27 29.82
CA ARG A 527 -13.07 20.46 31.24
C ARG A 527 -14.20 21.45 31.48
N ASP A 528 -14.16 22.57 30.76
CA ASP A 528 -15.22 23.56 30.92
C ASP A 528 -16.56 22.97 30.59
N ILE A 529 -16.61 22.05 29.64
CA ILE A 529 -17.85 21.33 29.42
C ILE A 529 -18.23 20.55 30.66
N SER A 530 -17.24 19.87 31.24
CA SER A 530 -17.52 19.01 32.37
C SER A 530 -18.07 19.79 33.55
N LYS A 531 -17.80 21.07 33.62
CA LYS A 531 -18.34 21.85 34.73
C LYS A 531 -19.82 22.16 34.57
N ILE A 532 -20.34 22.16 33.36
CA ILE A 532 -21.75 22.47 33.17
C ILE A 532 -22.61 21.35 33.74
N PRO A 533 -23.67 21.66 34.49
CA PRO A 533 -24.49 20.60 35.08
C PRO A 533 -25.13 19.73 34.03
N GLY A 534 -25.37 18.47 34.38
CA GLY A 534 -26.12 17.61 33.50
C GLY A 534 -25.76 16.15 33.74
N GLY A 535 -26.15 15.32 32.78
CA GLY A 535 -25.89 13.90 32.84
C GLY A 535 -24.45 13.60 32.48
N ALA A 536 -24.23 12.36 32.05
CA ALA A 536 -22.90 11.91 31.68
C ALA A 536 -22.45 12.63 30.43
N MET A 537 -21.28 12.31 29.95
CA MET A 537 -20.79 12.83 28.69
C MET A 537 -20.76 11.72 27.67
N TYR A 538 -21.27 12.01 26.47
CA TYR A 538 -21.31 11.05 25.38
C TYR A 538 -20.49 11.57 24.22
N ALA A 539 -19.82 10.68 23.52
CA ALA A 539 -19.08 11.03 22.31
C ALA A 539 -19.23 9.88 21.34
N ASP A 540 -20.25 9.94 20.50
CA ASP A 540 -20.55 8.83 19.61
C ASP A 540 -19.98 9.10 18.24
N ASP A 541 -19.18 8.18 17.74
CA ASP A 541 -18.54 8.31 16.45
C ASP A 541 -19.44 7.75 15.36
N THR A 542 -19.66 8.53 14.33
CA THR A 542 -20.56 8.13 13.26
C THR A 542 -19.80 7.33 12.22
N ALA A 543 -20.32 6.15 11.90
CA ALA A 543 -19.61 5.27 10.99
C ALA A 543 -19.61 5.86 9.59
N GLY A 544 -18.43 6.18 9.08
CA GLY A 544 -18.31 6.72 7.74
C GLY A 544 -19.17 7.95 7.54
N TRP A 545 -18.85 9.02 8.25
CA TRP A 545 -19.68 10.21 8.24
C TRP A 545 -19.91 10.70 6.82
N ASP A 546 -18.84 10.88 6.06
CA ASP A 546 -18.96 11.50 4.76
C ASP A 546 -19.92 10.73 3.87
N THR A 547 -19.88 9.41 3.92
CA THR A 547 -20.82 8.66 3.09
C THR A 547 -22.23 8.78 3.59
N ARG A 548 -22.48 9.52 4.65
CA ARG A 548 -23.80 9.56 5.25
C ARG A 548 -24.38 10.95 5.17
N ILE A 549 -24.29 11.61 4.04
CA ILE A 549 -24.85 12.93 3.88
C ILE A 549 -25.92 12.84 2.82
N THR A 550 -27.18 12.80 3.24
CA THR A 550 -28.28 12.74 2.29
C THR A 550 -28.50 14.09 1.65
N GLU A 551 -29.33 14.10 0.61
CA GLU A 551 -29.53 15.31 -0.17
C GLU A 551 -30.08 16.44 0.69
N ASP A 552 -31.05 16.12 1.55
CA ASP A 552 -31.65 17.17 2.35
C ASP A 552 -30.61 17.90 3.18
N ASP A 553 -29.61 17.18 3.66
CA ASP A 553 -28.54 17.85 4.38
C ASP A 553 -27.86 18.86 3.48
N LEU A 554 -27.61 18.48 2.23
CA LEU A 554 -26.95 19.41 1.34
C LEU A 554 -27.81 20.64 1.11
N HIS A 555 -29.11 20.46 0.95
CA HIS A 555 -29.97 21.62 0.76
C HIS A 555 -29.90 22.54 1.95
N ASN A 556 -30.00 21.97 3.13
CA ASN A 556 -29.92 22.79 4.33
C ASN A 556 -28.59 23.52 4.36
N GLU A 557 -27.50 22.82 4.10
CA GLU A 557 -26.21 23.49 4.10
C GLU A 557 -26.19 24.59 3.07
N GLU A 558 -26.90 24.43 1.97
CA GLU A 558 -26.93 25.46 0.96
C GLU A 558 -27.71 26.67 1.43
N LYS A 559 -28.58 26.51 2.41
CA LYS A 559 -29.38 27.63 2.85
C LYS A 559 -28.55 28.85 3.20
N ILE A 560 -27.25 28.66 3.38
CA ILE A 560 -26.38 29.79 3.70
C ILE A 560 -26.39 30.83 2.60
N THR A 561 -26.71 30.44 1.38
CA THR A 561 -26.73 31.44 0.31
C THR A 561 -27.77 32.51 0.53
N GLN A 562 -28.63 32.37 1.52
CA GLN A 562 -29.59 33.40 1.79
C GLN A 562 -28.99 34.57 2.50
N GLN A 563 -27.67 34.71 2.44
CA GLN A 563 -27.02 35.81 3.11
C GLN A 563 -25.96 36.50 2.26
N MET A 564 -25.56 35.94 1.14
CA MET A 564 -24.49 36.55 0.37
C MET A 564 -25.03 37.65 -0.52
N ASP A 565 -24.13 38.33 -1.22
CA ASP A 565 -24.50 39.35 -2.19
C ASP A 565 -24.52 38.77 -3.60
N PRO A 566 -25.49 39.21 -4.40
CA PRO A 566 -25.79 38.53 -5.67
C PRO A 566 -24.60 38.01 -6.42
N GLU A 567 -23.57 38.84 -6.55
CA GLU A 567 -22.35 38.39 -7.22
C GLU A 567 -21.84 37.12 -6.57
N HIS A 568 -21.68 37.15 -5.26
CA HIS A 568 -21.21 35.97 -4.53
C HIS A 568 -22.23 34.85 -4.63
N ARG A 569 -23.51 35.19 -4.54
CA ARG A 569 -24.53 34.17 -4.50
C ARG A 569 -24.55 33.35 -5.75
N GLN A 570 -24.36 33.98 -6.90
CA GLN A 570 -24.37 33.22 -8.14
C GLN A 570 -23.28 32.17 -8.12
N LEU A 571 -22.07 32.56 -7.75
CA LEU A 571 -20.98 31.60 -7.71
C LEU A 571 -21.24 30.50 -6.70
N ALA A 572 -21.74 30.88 -5.53
CA ALA A 572 -21.96 29.87 -4.51
C ALA A 572 -23.03 28.89 -4.95
N ASN A 573 -24.09 29.38 -5.58
CA ASN A 573 -25.09 28.49 -6.12
C ASN A 573 -24.46 27.58 -7.14
N ALA A 574 -23.59 28.13 -7.98
CA ALA A 574 -22.92 27.30 -8.96
C ALA A 574 -22.22 26.15 -8.27
N ILE A 575 -21.38 26.46 -7.29
CA ILE A 575 -20.62 25.41 -6.63
C ILE A 575 -21.57 24.39 -6.02
N PHE A 576 -22.53 24.88 -5.25
CA PHE A 576 -23.43 23.98 -4.53
C PHE A 576 -24.15 23.06 -5.49
N LYS A 577 -24.76 23.62 -6.52
CA LYS A 577 -25.64 22.85 -7.36
C LYS A 577 -24.91 22.10 -8.46
N LEU A 578 -23.66 22.40 -8.71
CA LEU A 578 -22.96 21.75 -9.81
C LEU A 578 -21.84 20.83 -9.36
N THR A 579 -21.10 21.18 -8.32
CA THR A 579 -19.99 20.35 -7.91
C THR A 579 -20.16 19.75 -6.54
N TYR A 580 -21.20 20.13 -5.81
CA TYR A 580 -21.48 19.44 -4.57
C TYR A 580 -22.64 18.48 -4.70
N GLN A 581 -23.73 18.91 -5.33
CA GLN A 581 -24.90 18.06 -5.48
C GLN A 581 -24.82 17.17 -6.70
N ASN A 582 -23.79 17.32 -7.53
CA ASN A 582 -23.61 16.44 -8.69
C ASN A 582 -22.11 16.31 -8.89
N LYS A 583 -21.53 15.26 -8.33
CA LYS A 583 -20.10 15.13 -8.25
C LYS A 583 -19.60 14.06 -9.21
N VAL A 584 -18.41 14.29 -9.76
CA VAL A 584 -17.78 13.42 -10.73
C VAL A 584 -16.38 13.08 -10.26
N VAL A 585 -16.05 11.79 -10.23
CA VAL A 585 -14.85 11.32 -9.55
C VAL A 585 -14.07 10.37 -10.43
N LYS A 586 -12.75 10.44 -10.35
CA LYS A 586 -11.86 9.48 -10.96
C LYS A 586 -11.32 8.56 -9.88
N VAL A 587 -11.36 7.25 -10.11
CA VAL A 587 -10.78 6.28 -9.19
C VAL A 587 -9.96 5.27 -9.98
N GLN A 588 -9.19 4.48 -9.25
CA GLN A 588 -8.32 3.47 -9.86
C GLN A 588 -8.89 2.09 -9.62
N ARG A 589 -8.76 1.23 -10.63
CA ARG A 589 -9.23 -0.12 -10.48
C ARG A 589 -8.24 -1.05 -11.16
N PRO A 590 -7.83 -2.11 -10.52
CA PRO A 590 -6.98 -3.09 -11.19
C PRO A 590 -7.77 -4.16 -11.90
N THR A 591 -7.54 -4.33 -13.18
CA THR A 591 -8.07 -5.42 -13.96
C THR A 591 -6.93 -6.35 -14.37
N PRO A 592 -7.24 -7.51 -14.92
CA PRO A 592 -6.14 -8.39 -15.33
C PRO A 592 -5.49 -7.89 -16.60
N LYS A 593 -5.31 -6.57 -16.66
CA LYS A 593 -4.48 -5.93 -17.65
C LYS A 593 -3.65 -4.81 -17.07
N GLY A 594 -3.97 -4.36 -15.86
CA GLY A 594 -3.32 -3.23 -15.25
C GLY A 594 -4.34 -2.35 -14.58
N THR A 595 -3.89 -1.20 -14.12
CA THR A 595 -4.79 -0.24 -13.51
C THR A 595 -5.45 0.62 -14.57
N VAL A 596 -6.71 0.93 -14.37
CA VAL A 596 -7.42 1.87 -15.22
C VAL A 596 -8.20 2.83 -14.34
N MET A 597 -8.28 4.07 -14.77
CA MET A 597 -9.11 5.02 -14.08
C MET A 597 -10.55 4.83 -14.53
N ASP A 598 -11.45 4.82 -13.57
CA ASP A 598 -12.87 4.74 -13.80
C ASP A 598 -13.49 6.08 -13.47
N ILE A 599 -14.51 6.44 -14.22
CA ILE A 599 -15.23 7.69 -14.02
C ILE A 599 -16.58 7.38 -13.43
N ILE A 600 -16.88 7.97 -12.28
CA ILE A 600 -18.17 7.75 -11.64
C ILE A 600 -18.77 9.10 -11.29
N SER A 601 -20.04 9.06 -10.92
CA SER A 601 -20.75 10.27 -10.56
C SER A 601 -21.86 9.94 -9.60
N ARG A 602 -22.28 10.94 -8.84
CA ARG A 602 -23.31 10.74 -7.85
C ARG A 602 -23.86 12.08 -7.42
N LYS A 603 -24.74 12.07 -6.42
CA LYS A 603 -25.40 13.30 -6.01
C LYS A 603 -25.25 13.60 -4.53
N ASP A 604 -25.10 12.58 -3.71
CA ASP A 604 -24.94 12.70 -2.26
C ASP A 604 -23.47 12.69 -1.87
N GLN A 605 -23.21 12.48 -0.58
CA GLN A 605 -21.92 11.99 -0.10
C GLN A 605 -20.78 12.93 -0.47
N ARG A 606 -20.76 14.08 0.21
CA ARG A 606 -19.75 15.11 -0.04
C ARG A 606 -18.37 14.52 -0.26
N GLY A 607 -17.68 15.04 -1.26
CA GLY A 607 -16.38 14.53 -1.62
C GLY A 607 -15.35 14.99 -0.62
N SER A 608 -14.66 14.06 0.01
CA SER A 608 -13.85 14.41 1.17
C SER A 608 -12.67 15.32 0.84
N GLY A 609 -12.34 15.48 -0.43
CA GLY A 609 -11.23 16.35 -0.69
C GLY A 609 -11.55 17.80 -0.83
N GLN A 610 -12.81 18.18 -0.73
CA GLN A 610 -13.22 19.51 -1.15
C GLN A 610 -12.92 20.56 -0.10
N VAL A 611 -12.65 21.77 -0.56
CA VAL A 611 -12.53 22.91 0.34
C VAL A 611 -13.89 23.19 0.95
N GLY A 612 -13.90 23.59 2.21
CA GLY A 612 -15.16 23.79 2.89
C GLY A 612 -15.78 22.51 3.39
N THR A 613 -15.11 21.38 3.25
CA THR A 613 -15.61 20.16 3.84
C THR A 613 -15.68 20.28 5.35
N TYR A 614 -14.64 20.80 5.98
CA TYR A 614 -14.64 20.85 7.42
C TYR A 614 -15.76 21.73 7.93
N GLY A 615 -15.95 22.89 7.31
CA GLY A 615 -17.00 23.75 7.77
C GLY A 615 -18.35 23.08 7.69
N LEU A 616 -18.68 22.55 6.53
CA LEU A 616 -20.00 21.96 6.38
C LEU A 616 -20.16 20.75 7.27
N ASN A 617 -19.12 19.95 7.42
CA ASN A 617 -19.25 18.80 8.29
C ASN A 617 -19.57 19.24 9.70
N THR A 618 -18.84 20.23 10.21
CA THR A 618 -19.15 20.70 11.54
C THR A 618 -20.57 21.19 11.63
N PHE A 619 -21.03 21.88 10.61
CA PHE A 619 -22.37 22.42 10.64
C PHE A 619 -23.39 21.31 10.73
N THR A 620 -23.31 20.35 9.82
CA THR A 620 -24.30 19.29 9.83
C THR A 620 -24.24 18.52 11.13
N ASN A 621 -23.03 18.27 11.61
CA ASN A 621 -22.93 17.56 12.87
C ASN A 621 -23.61 18.33 13.98
N MET A 622 -23.43 19.64 14.01
CA MET A 622 -24.04 20.42 15.07
C MET A 622 -25.54 20.28 15.01
N GLU A 623 -26.10 20.42 13.83
CA GLU A 623 -27.56 20.33 13.76
C GLU A 623 -28.01 18.94 14.18
N ALA A 624 -27.25 17.92 13.84
CA ALA A 624 -27.67 16.57 14.20
C ALA A 624 -27.68 16.40 15.70
N GLN A 625 -26.62 16.82 16.36
CA GLN A 625 -26.57 16.65 17.80
C GLN A 625 -27.66 17.48 18.46
N LEU A 626 -27.91 18.67 17.94
CA LEU A 626 -28.95 19.50 18.51
C LEU A 626 -30.28 18.78 18.45
N ILE A 627 -30.57 18.18 17.30
CA ILE A 627 -31.82 17.44 17.18
C ILE A 627 -31.85 16.30 18.17
N ARG A 628 -30.72 15.63 18.36
CA ARG A 628 -30.74 14.50 19.28
C ARG A 628 -31.02 14.97 20.69
N GLN A 629 -30.45 16.10 21.08
CA GLN A 629 -30.80 16.67 22.38
C GLN A 629 -32.27 16.98 22.43
N MET A 630 -32.82 17.55 21.36
CA MET A 630 -34.24 17.84 21.35
C MET A 630 -35.04 16.61 21.69
N GLU A 631 -34.78 15.53 20.97
CA GLU A 631 -35.52 14.30 21.24
C GLU A 631 -35.33 13.87 22.66
N GLY A 632 -34.11 14.02 23.18
CA GLY A 632 -33.86 13.64 24.56
C GLY A 632 -34.73 14.39 25.53
N GLU A 633 -34.83 15.70 25.35
CA GLU A 633 -35.65 16.46 26.27
C GLU A 633 -37.11 16.29 26.02
N GLY A 634 -37.50 15.36 25.16
CA GLY A 634 -38.89 15.01 24.98
C GLY A 634 -39.67 15.92 24.06
N VAL A 635 -39.10 17.05 23.65
CA VAL A 635 -39.81 17.95 22.76
C VAL A 635 -40.20 17.29 21.46
N LEU A 636 -39.54 16.21 21.10
CA LEU A 636 -39.81 15.50 19.85
C LEU A 636 -40.17 14.07 20.16
N SER A 637 -41.18 13.57 19.48
CA SER A 637 -41.67 12.21 19.66
C SER A 637 -41.61 11.47 18.34
N LYS A 638 -41.98 10.21 18.37
CA LYS A 638 -42.12 9.46 17.13
C LYS A 638 -43.25 10.05 16.30
N THR A 639 -44.33 10.44 16.96
CA THR A 639 -45.45 11.02 16.22
C THR A 639 -45.02 12.26 15.47
N ASP A 640 -44.24 13.13 16.12
CA ASP A 640 -43.78 14.35 15.46
C ASP A 640 -42.94 14.00 14.25
N LEU A 641 -42.13 12.95 14.34
CA LEU A 641 -41.36 12.56 13.18
C LEU A 641 -42.25 12.07 12.07
N GLU A 642 -43.28 11.31 12.41
CA GLU A 642 -44.06 10.66 11.37
C GLU A 642 -44.85 11.66 10.52
N ASN A 643 -45.61 12.53 11.16
CA ASN A 643 -46.60 13.30 10.42
C ASN A 643 -45.92 14.24 9.42
N PRO A 644 -46.46 14.34 8.20
CA PRO A 644 -45.77 15.12 7.17
C PRO A 644 -45.66 16.59 7.50
N HIS A 645 -46.49 17.08 8.40
CA HIS A 645 -46.49 18.51 8.73
C HIS A 645 -46.70 18.63 10.24
N LEU A 646 -45.60 18.63 10.97
CA LEU A 646 -45.63 18.94 12.39
C LEU A 646 -45.51 20.44 12.57
N LEU A 647 -46.32 21.00 13.45
CA LEU A 647 -46.34 22.44 13.65
C LEU A 647 -44.97 22.96 14.07
N GLU A 648 -44.53 24.02 13.42
CA GLU A 648 -43.19 24.53 13.69
C GLU A 648 -43.11 25.36 14.94
N LYS A 649 -44.24 25.81 15.49
CA LYS A 649 -44.20 26.79 16.56
C LYS A 649 -43.47 26.24 17.78
N LYS A 650 -43.80 25.03 18.18
CA LYS A 650 -43.19 24.44 19.37
C LYS A 650 -41.68 24.34 19.20
N ILE A 651 -41.24 23.81 18.06
CA ILE A 651 -39.82 23.61 17.87
C ILE A 651 -39.11 24.95 17.82
N THR A 652 -39.66 25.91 17.09
CA THR A 652 -39.01 27.19 16.98
C THR A 652 -38.93 27.86 18.34
N GLN A 653 -39.99 27.72 19.14
CA GLN A 653 -39.94 28.27 20.48
C GLN A 653 -38.79 27.65 21.25
N TRP A 654 -38.70 26.32 21.21
CA TRP A 654 -37.64 25.68 21.97
C TRP A 654 -36.29 26.16 21.51
N LEU A 655 -36.12 26.29 20.20
CA LEU A 655 -34.84 26.78 19.69
C LEU A 655 -34.55 28.16 20.24
N GLU A 656 -35.41 29.13 19.92
CA GLU A 656 -35.10 30.50 20.29
C GLU A 656 -34.97 30.67 21.80
N THR A 657 -35.48 29.72 22.59
CA THR A 657 -35.32 29.86 24.02
C THR A 657 -34.06 29.20 24.56
N LYS A 658 -33.71 28.00 24.08
CA LYS A 658 -32.67 27.22 24.73
C LYS A 658 -31.55 26.82 23.79
N GLY A 659 -31.51 27.34 22.57
CA GLY A 659 -30.56 26.85 21.61
C GLY A 659 -29.13 27.17 22.00
N VAL A 660 -28.86 28.44 22.30
CA VAL A 660 -27.49 28.79 22.65
C VAL A 660 -27.05 28.02 23.87
N GLU A 661 -27.94 27.88 24.84
CA GLU A 661 -27.59 27.15 26.03
C GLU A 661 -27.23 25.72 25.69
N ARG A 662 -28.04 25.05 24.88
CA ARG A 662 -27.69 23.70 24.51
C ARG A 662 -26.39 23.67 23.75
N LEU A 663 -26.19 24.63 22.87
CA LEU A 663 -24.98 24.64 22.06
C LEU A 663 -23.75 24.69 22.95
N LYS A 664 -23.80 25.50 23.99
CA LYS A 664 -22.64 25.60 24.86
C LYS A 664 -22.33 24.30 25.57
N ARG A 665 -23.10 23.24 25.32
CA ARG A 665 -22.85 21.95 25.93
C ARG A 665 -22.15 20.99 24.99
N MET A 666 -21.48 21.49 23.97
CA MET A 666 -20.93 20.60 22.98
C MET A 666 -19.56 21.05 22.54
N ALA A 667 -18.77 20.09 22.09
CA ALA A 667 -17.57 20.36 21.33
C ALA A 667 -17.67 19.59 20.03
N ILE A 668 -17.60 20.28 18.92
CA ILE A 668 -17.84 19.64 17.64
C ILE A 668 -16.68 19.93 16.72
N SER A 669 -16.15 18.89 16.11
CA SER A 669 -15.08 19.07 15.13
C SER A 669 -15.26 18.01 14.08
N GLY A 670 -15.70 18.40 12.89
CA GLY A 670 -15.98 17.39 11.90
C GLY A 670 -17.00 16.41 12.43
N ASP A 671 -16.74 15.14 12.23
CA ASP A 671 -17.66 14.12 12.70
C ASP A 671 -17.44 13.78 14.14
N ASP A 672 -16.46 14.38 14.79
CA ASP A 672 -16.20 14.11 16.19
C ASP A 672 -17.07 15.02 17.03
N CYS A 673 -17.76 14.44 18.00
CA CYS A 673 -18.69 15.19 18.81
C CYS A 673 -18.49 14.82 20.26
N VAL A 674 -18.62 15.81 21.14
CA VAL A 674 -18.71 15.59 22.56
C VAL A 674 -19.91 16.36 23.05
N VAL A 675 -20.87 15.68 23.65
CA VAL A 675 -22.12 16.28 24.02
C VAL A 675 -22.44 15.93 25.45
N LYS A 676 -22.83 16.92 26.22
CA LYS A 676 -23.30 16.71 27.58
C LYS A 676 -24.72 17.21 27.69
N PRO A 677 -25.70 16.32 27.63
CA PRO A 677 -27.10 16.74 27.76
C PRO A 677 -27.43 16.98 29.22
N ILE A 678 -28.62 17.55 29.45
CA ILE A 678 -29.05 17.77 30.82
C ILE A 678 -29.32 16.44 31.52
N ASP A 679 -30.01 15.53 30.86
CA ASP A 679 -30.41 14.29 31.49
C ASP A 679 -30.13 13.12 30.56
N ASP A 680 -30.01 11.94 31.14
CA ASP A 680 -29.57 10.77 30.39
C ASP A 680 -30.63 10.20 29.46
N ARG A 681 -31.78 10.83 29.32
CA ARG A 681 -32.70 10.38 28.29
C ARG A 681 -32.09 10.55 26.90
N PHE A 682 -31.11 11.44 26.79
CA PHE A 682 -30.37 11.57 25.54
C PHE A 682 -29.71 10.26 25.14
N ALA A 683 -29.42 9.42 26.09
CA ALA A 683 -28.82 8.15 25.72
C ALA A 683 -29.79 7.24 25.13
N ASN A 684 -30.99 7.72 24.82
CA ASN A 684 -31.97 6.89 24.19
C ASN A 684 -32.62 7.55 22.99
N ALA A 685 -32.25 8.79 22.66
CA ALA A 685 -32.93 9.52 21.59
C ALA A 685 -32.44 9.04 20.24
N LEU A 686 -32.58 7.75 20.01
CA LEU A 686 -32.02 7.15 18.82
C LEU A 686 -32.94 7.22 17.62
N LEU A 687 -34.22 7.54 17.84
CA LEU A 687 -35.15 7.63 16.72
C LEU A 687 -34.65 8.61 15.68
N ALA A 688 -34.56 9.88 16.06
CA ALA A 688 -34.22 10.90 15.08
C ALA A 688 -32.85 10.64 14.48
N LEU A 689 -31.90 10.24 15.32
CA LEU A 689 -30.55 10.01 14.82
C LEU A 689 -30.55 8.98 13.72
N ASN A 690 -31.16 7.82 13.97
CA ASN A 690 -31.19 6.81 12.93
C ASN A 690 -31.96 7.29 11.72
N ASP A 691 -33.07 7.98 11.92
CA ASP A 691 -33.88 8.39 10.79
C ASP A 691 -33.11 9.34 9.90
N MET A 692 -32.29 10.20 10.50
CA MET A 692 -31.45 11.04 9.67
C MET A 692 -30.36 10.25 8.97
N GLY A 693 -30.14 9.00 9.37
CA GLY A 693 -29.16 8.18 8.71
C GLY A 693 -27.75 8.30 9.22
N LYS A 694 -27.53 8.86 10.40
CA LYS A 694 -26.19 8.94 10.97
C LYS A 694 -26.05 7.85 12.02
N VAL A 695 -25.74 6.66 11.57
CA VAL A 695 -25.66 5.52 12.47
C VAL A 695 -24.34 5.56 13.23
N ARG A 696 -24.41 5.25 14.52
CA ARG A 696 -23.21 5.21 15.33
C ARG A 696 -22.32 4.06 14.89
N LYS A 697 -21.10 4.04 15.39
CA LYS A 697 -20.14 3.04 14.98
C LYS A 697 -19.96 1.99 16.06
N ASP A 698 -20.01 0.73 15.66
CA ASP A 698 -19.71 -0.40 16.53
C ASP A 698 -20.63 -0.45 17.74
N ILE A 699 -21.92 -0.55 17.45
CA ILE A 699 -22.94 -0.78 18.46
C ILE A 699 -24.24 -1.08 17.75
N PRO A 700 -25.06 -1.99 18.25
CA PRO A 700 -26.30 -2.32 17.56
C PRO A 700 -27.23 -1.12 17.44
N GLN A 701 -28.04 -1.16 16.40
CA GLN A 701 -28.77 0.01 15.94
C GLN A 701 -29.79 0.52 16.94
N TRP A 702 -30.00 -0.14 18.06
CA TRP A 702 -30.91 0.42 19.04
C TRP A 702 -30.43 0.30 20.47
N GLN A 703 -29.26 -0.25 20.72
CA GLN A 703 -28.72 -0.25 22.07
C GLN A 703 -28.40 1.17 22.48
N PRO A 704 -28.68 1.55 23.73
CA PRO A 704 -28.47 2.93 24.14
C PRO A 704 -27.00 3.27 24.18
N SER A 705 -26.72 4.56 24.09
CA SER A 705 -25.33 5.02 24.18
C SER A 705 -24.81 4.78 25.59
N LYS A 706 -23.49 4.78 25.70
CA LYS A 706 -22.82 4.54 26.97
C LYS A 706 -21.91 5.72 27.25
N GLY A 707 -22.15 6.42 28.36
CA GLY A 707 -21.56 7.72 28.60
C GLY A 707 -20.61 7.71 29.79
N TRP A 708 -19.43 8.28 29.57
CA TRP A 708 -18.48 8.41 30.65
C TRP A 708 -18.90 9.53 31.59
N HIS A 709 -18.33 9.50 32.79
CA HIS A 709 -18.50 10.60 33.73
C HIS A 709 -17.23 11.36 34.00
N ASP A 710 -16.09 10.68 34.07
CA ASP A 710 -14.83 11.38 34.25
C ASP A 710 -14.41 11.95 32.91
N TRP A 711 -14.24 13.26 32.86
CA TRP A 711 -13.93 13.85 31.57
C TRP A 711 -12.54 13.53 31.10
N GLN A 712 -11.72 12.96 31.93
CA GLN A 712 -10.42 12.54 31.46
C GLN A 712 -10.47 11.20 30.77
N GLN A 713 -11.64 10.76 30.37
CA GLN A 713 -11.77 9.53 29.63
C GLN A 713 -12.48 9.68 28.31
N VAL A 714 -13.17 10.79 28.09
CA VAL A 714 -13.98 10.93 26.89
C VAL A 714 -13.07 11.13 25.68
N PRO A 715 -13.14 10.26 24.68
CA PRO A 715 -12.27 10.40 23.52
C PRO A 715 -12.75 11.50 22.60
N PHE A 716 -11.80 12.13 21.93
CA PHE A 716 -12.13 13.29 21.10
C PHE A 716 -10.99 13.53 20.14
N CYS A 717 -11.29 13.53 18.85
CA CYS A 717 -10.24 13.68 17.84
C CYS A 717 -9.11 12.69 18.08
N SER A 718 -9.46 11.46 18.39
CA SER A 718 -8.51 10.38 18.63
C SER A 718 -7.56 10.68 19.78
N HIS A 719 -7.94 11.54 20.70
CA HIS A 719 -7.19 11.73 21.92
C HIS A 719 -8.12 11.60 23.10
N HIS A 720 -7.53 11.34 24.26
CA HIS A 720 -8.17 11.63 25.52
C HIS A 720 -7.31 12.67 26.22
N PHE A 721 -7.75 13.14 27.38
CA PHE A 721 -7.01 14.22 28.02
C PHE A 721 -6.82 13.95 29.49
N HIS A 722 -5.62 14.24 29.98
CA HIS A 722 -5.29 14.03 31.38
C HIS A 722 -5.01 15.37 32.03
N GLU A 723 -5.23 15.42 33.33
CA GLU A 723 -4.93 16.59 34.13
C GLU A 723 -3.75 16.30 35.01
N LEU A 724 -2.80 17.21 35.05
CA LEU A 724 -1.58 17.05 35.82
C LEU A 724 -1.43 18.19 36.81
N ILE A 725 -0.71 17.91 37.89
CA ILE A 725 -0.39 18.91 38.88
C ILE A 725 1.10 19.17 38.79
N MET A 726 1.46 20.44 38.64
CA MET A 726 2.86 20.80 38.64
C MET A 726 3.39 20.89 40.06
N LYS A 727 4.67 21.19 40.19
CA LYS A 727 5.27 21.31 41.51
C LYS A 727 4.61 22.42 42.30
N ASP A 728 4.35 23.54 41.66
CA ASP A 728 3.67 24.66 42.31
C ASP A 728 2.22 24.39 42.56
N GLY A 729 1.70 23.25 42.15
CA GLY A 729 0.29 22.99 42.24
C GLY A 729 -0.52 23.52 41.08
N ARG A 730 0.09 24.28 40.18
CA ARG A 730 -0.60 24.70 38.99
C ARG A 730 -1.01 23.49 38.17
N LYS A 731 -2.23 23.52 37.65
CA LYS A 731 -2.77 22.39 36.93
C LYS A 731 -2.58 22.56 35.43
N LEU A 732 -2.34 21.45 34.77
CA LEU A 732 -2.21 21.41 33.33
C LEU A 732 -3.17 20.36 32.78
N VAL A 733 -3.59 20.56 31.55
CA VAL A 733 -4.42 19.59 30.84
C VAL A 733 -3.71 19.24 29.54
N VAL A 734 -3.38 17.99 29.36
CA VAL A 734 -2.55 17.62 28.22
C VAL A 734 -3.22 16.47 27.49
N PRO A 735 -2.88 16.29 26.22
CA PRO A 735 -3.51 15.24 25.43
C PRO A 735 -2.70 13.96 25.45
N CYS A 736 -3.40 12.85 25.52
CA CYS A 736 -2.78 11.55 25.60
C CYS A 736 -3.53 10.58 24.72
N ARG A 737 -2.78 9.76 23.99
CA ARG A 737 -3.32 8.69 23.18
C ARG A 737 -2.42 7.49 23.34
N PRO A 738 -2.95 6.30 23.24
CA PRO A 738 -2.14 5.11 23.49
C PRO A 738 -0.86 5.11 22.71
N GLN A 739 0.29 5.17 23.40
CA GLN A 739 1.53 5.59 22.78
C GLN A 739 1.86 4.77 21.55
N ASP A 740 1.48 3.49 21.54
CA ASP A 740 1.82 2.64 20.41
C ASP A 740 1.48 3.31 19.09
N GLU A 741 0.34 3.97 19.03
CA GLU A 741 0.01 4.72 17.84
C GLU A 741 1.04 5.80 17.60
N LEU A 742 1.46 6.49 18.64
CA LEU A 742 2.44 7.55 18.44
C LEU A 742 3.73 6.97 17.88
N ILE A 743 4.17 5.86 18.45
CA ILE A 743 5.42 5.26 18.05
C ILE A 743 5.35 4.80 16.60
N GLY A 744 4.30 4.08 16.26
CA GLY A 744 4.15 3.64 14.88
C GLY A 744 4.12 4.82 13.93
N ARG A 745 3.31 5.82 14.24
CA ARG A 745 3.20 6.94 13.34
C ARG A 745 4.51 7.68 13.21
N ALA A 746 5.43 7.52 14.13
CA ALA A 746 6.73 8.15 13.90
C ALA A 746 7.76 7.19 13.38
N ARG A 747 7.37 5.96 13.08
CA ARG A 747 8.28 5.02 12.45
C ARG A 747 7.99 4.85 10.97
N ILE A 748 7.09 5.65 10.42
CA ILE A 748 6.65 5.52 9.05
C ILE A 748 7.21 6.70 8.26
N SER A 749 8.05 6.40 7.29
CA SER A 749 8.77 7.45 6.56
C SER A 749 8.09 7.83 5.27
N GLN A 750 6.76 7.75 5.23
CA GLN A 750 6.02 8.17 4.05
C GLN A 750 6.41 9.59 3.69
N GLY A 751 6.18 9.98 2.45
CA GLY A 751 6.64 11.28 2.02
C GLY A 751 8.10 11.35 1.71
N ALA A 752 8.79 10.20 1.72
CA ALA A 752 10.19 10.14 1.33
C ALA A 752 10.45 8.73 0.83
N GLY A 753 10.91 8.61 -0.41
CA GLY A 753 11.25 7.30 -0.90
C GLY A 753 12.40 6.71 -0.12
N TRP A 754 13.61 7.26 -0.34
CA TRP A 754 14.81 6.82 0.39
C TRP A 754 15.74 8.02 0.44
N SER A 755 15.79 8.70 1.57
CA SER A 755 16.66 9.87 1.69
C SER A 755 16.98 10.05 3.17
N LEU A 756 18.16 9.58 3.57
CA LEU A 756 18.48 9.58 4.99
C LEU A 756 18.51 11.00 5.55
N LYS A 757 19.08 11.93 4.80
CA LYS A 757 19.00 13.32 5.22
C LYS A 757 17.56 13.73 5.46
N GLU A 758 16.64 13.19 4.69
CA GLU A 758 15.23 13.53 4.93
C GLU A 758 14.70 12.79 6.14
N THR A 759 14.91 11.48 6.20
CA THR A 759 14.28 10.70 7.25
C THR A 759 14.77 11.10 8.62
N ALA A 760 16.01 11.52 8.72
CA ALA A 760 16.48 12.04 9.98
C ALA A 760 15.73 13.29 10.37
N CYS A 761 15.51 14.19 9.43
CA CYS A 761 14.80 15.41 9.78
C CYS A 761 13.37 15.11 10.17
N LEU A 762 12.75 14.13 9.52
CA LEU A 762 11.42 13.75 9.95
C LEU A 762 11.45 13.23 11.37
N GLY A 763 12.45 12.43 11.70
CA GLY A 763 12.54 11.94 13.06
C GLY A 763 12.72 13.07 14.05
N LYS A 764 13.54 14.05 13.71
CA LYS A 764 13.71 15.16 14.64
C LYS A 764 12.41 15.90 14.81
N ALA A 765 11.66 16.08 13.73
CA ALA A 765 10.38 16.76 13.84
C ALA A 765 9.44 15.99 14.76
N TYR A 766 9.36 14.69 14.57
CA TYR A 766 8.52 13.91 15.46
C TYR A 766 8.97 14.05 16.89
N ALA A 767 10.28 14.06 17.12
CA ALA A 767 10.73 14.18 18.49
C ALA A 767 10.31 15.51 19.08
N GLN A 768 10.45 16.58 18.33
CA GLN A 768 10.09 17.86 18.89
C GLN A 768 8.60 17.91 19.19
N MET A 769 7.78 17.41 18.29
CA MET A 769 6.35 17.36 18.60
C MET A 769 6.11 16.54 19.86
N TRP A 770 6.88 15.49 20.05
CA TRP A 770 6.72 14.72 21.26
C TRP A 770 7.10 15.56 22.48
N ALA A 771 8.14 16.35 22.35
CA ALA A 771 8.58 17.18 23.47
C ALA A 771 7.64 18.34 23.70
N LEU A 772 6.73 18.59 22.79
CA LEU A 772 5.83 19.69 22.97
C LEU A 772 4.43 19.28 23.37
N MET A 773 3.91 18.18 22.83
CA MET A 773 2.56 17.78 23.12
C MET A 773 2.47 16.45 23.84
N TYR A 774 3.57 15.81 24.13
CA TYR A 774 3.44 14.54 24.81
C TYR A 774 4.51 14.36 25.85
N PHE A 775 5.05 15.46 26.35
CA PHE A 775 6.16 15.37 27.27
C PHE A 775 5.81 14.58 28.50
N HIS A 776 4.54 14.41 28.79
CA HIS A 776 4.19 13.77 30.03
C HIS A 776 4.23 12.26 29.95
N ARG A 777 4.63 11.70 28.83
CA ARG A 777 4.83 10.26 28.75
C ARG A 777 6.32 9.99 28.87
N ARG A 778 6.69 9.13 29.81
CA ARG A 778 8.11 8.97 30.10
C ARG A 778 8.85 8.46 28.87
N ASP A 779 8.40 7.34 28.33
CA ASP A 779 9.04 6.77 27.16
C ASP A 779 9.22 7.81 26.09
N LEU A 780 8.16 8.57 25.83
CA LEU A 780 8.26 9.56 24.79
C LEU A 780 9.33 10.59 25.10
N ARG A 781 9.41 11.04 26.34
CA ARG A 781 10.40 12.08 26.62
C ARG A 781 11.80 11.54 26.45
N LEU A 782 12.03 10.33 26.92
CA LEU A 782 13.35 9.73 26.76
C LEU A 782 13.70 9.60 25.29
N ALA A 783 12.77 9.05 24.52
CA ALA A 783 13.03 8.86 23.11
C ALA A 783 13.28 10.19 22.43
N SER A 784 12.51 11.21 22.79
CA SER A 784 12.69 12.49 22.15
C SER A 784 14.04 13.08 22.48
N ASN A 785 14.45 13.01 23.73
CA ASN A 785 15.75 13.54 24.07
C ASN A 785 16.83 12.82 23.29
N ALA A 786 16.73 11.49 23.22
CA ALA A 786 17.72 10.75 22.48
C ALA A 786 17.78 11.19 21.05
N ILE A 787 16.64 11.22 20.38
CA ILE A 787 16.63 11.59 18.97
C ILE A 787 17.20 12.98 18.79
N CYS A 788 16.75 13.93 19.58
CA CYS A 788 17.24 15.28 19.43
C CYS A 788 18.73 15.36 19.62
N SER A 789 19.28 14.52 20.48
CA SER A 789 20.72 14.49 20.62
C SER A 789 21.37 13.63 19.55
N ALA A 790 20.58 12.97 18.72
CA ALA A 790 21.10 12.00 17.77
C ALA A 790 20.99 12.47 16.32
N VAL A 791 20.84 13.78 16.12
CA VAL A 791 20.77 14.33 14.77
C VAL A 791 21.46 15.69 14.77
N PRO A 792 22.14 16.01 13.69
CA PRO A 792 22.80 17.31 13.60
C PRO A 792 21.95 18.43 14.15
N VAL A 793 22.56 19.36 14.85
CA VAL A 793 21.80 20.34 15.60
C VAL A 793 21.41 21.50 14.70
N HIS A 794 21.58 21.34 13.41
CA HIS A 794 21.18 22.38 12.50
C HIS A 794 20.37 21.85 11.32
N TRP A 795 19.98 20.58 11.37
CA TRP A 795 19.14 20.02 10.33
C TRP A 795 17.70 20.41 10.60
N VAL A 796 17.25 21.49 9.97
CA VAL A 796 15.91 21.99 10.22
C VAL A 796 14.88 21.02 9.64
N PRO A 797 13.95 20.53 10.43
CA PRO A 797 12.97 19.56 9.94
C PRO A 797 11.95 20.24 9.03
N THR A 798 11.18 19.39 8.37
CA THR A 798 10.12 19.80 7.46
C THR A 798 9.18 18.60 7.29
N SER A 799 8.32 18.63 6.27
CA SER A 799 7.48 17.49 5.97
C SER A 799 6.52 17.14 7.10
N ARG A 800 5.48 17.95 7.26
CA ARG A 800 4.58 17.95 8.41
C ARG A 800 4.35 16.58 9.01
N THR A 801 4.49 16.50 10.34
CA THR A 801 4.36 15.23 11.05
C THR A 801 2.93 14.76 11.14
N THR A 802 1.96 15.64 10.99
CA THR A 802 0.56 15.26 11.10
C THR A 802 -0.26 16.08 10.13
N TRP A 803 -1.44 15.57 9.82
CA TRP A 803 -2.34 16.27 8.92
C TRP A 803 -3.63 16.69 9.60
N SER A 804 -3.73 16.53 10.92
CA SER A 804 -4.91 17.00 11.61
C SER A 804 -5.03 18.50 11.49
N ILE A 805 -6.27 18.98 11.48
CA ILE A 805 -6.49 20.42 11.52
C ILE A 805 -6.15 21.01 12.87
N HIS A 806 -6.01 20.17 13.89
CA HIS A 806 -5.81 20.66 15.24
C HIS A 806 -4.35 20.64 15.65
N ALA A 807 -3.45 20.94 14.71
CA ALA A 807 -2.03 20.95 15.00
C ALA A 807 -1.43 22.22 14.42
N HIS A 808 -1.28 23.23 15.24
CA HIS A 808 -0.73 24.49 14.78
C HIS A 808 0.75 24.39 14.43
N HIS A 809 1.39 23.27 14.74
CA HIS A 809 2.79 23.03 14.39
C HIS A 809 3.70 24.08 15.00
N GLN A 810 3.74 24.10 16.32
CA GLN A 810 4.73 24.92 16.96
C GLN A 810 6.09 24.27 16.96
N TRP A 811 6.18 22.98 16.64
CA TRP A 811 7.44 22.29 16.76
C TRP A 811 8.23 22.27 15.46
N MET A 812 7.71 22.83 14.39
CA MET A 812 8.47 22.86 13.16
C MET A 812 9.48 23.98 13.12
N THR A 813 9.79 24.57 14.26
CA THR A 813 10.80 25.61 14.31
C THR A 813 12.16 24.98 14.51
N THR A 814 13.16 25.80 14.81
CA THR A 814 14.49 25.30 15.09
C THR A 814 14.99 25.81 16.43
N GLU A 815 14.11 26.28 17.30
CA GLU A 815 14.51 26.89 18.55
C GLU A 815 14.85 25.80 19.58
N ASP A 816 15.04 26.23 20.82
CA ASP A 816 15.32 25.33 21.92
C ASP A 816 13.99 25.02 22.58
N MET A 817 13.72 23.75 22.79
CA MET A 817 12.37 23.35 23.15
C MET A 817 11.89 24.08 24.38
N LEU A 818 12.68 24.09 25.44
CA LEU A 818 12.19 24.55 26.73
C LEU A 818 11.50 25.89 26.61
N THR A 819 12.11 26.84 25.92
CA THR A 819 11.48 28.14 25.78
C THR A 819 10.17 28.04 25.04
N VAL A 820 10.12 27.23 23.98
CA VAL A 820 8.91 27.14 23.20
C VAL A 820 7.82 26.45 24.00
N TRP A 821 8.18 25.46 24.79
CA TRP A 821 7.22 24.85 25.69
C TRP A 821 6.65 25.89 26.63
N ASN A 822 7.51 26.76 27.16
CA ASN A 822 6.99 27.83 28.00
C ASN A 822 6.02 28.70 27.24
N ARG A 823 6.36 29.05 26.00
CA ARG A 823 5.48 29.91 25.24
C ARG A 823 4.15 29.23 24.98
N VAL A 824 4.17 27.94 24.71
CA VAL A 824 2.97 27.24 24.29
C VAL A 824 2.05 27.04 25.47
N TRP A 825 2.58 26.60 26.59
CA TRP A 825 1.71 26.22 27.69
C TRP A 825 1.64 27.23 28.81
N ILE A 826 2.66 28.04 29.01
CA ILE A 826 2.69 28.96 30.12
C ILE A 826 2.25 30.35 29.71
N GLU A 827 2.91 30.93 28.73
CA GLU A 827 2.63 32.31 28.37
C GLU A 827 1.24 32.44 27.80
N ASP A 828 0.97 31.76 26.70
CA ASP A 828 -0.23 32.01 25.90
C ASP A 828 -1.33 31.00 26.14
N ASN A 829 -1.48 30.55 27.37
CA ASN A 829 -2.58 29.66 27.71
C ASN A 829 -3.58 30.41 28.56
N PRO A 830 -4.78 30.70 28.05
CA PRO A 830 -5.73 31.49 28.84
C PRO A 830 -6.14 30.85 30.13
N TRP A 831 -6.04 29.53 30.25
CA TRP A 831 -6.38 28.90 31.51
C TRP A 831 -5.21 28.86 32.47
N MET A 832 -4.19 29.68 32.25
CA MET A 832 -3.00 29.71 33.08
C MET A 832 -2.98 31.05 33.81
N GLU A 833 -3.54 31.08 35.01
CA GLU A 833 -3.58 32.32 35.78
C GLU A 833 -2.19 32.77 36.17
N ASP A 834 -1.41 31.89 36.77
CA ASP A 834 -0.08 32.23 37.25
C ASP A 834 0.92 31.99 36.12
N LYS A 835 1.57 33.06 35.66
CA LYS A 835 2.43 32.98 34.48
C LYS A 835 3.90 32.88 34.83
N THR A 836 4.26 32.17 35.89
CA THR A 836 5.67 32.03 36.23
C THR A 836 6.32 30.97 35.36
N PRO A 837 7.30 31.32 34.55
CA PRO A 837 7.86 30.36 33.60
C PRO A 837 8.62 29.25 34.28
N VAL A 838 8.53 28.06 33.69
CA VAL A 838 9.38 26.96 34.11
C VAL A 838 10.79 27.25 33.64
N THR A 839 11.77 26.67 34.33
CA THR A 839 13.18 26.95 34.07
C THR A 839 13.98 25.76 33.57
N THR A 840 13.57 24.54 33.88
CA THR A 840 14.31 23.36 33.45
C THR A 840 13.35 22.19 33.31
N TRP A 841 13.78 21.18 32.58
CA TRP A 841 12.86 20.09 32.29
C TRP A 841 12.73 19.23 33.53
N GLU A 842 12.48 19.83 34.61
CA GLU A 842 12.30 19.10 35.85
C GLU A 842 10.99 19.46 36.52
N ASP A 843 10.58 20.72 36.42
CA ASP A 843 9.25 21.06 36.88
C ASP A 843 8.18 20.57 35.92
N VAL A 844 8.56 20.15 34.73
CA VAL A 844 7.59 19.67 33.75
C VAL A 844 6.98 18.39 34.25
N PRO A 845 5.70 18.31 34.38
CA PRO A 845 5.11 17.20 35.12
C PRO A 845 5.21 15.87 34.42
N TYR A 846 4.66 14.85 35.03
CA TYR A 846 4.73 13.50 34.51
C TYR A 846 3.45 12.78 34.84
N LEU A 847 2.95 11.98 33.90
CA LEU A 847 1.79 11.19 34.20
C LEU A 847 2.11 10.24 35.34
N GLY A 848 1.12 10.01 36.21
CA GLY A 848 1.32 9.07 37.30
C GLY A 848 1.64 7.69 36.79
N LYS A 849 2.50 7.00 37.55
CA LYS A 849 3.10 5.77 37.05
C LYS A 849 2.04 4.78 36.58
N ARG A 850 1.05 4.52 37.42
CA ARG A 850 0.03 3.57 37.00
C ARG A 850 -0.75 4.09 35.81
N GLU A 851 -1.01 5.39 35.77
CA GLU A 851 -1.71 5.94 34.62
C GLU A 851 -0.89 5.76 33.35
N ASP A 852 0.39 6.06 33.43
CA ASP A 852 1.22 5.88 32.26
C ASP A 852 1.21 4.43 31.81
N GLN A 853 1.28 3.50 32.76
CA GLN A 853 1.21 2.10 32.35
C GLN A 853 -0.11 1.79 31.70
N TRP A 854 -1.19 2.34 32.24
CA TRP A 854 -2.50 2.04 31.71
C TRP A 854 -2.68 2.55 30.30
N CYS A 855 -1.90 3.56 29.90
CA CYS A 855 -1.98 4.04 28.52
C CYS A 855 -0.85 3.51 27.66
N GLY A 856 -0.46 2.27 27.85
CA GLY A 856 0.42 1.61 26.90
C GLY A 856 1.90 1.80 27.09
N SER A 857 2.35 2.35 28.21
CA SER A 857 3.78 2.57 28.37
C SER A 857 4.49 1.26 28.70
N LEU A 858 5.72 1.15 28.23
CA LEU A 858 6.50 -0.04 28.42
C LEU A 858 7.35 -0.02 29.68
N ILE A 859 7.01 0.81 30.66
CA ILE A 859 7.86 0.88 31.83
C ILE A 859 7.68 -0.38 32.67
N GLY A 860 8.71 -0.71 33.42
CA GLY A 860 8.69 -1.88 34.27
C GLY A 860 9.10 -3.17 33.60
N LEU A 861 9.42 -3.14 32.31
CA LEU A 861 9.79 -4.36 31.60
C LEU A 861 11.27 -4.34 31.25
N THR A 862 11.90 -5.50 31.32
CA THR A 862 13.34 -5.56 31.29
C THR A 862 13.89 -4.97 30.00
N SER A 863 13.22 -5.23 28.89
CA SER A 863 13.68 -4.69 27.62
C SER A 863 13.87 -3.19 27.72
N ARG A 864 12.85 -2.50 28.20
CA ARG A 864 12.96 -1.06 28.34
C ARG A 864 14.10 -0.71 29.28
N ALA A 865 14.32 -1.52 30.30
CA ALA A 865 15.37 -1.19 31.25
C ALA A 865 16.71 -1.17 30.56
N THR A 866 17.02 -2.22 29.80
CA THR A 866 18.30 -2.25 29.14
C THR A 866 18.41 -1.13 28.14
N TRP A 867 17.33 -0.88 27.41
CA TRP A 867 17.31 0.23 26.46
C TRP A 867 17.68 1.53 27.18
N ALA A 868 16.89 1.87 28.17
CA ALA A 868 17.12 2.99 29.06
C ALA A 868 18.57 3.08 29.44
N GLN A 869 19.22 1.95 29.67
CA GLN A 869 20.60 2.04 30.08
C GLN A 869 21.53 2.37 28.92
N ASN A 870 21.25 1.84 27.73
CA ASN A 870 22.26 1.84 26.67
C ASN A 870 21.88 2.74 25.51
N ILE A 871 20.90 3.60 25.71
CA ILE A 871 20.60 4.60 24.71
C ILE A 871 21.84 5.39 24.33
N LEU A 872 22.80 5.51 25.24
CA LEU A 872 24.02 6.23 24.88
C LEU A 872 24.74 5.55 23.73
N THR A 873 24.90 4.23 23.80
CA THR A 873 25.52 3.53 22.69
C THR A 873 24.67 3.64 21.44
N ALA A 874 23.36 3.53 21.59
CA ALA A 874 22.52 3.61 20.41
C ALA A 874 22.72 4.93 19.70
N ILE A 875 22.70 6.02 20.45
CA ILE A 875 22.93 7.32 19.87
C ILE A 875 24.30 7.38 19.24
N GLN A 876 25.29 6.81 19.90
CA GLN A 876 26.63 6.87 19.34
C GLN A 876 26.66 6.21 17.97
N GLN A 877 26.04 5.05 17.88
CA GLN A 877 25.99 4.33 16.62
C GLN A 877 25.29 5.14 15.55
N VAL A 878 24.17 5.78 15.91
CA VAL A 878 23.44 6.53 14.90
C VAL A 878 24.22 7.76 14.47
N ARG A 879 24.82 8.47 15.43
CA ARG A 879 25.67 9.59 15.06
C ARG A 879 26.75 9.13 14.11
N SER A 880 27.37 8.00 14.40
CA SER A 880 28.39 7.48 13.52
C SER A 880 27.85 7.33 12.12
N LEU A 881 26.73 6.65 12.01
CA LEU A 881 26.12 6.45 10.71
C LEU A 881 25.94 7.76 9.98
N ILE A 882 25.60 8.81 10.72
CA ILE A 882 25.33 10.08 10.07
C ILE A 882 26.60 10.70 9.51
N GLY A 883 27.65 10.76 10.32
CA GLY A 883 28.86 11.34 9.79
C GLY A 883 29.63 12.27 10.71
N ASN A 884 29.84 13.51 10.30
CA ASN A 884 30.73 14.42 10.99
C ASN A 884 30.08 15.73 11.40
N GLU A 885 28.77 15.86 11.24
CA GLU A 885 28.13 17.10 11.66
C GLU A 885 28.06 17.17 13.18
N GLU A 886 27.69 18.33 13.69
CA GLU A 886 27.70 18.55 15.13
C GLU A 886 26.69 17.66 15.83
N PHE A 887 26.86 17.52 17.13
CA PHE A 887 25.98 16.67 17.91
C PHE A 887 25.91 17.21 19.33
N LEU A 888 24.83 17.90 19.64
CA LEU A 888 24.60 18.27 21.03
C LEU A 888 23.99 17.10 21.78
N ASP A 889 24.04 17.19 23.10
CA ASP A 889 23.57 16.12 23.97
C ASP A 889 22.44 16.66 24.82
N TYR A 890 21.24 16.15 24.61
CA TYR A 890 20.11 16.55 25.43
C TYR A 890 19.82 15.56 26.54
N MET A 891 20.62 14.52 26.67
CA MET A 891 20.38 13.59 27.75
C MET A 891 20.51 14.20 29.13
N PRO A 892 21.47 15.07 29.42
CA PRO A 892 21.59 15.56 30.80
C PRO A 892 20.40 16.37 31.27
N SER A 893 19.44 16.59 30.40
CA SER A 893 18.20 17.23 30.85
C SER A 893 17.42 16.32 31.78
N MET A 894 17.65 15.02 31.76
CA MET A 894 16.97 14.13 32.67
C MET A 894 17.90 13.81 33.83
N LYS A 895 17.31 13.66 35.02
CA LYS A 895 18.10 13.47 36.22
C LYS A 895 18.63 12.05 36.28
N ARG A 896 18.58 11.35 35.16
CA ARG A 896 19.12 10.01 35.08
C ARG A 896 20.51 9.98 34.47
N PHE A 897 20.92 11.04 33.80
CA PHE A 897 22.17 11.02 33.06
C PHE A 897 23.13 12.11 33.50
N ARG A 898 22.92 12.67 34.68
CA ARG A 898 23.79 13.74 35.13
C ARG A 898 25.02 13.16 35.81
N LEU B 233 18.58 20.40 -15.74
CA LEU B 233 18.92 19.44 -14.70
C LEU B 233 18.89 20.08 -13.33
N GLU B 234 18.25 19.43 -12.36
CA GLU B 234 18.21 19.95 -11.01
C GLU B 234 19.60 19.90 -10.40
N GLU B 235 20.24 21.07 -10.31
CA GLU B 235 21.62 21.12 -9.82
C GLU B 235 21.71 20.70 -8.36
N GLU B 236 20.65 20.93 -7.57
CA GLU B 236 20.69 20.54 -6.18
C GLU B 236 20.93 19.05 -6.03
N MET B 237 20.55 18.26 -7.03
CA MET B 237 20.79 16.82 -6.99
C MET B 237 22.24 16.49 -6.75
N PHE B 238 23.14 17.45 -6.92
CA PHE B 238 24.56 17.21 -6.78
C PHE B 238 25.07 17.53 -5.38
N LYS B 239 24.17 17.78 -4.44
CA LYS B 239 24.57 17.91 -3.05
C LYS B 239 24.92 16.56 -2.48
N LYS B 240 25.86 16.54 -1.55
CA LYS B 240 26.15 15.32 -0.85
C LYS B 240 24.94 14.93 -0.01
N ARG B 241 25.03 13.76 0.62
CA ARG B 241 23.90 13.20 1.37
C ARG B 241 22.64 13.26 0.52
N ASN B 242 22.78 12.91 -0.75
CA ASN B 242 21.64 12.90 -1.66
C ASN B 242 21.80 11.76 -2.67
N LEU B 243 20.93 10.77 -2.58
CA LEU B 243 20.88 9.68 -3.53
C LEU B 243 19.51 9.69 -4.17
N THR B 244 19.48 9.71 -5.50
CA THR B 244 18.23 9.79 -6.23
C THR B 244 18.16 8.70 -7.28
N ILE B 245 17.05 7.95 -7.27
CA ILE B 245 16.72 7.07 -8.38
C ILE B 245 15.99 7.90 -9.43
N MET B 246 16.62 8.13 -10.56
CA MET B 246 15.92 8.71 -11.69
C MET B 246 15.58 7.59 -12.66
N ASP B 247 14.78 7.92 -13.66
CA ASP B 247 14.32 6.88 -14.57
C ASP B 247 14.00 7.50 -15.92
N LEU B 248 13.93 6.63 -16.92
CA LEU B 248 13.46 7.02 -18.25
C LEU B 248 13.07 5.76 -18.98
N HIS B 249 11.80 5.66 -19.37
CA HIS B 249 11.33 4.43 -19.98
C HIS B 249 12.16 4.15 -21.23
N PRO B 250 12.35 2.86 -21.58
CA PRO B 250 13.47 2.46 -22.46
C PRO B 250 13.76 3.41 -23.60
N GLY B 251 15.05 3.60 -23.87
CA GLY B 251 15.46 4.66 -24.76
C GLY B 251 15.32 5.98 -24.05
N SER B 252 14.54 6.90 -24.64
CA SER B 252 14.25 8.20 -24.05
C SER B 252 15.49 9.07 -23.94
N GLY B 253 16.62 8.57 -24.42
CA GLY B 253 17.88 9.26 -24.25
C GLY B 253 18.47 9.15 -22.87
N LYS B 254 17.97 8.22 -22.04
CA LYS B 254 18.55 8.02 -20.71
C LYS B 254 20.05 7.84 -20.82
N THR B 255 20.50 7.03 -21.77
CA THR B 255 21.90 7.01 -22.14
C THR B 255 22.18 7.88 -23.35
N ARG B 256 21.31 7.82 -24.36
CA ARG B 256 21.60 8.51 -25.61
C ARG B 256 21.66 10.01 -25.45
N LYS B 257 20.92 10.57 -24.50
CA LYS B 257 20.89 12.02 -24.32
C LYS B 257 21.38 12.47 -22.95
N TYR B 258 20.80 11.96 -21.87
CA TYR B 258 21.03 12.54 -20.56
C TYR B 258 22.46 12.31 -20.09
N LEU B 259 22.93 11.08 -20.15
CA LEU B 259 24.16 10.71 -19.45
C LEU B 259 25.36 11.55 -19.86
N PRO B 260 25.60 11.81 -21.15
CA PRO B 260 26.73 12.69 -21.48
C PRO B 260 26.60 14.06 -20.87
N ALA B 261 25.38 14.60 -20.84
CA ALA B 261 25.20 15.91 -20.22
C ALA B 261 25.46 15.85 -18.73
N ILE B 262 25.04 14.77 -18.08
CA ILE B 262 25.28 14.62 -16.65
C ILE B 262 26.78 14.61 -16.37
N VAL B 263 27.52 13.84 -17.17
CA VAL B 263 28.95 13.81 -16.99
C VAL B 263 29.56 15.17 -17.28
N ARG B 264 28.98 15.88 -18.26
CA ARG B 264 29.46 17.22 -18.57
C ARG B 264 29.29 18.16 -17.39
N GLU B 265 28.12 18.10 -16.76
CA GLU B 265 27.88 18.93 -15.58
C GLU B 265 28.85 18.57 -14.47
N ALA B 266 29.04 17.27 -14.22
CA ALA B 266 29.94 16.86 -13.15
C ALA B 266 31.36 17.33 -13.44
N ILE B 267 31.76 17.29 -14.71
CA ILE B 267 33.08 17.80 -15.07
C ILE B 267 33.16 19.30 -14.83
N LYS B 268 32.13 20.03 -15.23
CA LYS B 268 32.11 21.46 -14.96
C LYS B 268 32.13 21.72 -13.46
N ARG B 269 31.37 20.95 -12.70
CA ARG B 269 31.45 21.04 -11.26
C ARG B 269 32.69 20.35 -10.70
N ARG B 270 33.53 19.79 -11.56
CA ARG B 270 34.86 19.32 -11.17
C ARG B 270 34.79 18.27 -10.07
N LEU B 271 33.95 17.27 -10.28
CA LEU B 271 33.65 16.28 -9.25
C LEU B 271 34.29 14.96 -9.63
N ARG B 272 35.13 14.44 -8.75
CA ARG B 272 35.65 13.09 -8.91
C ARG B 272 34.49 12.10 -8.89
N THR B 273 34.29 11.40 -10.00
CA THR B 273 33.06 10.67 -10.22
C THR B 273 33.35 9.25 -10.68
N LEU B 274 32.44 8.35 -10.36
CA LEU B 274 32.50 6.98 -10.85
C LEU B 274 31.21 6.66 -11.60
N ILE B 275 31.31 5.77 -12.59
CA ILE B 275 30.16 5.25 -13.31
C ILE B 275 30.19 3.73 -13.27
N LEU B 276 29.03 3.14 -13.03
CA LEU B 276 28.91 1.69 -12.88
C LEU B 276 27.99 1.14 -13.94
N ALA B 277 28.47 0.10 -14.62
CA ALA B 277 27.76 -0.55 -15.70
C ALA B 277 27.51 -2.01 -15.36
N PRO B 278 26.44 -2.57 -15.85
CA PRO B 278 26.13 -3.97 -15.52
C PRO B 278 26.98 -4.98 -16.26
N THR B 279 27.18 -4.81 -17.55
CA THR B 279 27.82 -5.85 -18.34
C THR B 279 28.71 -5.22 -19.40
N ARG B 280 29.61 -6.04 -19.92
CA ARG B 280 30.56 -5.57 -20.93
C ARG B 280 29.83 -4.94 -22.10
N VAL B 281 28.73 -5.54 -22.54
CA VAL B 281 27.99 -4.99 -23.67
C VAL B 281 27.47 -3.60 -23.35
N VAL B 282 26.82 -3.45 -22.20
CA VAL B 282 26.33 -2.14 -21.80
C VAL B 282 27.50 -1.19 -21.64
N ALA B 283 28.63 -1.70 -21.18
CA ALA B 283 29.81 -0.86 -21.07
C ALA B 283 30.22 -0.31 -22.43
N ALA B 284 30.21 -1.17 -23.45
CA ALA B 284 30.58 -0.70 -24.78
C ALA B 284 29.57 0.30 -25.30
N GLU B 285 28.30 0.08 -25.02
CA GLU B 285 27.29 1.04 -25.45
C GLU B 285 27.54 2.40 -24.83
N MET B 286 27.83 2.42 -23.53
CA MET B 286 28.12 3.68 -22.86
C MET B 286 29.39 4.31 -23.42
N GLU B 287 30.37 3.48 -23.76
CA GLU B 287 31.59 3.98 -24.38
C GLU B 287 31.28 4.68 -25.68
N GLU B 288 30.41 4.08 -26.49
CA GLU B 288 30.01 4.71 -27.73
C GLU B 288 29.29 6.02 -27.46
N ALA B 289 28.43 6.04 -26.44
CA ALA B 289 27.67 7.24 -26.14
C ALA B 289 28.49 8.28 -25.39
N LEU B 290 29.71 7.96 -24.99
CA LEU B 290 30.55 8.86 -24.21
C LEU B 290 31.67 9.44 -25.05
N LYS B 291 31.38 9.76 -26.29
CA LYS B 291 32.39 10.25 -27.22
C LYS B 291 32.70 11.71 -26.89
N GLY B 292 33.95 11.98 -26.56
CA GLY B 292 34.41 13.34 -26.33
C GLY B 292 34.87 13.63 -24.92
N LEU B 293 34.14 13.12 -23.93
CA LEU B 293 34.50 13.42 -22.54
C LEU B 293 35.62 12.48 -22.07
N PRO B 294 36.56 12.99 -21.27
CA PRO B 294 37.63 12.12 -20.77
C PRO B 294 37.13 11.12 -19.73
N ILE B 295 37.12 9.84 -20.09
CA ILE B 295 36.64 8.79 -19.21
C ILE B 295 37.70 7.70 -19.11
N ARG B 296 38.03 7.29 -17.89
CA ARG B 296 39.00 6.24 -17.65
C ARG B 296 38.29 4.91 -17.81
N TYR B 297 38.32 4.38 -19.03
CA TYR B 297 37.65 3.12 -19.34
C TYR B 297 38.44 1.97 -18.76
N GLN B 298 38.00 1.47 -17.60
CA GLN B 298 38.70 0.35 -17.00
C GLN B 298 38.04 -0.96 -17.38
N HIS B 306 43.08 3.42 -21.87
CA HIS B 306 43.07 4.76 -21.31
C HIS B 306 44.47 5.38 -21.38
N THR B 307 44.59 6.61 -20.89
CA THR B 307 45.87 7.29 -20.81
C THR B 307 46.31 7.55 -19.39
N GLY B 308 45.52 8.26 -18.60
CA GLY B 308 45.84 8.49 -17.20
C GLY B 308 45.47 9.87 -16.70
N LYS B 309 45.32 9.98 -15.37
CA LYS B 309 45.07 11.22 -14.67
C LYS B 309 43.78 11.91 -15.13
N GLU B 310 42.71 11.13 -15.19
CA GLU B 310 41.38 11.70 -15.38
C GLU B 310 40.79 12.06 -14.03
N ILE B 311 39.49 12.35 -14.00
CA ILE B 311 38.76 12.59 -12.77
C ILE B 311 37.62 11.59 -12.60
N VAL B 312 36.90 11.30 -13.67
CA VAL B 312 35.72 10.46 -13.64
C VAL B 312 36.04 9.17 -14.36
N ASP B 313 35.76 8.05 -13.73
CA ASP B 313 36.06 6.74 -14.29
C ASP B 313 34.78 5.96 -14.59
N LEU B 314 34.91 4.93 -15.40
CA LEU B 314 33.78 4.08 -15.75
C LEU B 314 34.20 2.62 -15.69
N MET B 315 33.35 1.78 -15.11
CA MET B 315 33.68 0.37 -15.02
C MET B 315 32.43 -0.44 -14.77
N CYS B 316 32.54 -1.75 -14.97
CA CYS B 316 31.40 -2.61 -14.70
C CYS B 316 31.17 -2.69 -13.20
N HIS B 317 29.91 -2.90 -12.82
CA HIS B 317 29.54 -2.89 -11.41
C HIS B 317 30.32 -3.93 -10.63
N ALA B 318 30.35 -5.16 -11.13
CA ALA B 318 31.07 -6.21 -10.42
C ALA B 318 32.54 -5.84 -10.27
N THR B 319 33.10 -5.12 -11.24
CA THR B 319 34.49 -4.69 -11.11
C THR B 319 34.65 -3.79 -9.90
N PHE B 320 33.73 -2.86 -9.70
CA PHE B 320 33.78 -2.03 -8.52
C PHE B 320 33.65 -2.86 -7.26
N THR B 321 32.75 -3.83 -7.27
CA THR B 321 32.60 -4.71 -6.11
C THR B 321 33.92 -5.37 -5.76
N MET B 322 34.54 -6.02 -6.74
CA MET B 322 35.77 -6.75 -6.47
C MET B 322 36.87 -5.82 -6.03
N ARG B 323 37.02 -4.68 -6.72
CA ARG B 323 38.06 -3.74 -6.35
C ARG B 323 37.85 -3.25 -4.93
N LEU B 324 36.59 -3.11 -4.52
CA LEU B 324 36.31 -2.76 -3.14
C LEU B 324 36.74 -3.88 -2.20
N LEU B 325 36.45 -5.13 -2.57
CA LEU B 325 36.79 -6.23 -1.68
C LEU B 325 38.30 -6.33 -1.50
N SER B 326 39.06 -6.11 -2.56
CA SER B 326 40.51 -6.20 -2.46
C SER B 326 41.02 -5.09 -1.54
N PRO B 327 41.85 -5.42 -0.57
CA PRO B 327 42.30 -4.41 0.39
C PRO B 327 43.25 -3.38 -0.21
N VAL B 328 42.73 -2.59 -1.14
CA VAL B 328 43.32 -1.32 -1.52
C VAL B 328 42.27 -0.25 -1.26
N ARG B 329 42.66 0.82 -0.57
CA ARG B 329 41.70 1.84 -0.17
C ARG B 329 40.93 2.34 -1.38
N VAL B 330 39.63 2.08 -1.40
CA VAL B 330 38.84 2.38 -2.60
C VAL B 330 38.91 3.87 -2.89
N PRO B 331 39.04 4.28 -4.13
CA PRO B 331 39.16 5.72 -4.41
C PRO B 331 37.93 6.47 -3.95
N ASN B 332 38.15 7.67 -3.43
CA ASN B 332 37.05 8.48 -2.92
C ASN B 332 36.42 9.25 -4.07
N TYR B 333 35.27 8.78 -4.55
CA TYR B 333 34.52 9.50 -5.55
C TYR B 333 33.47 10.37 -4.86
N ASN B 334 33.31 11.60 -5.35
CA ASN B 334 32.24 12.44 -4.82
C ASN B 334 30.89 11.99 -5.34
N LEU B 335 30.79 11.66 -6.62
CA LEU B 335 29.52 11.32 -7.22
C LEU B 335 29.60 9.96 -7.89
N ILE B 336 28.48 9.24 -7.91
CA ILE B 336 28.44 7.89 -8.46
C ILE B 336 27.17 7.72 -9.27
N ILE B 337 27.32 7.48 -10.55
CA ILE B 337 26.19 7.15 -11.42
C ILE B 337 26.18 5.66 -11.60
N MET B 338 25.01 5.05 -11.52
CA MET B 338 24.91 3.60 -11.64
C MET B 338 23.74 3.26 -12.56
N ASP B 339 24.03 2.57 -13.66
CA ASP B 339 22.97 2.23 -14.57
C ASP B 339 22.38 0.87 -14.20
N GLU B 340 21.24 0.55 -14.82
CA GLU B 340 20.63 -0.78 -14.73
C GLU B 340 20.51 -1.24 -13.29
N ALA B 341 20.08 -0.33 -12.41
CA ALA B 341 20.13 -0.59 -10.98
C ALA B 341 19.22 -1.73 -10.55
N HIS B 342 18.31 -2.18 -11.40
CA HIS B 342 17.50 -3.34 -11.05
C HIS B 342 18.19 -4.64 -11.38
N PHE B 343 19.51 -4.63 -11.48
CA PHE B 343 20.23 -5.83 -11.83
C PHE B 343 20.21 -6.83 -10.68
N THR B 344 20.60 -8.06 -10.98
CA THR B 344 20.48 -9.16 -10.04
C THR B 344 21.80 -9.76 -9.63
N ASP B 345 22.92 -9.28 -10.15
CA ASP B 345 24.19 -9.82 -9.72
C ASP B 345 24.44 -9.48 -8.25
N PRO B 346 24.88 -10.44 -7.45
CA PRO B 346 25.15 -10.12 -6.05
C PRO B 346 26.14 -8.99 -5.91
N ALA B 347 27.13 -8.93 -6.81
CA ALA B 347 28.04 -7.81 -6.79
C ALA B 347 27.30 -6.52 -7.02
N SER B 348 26.28 -6.55 -7.87
CA SER B 348 25.49 -5.34 -8.12
C SER B 348 24.73 -4.93 -6.87
N ILE B 349 24.12 -5.89 -6.19
CA ILE B 349 23.38 -5.56 -4.98
C ILE B 349 24.33 -4.96 -3.95
N ALA B 350 25.50 -5.56 -3.80
CA ALA B 350 26.45 -5.04 -2.83
C ALA B 350 26.95 -3.67 -3.23
N ALA B 351 27.12 -3.42 -4.52
CA ALA B 351 27.54 -2.09 -4.94
C ALA B 351 26.49 -1.06 -4.59
N ARG B 352 25.22 -1.40 -4.81
CA ARG B 352 24.15 -0.51 -4.40
C ARG B 352 24.21 -0.24 -2.90
N GLY B 353 24.36 -1.31 -2.12
CA GLY B 353 24.42 -1.13 -0.68
C GLY B 353 25.55 -0.23 -0.26
N TYR B 354 26.73 -0.46 -0.81
CA TYR B 354 27.88 0.33 -0.43
C TYR B 354 27.69 1.79 -0.80
N ILE B 355 27.17 2.04 -2.01
CA ILE B 355 26.98 3.41 -2.43
C ILE B 355 25.98 4.10 -1.51
N SER B 356 24.90 3.40 -1.18
CA SER B 356 23.90 3.99 -0.28
C SER B 356 24.54 4.31 1.06
N THR B 357 25.32 3.39 1.59
CA THR B 357 25.93 3.64 2.89
C THR B 357 26.91 4.79 2.82
N ARG B 358 27.62 4.91 1.70
CA ARG B 358 28.56 6.02 1.58
C ARG B 358 27.82 7.35 1.52
N VAL B 359 26.66 7.37 0.88
CA VAL B 359 25.84 8.58 0.92
C VAL B 359 25.44 8.86 2.36
N GLY B 360 24.97 7.84 3.07
CA GLY B 360 24.62 8.02 4.46
C GLY B 360 25.79 8.49 5.29
N MET B 361 27.00 8.13 4.90
CA MET B 361 28.16 8.69 5.58
C MET B 361 28.27 10.18 5.38
N GLY B 362 27.51 10.74 4.45
CA GLY B 362 27.54 12.16 4.24
C GLY B 362 28.66 12.63 3.37
N GLU B 363 29.29 11.74 2.61
CA GLU B 363 30.39 12.10 1.73
C GLU B 363 30.20 11.48 0.37
N ALA B 364 28.99 11.61 -0.17
CA ALA B 364 28.71 11.01 -1.46
C ALA B 364 27.46 11.63 -2.04
N ALA B 365 27.31 11.48 -3.35
CA ALA B 365 26.08 11.79 -4.05
C ALA B 365 25.83 10.69 -5.05
N ALA B 366 24.62 10.17 -5.10
CA ALA B 366 24.35 8.96 -5.85
C ALA B 366 23.20 9.16 -6.82
N ILE B 367 23.31 8.54 -7.99
CA ILE B 367 22.31 8.68 -9.03
C ILE B 367 22.11 7.30 -9.65
N PHE B 368 20.98 6.68 -9.37
CA PHE B 368 20.69 5.36 -9.96
C PHE B 368 19.75 5.59 -11.13
N MET B 369 20.22 5.29 -12.33
CA MET B 369 19.44 5.55 -13.54
C MET B 369 18.88 4.21 -14.01
N THR B 370 17.73 3.84 -13.46
CA THR B 370 17.08 2.60 -13.85
C THR B 370 15.58 2.81 -13.89
N ALA B 371 14.90 1.94 -14.61
CA ALA B 371 13.47 2.03 -14.83
C ALA B 371 12.66 1.21 -13.84
N THR B 372 13.29 0.49 -12.93
CA THR B 372 12.57 -0.33 -11.96
C THR B 372 13.36 -0.36 -10.67
N PRO B 373 12.95 0.38 -9.66
CA PRO B 373 13.62 0.29 -8.37
C PRO B 373 13.20 -0.97 -7.64
N PRO B 374 13.95 -1.38 -6.62
CA PRO B 374 13.39 -2.32 -5.65
C PRO B 374 12.17 -1.71 -4.98
N GLY B 375 11.09 -2.48 -4.97
CA GLY B 375 9.80 -1.96 -4.59
C GLY B 375 8.90 -1.66 -5.76
N THR B 376 9.41 -1.79 -6.98
CA THR B 376 8.54 -1.66 -8.15
C THR B 376 7.55 -2.80 -8.19
N ALA B 377 6.35 -2.51 -8.67
CA ALA B 377 5.38 -3.53 -8.99
C ALA B 377 4.64 -3.25 -10.28
N ASP B 378 4.94 -2.13 -10.95
CA ASP B 378 4.28 -1.77 -12.20
C ASP B 378 4.95 -2.52 -13.33
N ALA B 379 4.44 -3.72 -13.61
CA ALA B 379 5.00 -4.52 -14.68
C ALA B 379 4.63 -4.00 -16.05
N PHE B 380 3.77 -3.00 -16.13
CA PHE B 380 3.35 -2.43 -17.41
C PHE B 380 3.57 -0.93 -17.36
N PRO B 381 4.80 -0.49 -17.29
CA PRO B 381 5.06 0.94 -17.19
C PRO B 381 5.06 1.61 -18.55
N GLN B 382 5.41 2.88 -18.57
CA GLN B 382 5.28 3.70 -19.76
C GLN B 382 6.11 3.14 -20.91
N SER B 383 5.86 3.69 -22.10
CA SER B 383 6.60 3.32 -23.29
C SER B 383 6.41 4.42 -24.31
N ASN B 384 7.32 4.46 -25.28
CA ASN B 384 7.22 5.46 -26.32
C ASN B 384 5.95 5.30 -27.14
N ALA B 385 5.55 4.06 -27.38
CA ALA B 385 4.27 3.73 -27.97
C ALA B 385 3.50 2.83 -27.02
N PRO B 386 2.18 2.91 -27.02
CA PRO B 386 1.40 2.05 -26.12
C PRO B 386 1.55 0.59 -26.51
N ILE B 387 1.52 -0.27 -25.50
CA ILE B 387 1.77 -1.70 -25.67
C ILE B 387 0.45 -2.43 -25.61
N GLN B 388 0.10 -3.09 -26.70
CA GLN B 388 -1.11 -3.90 -26.73
C GLN B 388 -0.84 -5.22 -26.03
N ASP B 389 -1.38 -5.38 -24.82
CA ASP B 389 -1.17 -6.58 -24.04
C ASP B 389 -2.21 -7.64 -24.41
N GLU B 390 -1.87 -8.88 -24.10
CA GLU B 390 -2.82 -9.98 -24.20
C GLU B 390 -2.29 -11.20 -23.45
N GLU B 391 -3.13 -11.78 -22.61
CA GLU B 391 -2.81 -13.05 -22.00
C GLU B 391 -3.35 -14.15 -22.88
N ARG B 392 -2.54 -15.19 -23.09
CA ARG B 392 -2.91 -16.25 -24.01
C ARG B 392 -2.33 -17.56 -23.53
N ASP B 393 -2.31 -18.54 -24.42
CA ASP B 393 -1.79 -19.87 -24.13
C ASP B 393 -0.43 -19.98 -24.79
N ILE B 394 0.60 -19.51 -24.11
CA ILE B 394 1.95 -19.60 -24.64
C ILE B 394 2.39 -21.05 -24.49
N PRO B 395 2.70 -21.75 -25.57
CA PRO B 395 3.09 -23.15 -25.44
C PRO B 395 4.44 -23.29 -24.76
N GLU B 396 4.60 -24.39 -24.03
CA GLU B 396 5.85 -24.66 -23.33
C GLU B 396 6.82 -25.48 -24.17
N ARG B 397 6.31 -26.40 -24.98
CA ARG B 397 7.11 -27.21 -25.88
C ARG B 397 6.64 -26.98 -27.32
N SER B 398 7.24 -27.72 -28.24
CA SER B 398 6.81 -27.65 -29.63
C SER B 398 5.43 -28.27 -29.76
N TRP B 399 4.62 -27.70 -30.65
CA TRP B 399 3.24 -28.09 -30.84
C TRP B 399 3.08 -28.68 -32.23
N ASN B 400 2.52 -29.89 -32.30
CA ASN B 400 2.29 -30.50 -33.61
C ASN B 400 1.42 -29.60 -34.49
N SER B 401 0.46 -28.92 -33.88
CA SER B 401 -0.40 -28.00 -34.61
C SER B 401 -0.94 -26.98 -33.61
N GLY B 402 -1.49 -25.90 -34.14
CA GLY B 402 -2.15 -24.91 -33.33
C GLY B 402 -1.28 -23.69 -33.08
N ASN B 403 -1.77 -22.86 -32.16
CA ASN B 403 -1.06 -21.65 -31.72
C ASN B 403 -0.71 -20.74 -32.90
N ASP B 404 -1.62 -20.64 -33.86
CA ASP B 404 -1.33 -19.88 -35.08
C ASP B 404 -1.08 -18.42 -34.76
N TRP B 405 -1.82 -17.87 -33.80
CA TRP B 405 -1.60 -16.50 -33.34
C TRP B 405 -0.13 -16.23 -33.09
N ILE B 406 0.63 -17.26 -32.74
CA ILE B 406 2.07 -17.11 -32.60
C ILE B 406 2.71 -16.80 -33.94
N THR B 407 2.45 -17.65 -34.95
CA THR B 407 3.15 -17.53 -36.21
C THR B 407 2.47 -16.57 -37.19
N ASP B 408 1.16 -16.38 -37.04
CA ASP B 408 0.40 -15.61 -38.01
C ASP B 408 0.70 -14.13 -37.98
N PHE B 409 1.56 -13.67 -37.07
CA PHE B 409 1.83 -12.25 -36.98
C PHE B 409 2.46 -11.73 -38.25
N ALA B 410 2.11 -10.50 -38.61
CA ALA B 410 2.78 -9.81 -39.71
C ALA B 410 4.11 -9.22 -39.28
N GLY B 411 4.36 -9.12 -37.98
CA GLY B 411 5.53 -8.44 -37.50
C GLY B 411 6.55 -9.34 -36.86
N LYS B 412 7.78 -8.84 -36.71
CA LYS B 412 8.84 -9.60 -36.08
C LYS B 412 8.44 -9.96 -34.65
N THR B 413 8.80 -11.17 -34.25
CA THR B 413 8.48 -11.66 -32.92
C THR B 413 9.75 -11.91 -32.15
N VAL B 414 9.81 -11.38 -30.94
CA VAL B 414 10.87 -11.66 -29.98
C VAL B 414 10.25 -12.50 -28.89
N TRP B 415 10.78 -13.70 -28.69
CA TRP B 415 10.22 -14.68 -27.78
C TRP B 415 11.26 -15.02 -26.74
N PHE B 416 10.84 -15.13 -25.49
CA PHE B 416 11.77 -15.43 -24.41
C PHE B 416 11.61 -16.89 -24.00
N VAL B 417 12.76 -17.56 -23.82
CA VAL B 417 12.79 -18.96 -23.45
C VAL B 417 13.67 -19.11 -22.23
N PRO B 418 13.43 -20.10 -21.37
CA PRO B 418 14.25 -20.27 -20.17
C PRO B 418 15.54 -21.04 -20.34
N SER B 419 15.76 -21.73 -21.46
CA SER B 419 17.01 -22.46 -21.63
C SER B 419 17.35 -22.58 -23.11
N ILE B 420 18.63 -22.83 -23.38
CA ILE B 420 19.09 -22.91 -24.75
C ILE B 420 18.43 -24.07 -25.47
N LYS B 421 18.26 -25.19 -24.78
CA LYS B 421 17.67 -26.36 -25.41
C LYS B 421 16.25 -26.06 -25.88
N ALA B 422 15.46 -25.44 -25.01
CA ALA B 422 14.09 -25.09 -25.39
C ALA B 422 14.10 -24.12 -26.57
N GLY B 423 15.05 -23.18 -26.56
CA GLY B 423 15.20 -22.30 -27.69
C GLY B 423 15.46 -23.06 -28.97
N ASN B 424 16.33 -24.07 -28.91
CA ASN B 424 16.62 -24.87 -30.09
C ASN B 424 15.36 -25.56 -30.58
N ASP B 425 14.58 -26.13 -29.66
CA ASP B 425 13.37 -26.82 -30.07
C ASP B 425 12.39 -25.88 -30.76
N ILE B 426 12.10 -24.76 -30.12
CA ILE B 426 11.11 -23.84 -30.68
C ILE B 426 11.61 -23.25 -31.99
N ALA B 427 12.92 -22.99 -32.09
CA ALA B 427 13.47 -22.49 -33.35
C ALA B 427 13.33 -23.53 -34.45
N ASN B 428 13.55 -24.79 -34.11
CA ASN B 428 13.35 -25.85 -35.09
C ASN B 428 11.91 -25.84 -35.58
N CYS B 429 10.95 -25.72 -34.66
CA CYS B 429 9.56 -25.71 -35.08
C CYS B 429 9.24 -24.52 -35.97
N LEU B 430 9.68 -23.33 -35.55
CA LEU B 430 9.37 -22.12 -36.31
C LEU B 430 9.98 -22.17 -37.70
N ARG B 431 11.24 -22.58 -37.80
CA ARG B 431 11.86 -22.74 -39.11
C ARG B 431 11.13 -23.80 -39.91
N LYS B 432 10.68 -24.88 -39.25
CA LYS B 432 9.87 -25.88 -39.90
C LYS B 432 8.61 -25.30 -40.49
N ASN B 433 8.14 -24.16 -39.95
CA ASN B 433 7.10 -23.41 -40.62
C ASN B 433 7.65 -22.35 -41.55
N GLY B 434 8.93 -22.43 -41.91
CA GLY B 434 9.49 -21.54 -42.89
C GLY B 434 9.58 -20.10 -42.47
N LYS B 435 9.83 -19.84 -41.20
CA LYS B 435 10.07 -18.49 -40.70
C LYS B 435 11.51 -18.39 -40.28
N LYS B 436 12.24 -17.46 -40.89
CA LYS B 436 13.63 -17.27 -40.50
C LYS B 436 13.71 -16.98 -39.02
N VAL B 437 14.54 -17.72 -38.32
CA VAL B 437 14.61 -17.65 -36.87
C VAL B 437 16.04 -17.38 -36.45
N ILE B 438 16.18 -16.96 -35.20
CA ILE B 438 17.49 -16.68 -34.64
C ILE B 438 17.46 -16.95 -33.14
N GLN B 439 18.31 -17.85 -32.67
CA GLN B 439 18.37 -18.19 -31.26
C GLN B 439 19.57 -17.49 -30.63
N LEU B 440 19.39 -17.01 -29.40
CA LEU B 440 20.45 -16.32 -28.70
C LEU B 440 20.65 -16.93 -27.31
N SER B 441 21.85 -16.78 -26.78
CA SER B 441 22.18 -17.37 -25.49
C SER B 441 23.39 -16.63 -24.92
N ARG B 442 23.82 -17.08 -23.73
CA ARG B 442 24.93 -16.42 -23.04
C ARG B 442 26.21 -16.44 -23.87
N LYS B 443 26.52 -17.59 -24.46
CA LYS B 443 27.74 -17.71 -25.24
C LYS B 443 27.55 -17.23 -26.68
N THR B 444 26.47 -17.64 -27.32
CA THR B 444 26.27 -17.37 -28.74
C THR B 444 25.96 -15.91 -29.03
N PHE B 445 25.80 -15.08 -27.99
CA PHE B 445 25.39 -13.69 -28.21
C PHE B 445 26.40 -12.93 -29.06
N ASP B 446 27.69 -13.16 -28.82
CA ASP B 446 28.71 -12.40 -29.53
C ASP B 446 28.63 -12.62 -31.04
N THR B 447 28.39 -13.86 -31.46
CA THR B 447 28.33 -14.15 -32.88
C THR B 447 26.97 -13.84 -33.47
N GLU B 448 25.91 -13.84 -32.66
CA GLU B 448 24.57 -13.72 -33.19
C GLU B 448 24.05 -12.30 -33.19
N TYR B 449 24.57 -11.44 -32.31
CA TYR B 449 23.96 -10.13 -32.13
C TYR B 449 24.04 -9.30 -33.40
N GLN B 450 25.20 -9.27 -34.05
CA GLN B 450 25.31 -8.48 -35.27
C GLN B 450 24.40 -9.04 -36.36
N LYS B 451 24.32 -10.37 -36.46
CA LYS B 451 23.36 -10.95 -37.39
C LYS B 451 21.96 -10.46 -37.08
N THR B 452 21.65 -10.32 -35.79
CA THR B 452 20.38 -9.73 -35.41
C THR B 452 20.31 -8.28 -35.89
N LYS B 453 21.43 -7.58 -35.88
CA LYS B 453 21.44 -6.19 -36.32
C LYS B 453 21.14 -6.08 -37.80
N LEU B 454 21.33 -7.15 -38.57
CA LEU B 454 20.83 -7.16 -39.94
C LEU B 454 19.31 -7.34 -39.92
N ASN B 455 18.69 -7.09 -41.06
CA ASN B 455 17.24 -7.07 -41.15
C ASN B 455 16.65 -8.36 -41.71
N ASP B 456 17.46 -9.40 -41.89
CA ASP B 456 16.98 -10.59 -42.58
C ASP B 456 16.00 -11.39 -41.73
N TRP B 457 16.23 -11.44 -40.42
CA TRP B 457 15.53 -12.38 -39.56
C TRP B 457 14.09 -11.93 -39.31
N ASP B 458 13.28 -12.87 -38.81
CA ASP B 458 11.90 -12.58 -38.44
C ASP B 458 11.52 -13.00 -37.02
N PHE B 459 11.94 -14.18 -36.57
CA PHE B 459 11.49 -14.73 -35.30
C PHE B 459 12.70 -15.08 -34.45
N VAL B 460 12.83 -14.44 -33.29
CA VAL B 460 14.05 -14.51 -32.49
C VAL B 460 13.72 -15.06 -31.12
N VAL B 461 14.30 -16.18 -30.78
CA VAL B 461 14.12 -16.81 -29.48
C VAL B 461 15.35 -16.53 -28.65
N THR B 462 15.15 -16.27 -27.36
CA THR B 462 16.28 -15.94 -26.51
C THR B 462 15.94 -16.27 -25.05
N THR B 463 16.99 -16.30 -24.24
CA THR B 463 16.86 -16.29 -22.79
C THR B 463 16.92 -14.84 -22.31
N ASP B 464 17.08 -14.66 -21.00
CA ASP B 464 17.09 -13.31 -20.44
C ASP B 464 18.34 -12.53 -20.77
N ILE B 465 19.29 -13.13 -21.50
CA ILE B 465 20.47 -12.37 -21.92
C ILE B 465 20.03 -11.18 -22.74
N SER B 466 19.07 -11.39 -23.63
CA SER B 466 18.54 -10.30 -24.42
C SER B 466 17.79 -9.28 -23.56
N GLU B 467 17.53 -9.61 -22.31
CA GLU B 467 16.79 -8.73 -21.42
C GLU B 467 17.49 -7.39 -21.23
N MET B 468 18.79 -7.31 -21.51
CA MET B 468 19.56 -6.09 -21.31
C MET B 468 20.16 -5.64 -22.63
N GLY B 469 19.96 -4.36 -22.95
CA GLY B 469 20.62 -3.69 -24.05
C GLY B 469 20.73 -4.45 -25.36
N ALA B 470 19.60 -4.78 -25.97
CA ALA B 470 19.59 -5.54 -27.21
C ALA B 470 18.54 -4.93 -28.14
N ASN B 471 18.99 -4.00 -28.97
CA ASN B 471 18.07 -3.29 -29.86
C ASN B 471 17.54 -4.21 -30.95
N PHE B 472 16.23 -4.22 -31.12
CA PHE B 472 15.55 -5.17 -31.99
C PHE B 472 14.71 -4.53 -33.08
N LYS B 473 13.97 -3.47 -32.76
CA LYS B 473 12.96 -2.92 -33.65
C LYS B 473 11.97 -4.01 -34.07
N ALA B 474 11.61 -4.85 -33.11
CA ALA B 474 10.69 -5.96 -33.36
C ALA B 474 9.26 -5.43 -33.33
N ASP B 475 8.31 -6.35 -33.40
CA ASP B 475 6.89 -5.99 -33.37
C ASP B 475 6.17 -6.59 -32.19
N ARG B 476 6.27 -7.90 -31.99
CA ARG B 476 5.59 -8.57 -30.89
C ARG B 476 6.62 -9.17 -29.94
N VAL B 477 6.20 -9.37 -28.71
CA VAL B 477 6.99 -10.08 -27.71
C VAL B 477 6.14 -11.18 -27.13
N ILE B 478 6.69 -12.38 -27.08
CA ILE B 478 6.07 -13.51 -26.40
C ILE B 478 6.90 -13.77 -25.15
N ASP B 479 6.41 -13.34 -24.00
CA ASP B 479 7.14 -13.50 -22.76
C ASP B 479 6.37 -14.45 -21.86
N PRO B 480 6.69 -15.74 -21.87
CA PRO B 480 5.85 -16.72 -21.18
C PRO B 480 5.83 -16.57 -19.67
N ARG B 481 6.55 -15.58 -19.15
CA ARG B 481 6.69 -15.41 -17.71
C ARG B 481 7.07 -16.74 -17.08
N ARG B 482 7.97 -17.43 -17.75
CA ARG B 482 8.63 -18.60 -17.21
C ARG B 482 10.13 -18.33 -17.26
N CYS B 483 10.84 -18.77 -16.24
CA CYS B 483 12.26 -18.50 -16.17
C CYS B 483 12.90 -19.47 -15.18
N LEU B 484 14.21 -19.34 -15.02
CA LEU B 484 14.98 -20.14 -14.08
C LEU B 484 15.94 -19.21 -13.36
N LYS B 485 16.39 -19.64 -12.18
CA LYS B 485 17.31 -18.82 -11.42
C LYS B 485 18.06 -19.69 -10.43
N PRO B 486 19.28 -19.35 -10.09
CA PRO B 486 20.01 -20.08 -9.05
C PRO B 486 19.50 -19.64 -7.69
N VAL B 487 18.80 -20.54 -7.01
CA VAL B 487 18.21 -20.25 -5.72
C VAL B 487 18.82 -21.18 -4.69
N ILE B 488 19.06 -20.64 -3.49
CA ILE B 488 19.43 -21.52 -2.40
C ILE B 488 18.24 -22.41 -2.03
N LEU B 489 18.55 -23.49 -1.33
CA LEU B 489 17.50 -24.39 -0.84
C LEU B 489 18.04 -25.06 0.40
N THR B 490 17.36 -24.89 1.53
CA THR B 490 17.88 -25.43 2.78
C THR B 490 17.58 -26.91 2.88
N ASP B 491 16.29 -27.26 3.04
CA ASP B 491 15.79 -28.64 3.02
C ASP B 491 16.77 -29.62 3.67
N GLY B 492 17.28 -29.24 4.84
CA GLY B 492 18.35 -29.98 5.44
C GLY B 492 19.69 -29.38 5.09
N PRO B 493 20.35 -29.95 4.09
CA PRO B 493 21.64 -29.41 3.64
C PRO B 493 21.44 -28.18 2.78
N GLU B 494 21.78 -27.01 3.32
CA GLU B 494 21.63 -25.77 2.59
C GLU B 494 22.56 -25.76 1.38
N ARG B 495 21.99 -25.64 0.18
CA ARG B 495 22.74 -25.79 -1.06
C ARG B 495 22.24 -24.79 -2.08
N VAL B 496 22.80 -24.87 -3.28
CA VAL B 496 22.45 -23.99 -4.39
C VAL B 496 21.93 -24.85 -5.53
N ILE B 497 20.73 -24.54 -6.00
CA ILE B 497 20.04 -25.32 -7.02
C ILE B 497 19.57 -24.39 -8.11
N LEU B 498 19.83 -24.76 -9.36
CA LEU B 498 19.34 -23.98 -10.50
C LEU B 498 17.86 -24.30 -10.68
N ALA B 499 17.02 -23.30 -10.46
CA ALA B 499 15.59 -23.56 -10.42
C ALA B 499 15.07 -24.02 -11.78
N GLY B 500 13.92 -24.68 -11.74
CA GLY B 500 13.25 -25.07 -12.95
C GLY B 500 12.48 -23.91 -13.52
N PRO B 501 11.57 -24.19 -14.45
CA PRO B 501 10.75 -23.11 -15.00
C PRO B 501 9.99 -22.42 -13.89
N MET B 502 9.89 -21.10 -13.99
CA MET B 502 9.36 -20.35 -12.87
C MET B 502 8.84 -19.00 -13.36
N PRO B 503 7.72 -18.52 -12.84
CA PRO B 503 7.31 -17.16 -13.14
C PRO B 503 8.41 -16.18 -12.74
N VAL B 504 8.57 -15.15 -13.55
CA VAL B 504 9.69 -14.23 -13.38
C VAL B 504 9.33 -13.17 -12.36
N THR B 505 10.36 -12.51 -11.84
CA THR B 505 10.13 -11.39 -10.94
C THR B 505 9.37 -10.30 -11.69
N VAL B 506 8.67 -9.47 -10.93
CA VAL B 506 7.91 -8.38 -11.53
C VAL B 506 8.83 -7.51 -12.38
N ALA B 507 9.98 -7.14 -11.82
CA ALA B 507 10.89 -6.26 -12.54
C ALA B 507 11.40 -6.90 -13.81
N SER B 508 11.71 -8.20 -13.75
CA SER B 508 12.18 -8.88 -14.94
C SER B 508 11.15 -8.83 -16.04
N ALA B 509 9.90 -9.15 -15.70
CA ALA B 509 8.85 -9.13 -16.71
C ALA B 509 8.65 -7.73 -17.24
N ALA B 510 8.81 -6.73 -16.37
CA ALA B 510 8.73 -5.35 -16.82
C ALA B 510 9.78 -5.09 -17.89
N GLN B 511 11.03 -5.43 -17.60
CA GLN B 511 12.09 -5.22 -18.56
C GLN B 511 11.82 -5.99 -19.84
N ARG B 512 11.31 -7.21 -19.71
CA ARG B 512 11.02 -8.02 -20.87
C ARG B 512 9.99 -7.34 -21.75
N ARG B 513 8.91 -6.86 -21.16
CA ARG B 513 7.89 -6.16 -21.93
C ARG B 513 8.47 -4.92 -22.56
N GLY B 514 9.31 -4.21 -21.81
CA GLY B 514 9.93 -3.01 -22.31
C GLY B 514 11.01 -3.26 -23.33
N ARG B 515 11.34 -4.50 -23.58
CA ARG B 515 12.22 -4.77 -24.70
C ARG B 515 11.53 -4.60 -26.01
N VAL B 516 10.28 -4.15 -26.01
CA VAL B 516 9.57 -3.79 -27.22
C VAL B 516 8.87 -2.45 -26.98
N GLY B 517 8.41 -1.84 -28.07
CA GLY B 517 7.70 -0.59 -27.98
C GLY B 517 8.56 0.57 -27.55
N ARG B 518 9.70 0.74 -28.22
CA ARG B 518 10.65 1.80 -27.92
C ARG B 518 10.68 2.87 -29.01
N ASN B 519 9.58 3.03 -29.72
CA ASN B 519 9.50 4.02 -30.79
C ASN B 519 8.05 4.48 -30.97
N PRO B 520 7.78 5.77 -30.80
CA PRO B 520 6.40 6.24 -30.95
C PRO B 520 5.84 6.05 -32.35
N GLN B 521 6.71 5.88 -33.35
CA GLN B 521 6.23 5.65 -34.71
C GLN B 521 5.42 4.36 -34.80
N LYS B 522 5.88 3.31 -34.11
CA LYS B 522 5.21 2.02 -34.19
C LYS B 522 3.88 2.04 -33.44
N GLU B 523 3.01 1.09 -33.81
CA GLU B 523 1.75 0.89 -33.11
C GLU B 523 1.58 -0.51 -32.56
N ASN B 524 1.84 -1.54 -33.37
CA ASN B 524 1.52 -2.92 -33.00
C ASN B 524 2.53 -3.40 -31.96
N ASP B 525 2.36 -2.91 -30.74
CA ASP B 525 3.22 -3.30 -29.64
C ASP B 525 2.54 -4.39 -28.82
N GLN B 526 2.50 -5.58 -29.42
CA GLN B 526 1.79 -6.71 -28.84
C GLN B 526 2.68 -7.50 -27.92
N TYR B 527 2.11 -7.89 -26.79
CA TYR B 527 2.85 -8.54 -25.71
C TYR B 527 1.97 -9.68 -25.21
N ILE B 528 2.40 -10.91 -25.44
CA ILE B 528 1.65 -12.09 -25.05
C ILE B 528 2.27 -12.61 -23.77
N PHE B 529 1.51 -12.54 -22.68
CA PHE B 529 1.93 -13.03 -21.37
C PHE B 529 1.05 -14.19 -20.97
N THR B 530 1.64 -15.15 -20.27
CA THR B 530 0.90 -16.31 -19.82
C THR B 530 1.31 -16.68 -18.41
N GLY B 531 1.38 -15.68 -17.53
CA GLY B 531 1.71 -15.96 -16.16
C GLY B 531 1.59 -14.72 -15.30
N GLN B 532 1.51 -14.97 -14.01
CA GLN B 532 1.57 -13.92 -13.00
C GLN B 532 2.94 -13.90 -12.38
N PRO B 533 3.60 -12.74 -12.33
CA PRO B 533 4.96 -12.70 -11.80
C PRO B 533 5.01 -13.20 -10.36
N LEU B 534 6.15 -13.80 -10.00
CA LEU B 534 6.33 -14.45 -8.72
C LEU B 534 5.97 -13.53 -7.57
N ASN B 535 5.59 -14.10 -6.43
CA ASN B 535 5.13 -13.33 -5.30
C ASN B 535 6.28 -12.96 -4.36
N ASN B 536 6.94 -13.96 -3.79
CA ASN B 536 7.97 -13.77 -2.79
C ASN B 536 9.27 -14.29 -3.35
N ASP B 537 10.06 -13.40 -3.94
CA ASP B 537 11.40 -13.72 -4.38
C ASP B 537 12.39 -13.76 -3.24
N GLU B 538 11.90 -13.77 -1.99
CA GLU B 538 12.77 -13.78 -0.83
C GLU B 538 13.51 -15.09 -0.67
N ASP B 539 13.18 -16.10 -1.45
CA ASP B 539 13.90 -17.37 -1.36
C ASP B 539 15.16 -17.40 -2.21
N HIS B 540 15.35 -16.47 -3.13
CA HIS B 540 16.50 -16.53 -4.00
C HIS B 540 17.79 -16.36 -3.21
N ALA B 541 18.90 -16.77 -3.83
CA ALA B 541 20.17 -16.85 -3.14
C ALA B 541 21.06 -15.64 -3.38
N HIS B 542 20.93 -14.99 -4.54
CA HIS B 542 21.81 -13.87 -4.81
C HIS B 542 21.69 -12.81 -3.74
N TRP B 543 20.55 -12.74 -3.06
CA TRP B 543 20.45 -11.88 -1.89
C TRP B 543 21.44 -12.30 -0.83
N THR B 544 21.49 -13.60 -0.54
CA THR B 544 22.41 -14.07 0.48
C THR B 544 23.85 -13.84 0.06
N GLU B 545 24.17 -14.12 -1.20
CA GLU B 545 25.53 -13.92 -1.66
C GLU B 545 25.92 -12.45 -1.59
N ALA B 546 25.01 -11.57 -1.98
CA ALA B 546 25.28 -10.14 -1.89
C ALA B 546 25.48 -9.73 -0.44
N LYS B 547 24.73 -10.34 0.46
CA LYS B 547 24.95 -10.11 1.88
C LYS B 547 26.36 -10.53 2.27
N MET B 548 26.80 -11.67 1.76
CA MET B 548 28.14 -12.13 2.05
C MET B 548 29.17 -11.11 1.58
N LEU B 549 29.00 -10.65 0.34
CA LEU B 549 29.93 -9.68 -0.22
C LEU B 549 29.96 -8.40 0.60
N LEU B 550 28.80 -7.91 1.00
CA LEU B 550 28.75 -6.65 1.72
C LEU B 550 29.31 -6.81 3.13
N ASP B 551 28.97 -7.90 3.80
CA ASP B 551 29.44 -8.11 5.16
C ASP B 551 30.94 -8.30 5.20
N ASN B 552 31.49 -9.10 4.28
CA ASN B 552 32.93 -9.29 4.26
C ASN B 552 33.65 -8.04 3.82
N ILE B 553 32.93 -7.08 3.22
CA ILE B 553 33.57 -5.86 2.77
C ILE B 553 34.19 -5.15 3.97
N ASN B 554 35.33 -4.52 3.74
CA ASN B 554 36.04 -3.85 4.82
C ASN B 554 35.47 -2.46 5.09
N ILE B 559 31.29 0.34 11.58
CA ILE B 559 29.95 0.46 11.02
C ILE B 559 29.54 -0.85 10.39
N ILE B 560 28.45 -1.43 10.87
CA ILE B 560 27.95 -2.67 10.27
C ILE B 560 27.54 -2.38 8.84
N PRO B 561 28.03 -3.14 7.87
CA PRO B 561 27.60 -2.92 6.49
C PRO B 561 26.10 -3.15 6.36
N ALA B 562 25.46 -2.37 5.51
CA ALA B 562 24.01 -2.42 5.39
C ALA B 562 23.60 -2.27 3.93
N LEU B 563 22.52 -2.96 3.58
CA LEU B 563 22.10 -3.06 2.19
C LEU B 563 21.36 -1.79 1.76
N PHE B 564 20.72 -1.86 0.60
CA PHE B 564 19.84 -0.80 0.14
C PHE B 564 18.55 -0.82 0.94
N GLU B 565 18.06 0.34 1.31
CA GLU B 565 16.87 0.44 2.15
C GLU B 565 15.74 -0.40 1.56
N PRO B 566 15.27 -0.13 0.35
CA PRO B 566 14.17 -0.95 -0.17
C PRO B 566 14.55 -2.41 -0.32
N GLU B 567 15.82 -2.71 -0.49
CA GLU B 567 16.28 -4.08 -0.53
C GLU B 567 16.70 -4.59 0.83
N ARG B 568 16.62 -3.76 1.87
CA ARG B 568 16.94 -4.22 3.21
C ARG B 568 15.97 -5.27 3.71
N GLU B 569 14.81 -5.38 3.08
CA GLU B 569 13.73 -6.25 3.54
C GLU B 569 13.97 -7.70 3.22
N LYS B 570 15.20 -8.08 2.92
CA LYS B 570 15.51 -9.45 2.58
C LYS B 570 16.54 -10.00 3.55
N GLY B 576 25.27 -8.86 9.69
CA GLY B 576 26.61 -8.88 10.24
C GLY B 576 27.02 -10.23 10.79
N GLU B 577 26.90 -11.28 9.97
CA GLU B 577 27.36 -12.60 10.33
C GLU B 577 28.43 -13.12 9.37
N TYR B 578 28.19 -12.97 8.07
CA TYR B 578 29.05 -13.57 7.07
C TYR B 578 30.43 -12.95 7.04
N ARG B 579 30.64 -11.84 7.75
CA ARG B 579 31.95 -11.21 7.81
C ARG B 579 32.97 -12.17 8.41
N LEU B 580 34.14 -12.26 7.78
CA LEU B 580 35.17 -13.19 8.20
C LEU B 580 36.43 -12.44 8.61
N LYS B 581 37.29 -13.13 9.34
CA LYS B 581 38.55 -12.52 9.77
C LYS B 581 39.50 -12.41 8.59
N GLY B 582 40.64 -11.77 8.85
CA GLY B 582 41.61 -11.42 7.82
C GLY B 582 41.99 -12.51 6.86
N GLU B 583 42.60 -13.59 7.37
CA GLU B 583 43.06 -14.66 6.50
C GLU B 583 41.89 -15.32 5.79
N SER B 584 40.80 -15.60 6.51
CA SER B 584 39.65 -16.22 5.87
C SER B 584 39.06 -15.31 4.80
N ARG B 585 39.00 -14.00 5.07
CA ARG B 585 38.47 -13.07 4.08
C ARG B 585 39.34 -13.06 2.84
N LYS B 586 40.66 -13.04 3.04
CA LYS B 586 41.57 -13.09 1.90
C LYS B 586 41.35 -14.36 1.10
N THR B 587 41.16 -15.48 1.81
CA THR B 587 40.89 -16.74 1.12
C THR B 587 39.59 -16.66 0.32
N PHE B 588 38.57 -16.01 0.87
CA PHE B 588 37.31 -15.88 0.15
C PHE B 588 37.51 -15.11 -1.13
N VAL B 589 38.19 -13.97 -1.04
CA VAL B 589 38.48 -13.18 -2.23
C VAL B 589 39.25 -14.00 -3.25
N GLU B 590 40.22 -14.78 -2.77
CA GLU B 590 41.00 -15.61 -3.68
C GLU B 590 40.13 -16.64 -4.38
N LEU B 591 39.35 -17.39 -3.62
CA LEU B 591 38.54 -18.46 -4.19
C LEU B 591 37.51 -17.89 -5.17
N MET B 592 37.07 -16.66 -4.93
CA MET B 592 36.17 -16.03 -5.89
C MET B 592 36.94 -15.62 -7.14
N ARG B 593 38.12 -15.03 -6.98
CA ARG B 593 38.83 -14.43 -8.09
C ARG B 593 39.66 -15.45 -8.85
N ARG B 594 40.41 -16.29 -8.14
CA ARG B 594 41.26 -17.25 -8.82
C ARG B 594 40.50 -18.51 -9.20
N GLY B 595 39.85 -19.15 -8.23
CA GLY B 595 39.18 -20.41 -8.49
C GLY B 595 37.86 -20.33 -9.19
N ASP B 596 37.37 -19.11 -9.46
CA ASP B 596 36.12 -18.90 -10.19
C ASP B 596 34.92 -19.50 -9.48
N LEU B 597 35.00 -19.64 -8.16
CA LEU B 597 33.87 -20.20 -7.42
C LEU B 597 32.77 -19.14 -7.26
N PRO B 598 31.51 -19.50 -7.49
CA PRO B 598 30.43 -18.58 -7.20
C PRO B 598 30.36 -18.25 -5.72
N VAL B 599 29.82 -17.07 -5.42
CA VAL B 599 30.12 -16.39 -4.17
C VAL B 599 29.77 -17.28 -2.97
N TRP B 600 28.57 -17.86 -3.00
CA TRP B 600 28.13 -18.62 -1.84
C TRP B 600 29.15 -19.70 -1.48
N LEU B 601 29.60 -20.44 -2.48
CA LEU B 601 30.50 -21.55 -2.20
C LEU B 601 31.80 -21.04 -1.60
N ALA B 602 32.35 -19.98 -2.18
CA ALA B 602 33.63 -19.46 -1.71
C ALA B 602 33.51 -19.00 -0.27
N HIS B 603 32.40 -18.33 0.07
CA HIS B 603 32.19 -17.93 1.45
C HIS B 603 32.09 -19.14 2.36
N LYS B 604 31.38 -20.18 1.93
CA LYS B 604 31.27 -21.37 2.76
C LYS B 604 32.64 -21.97 3.03
N VAL B 605 33.47 -22.06 1.99
CA VAL B 605 34.81 -22.61 2.17
C VAL B 605 35.60 -21.75 3.13
N ALA B 606 35.62 -20.45 2.89
CA ALA B 606 36.44 -19.56 3.69
C ALA B 606 35.96 -19.48 5.12
N SER B 607 34.71 -19.84 5.38
CA SER B 607 34.21 -19.86 6.75
C SER B 607 35.01 -20.86 7.60
N GLU B 608 35.36 -21.99 7.02
CA GLU B 608 36.04 -23.05 7.75
C GLU B 608 37.56 -22.96 7.65
N GLY B 609 38.09 -21.90 7.06
CA GLY B 609 39.51 -21.67 7.08
C GLY B 609 40.36 -22.71 6.37
N ILE B 610 39.98 -23.07 5.15
CA ILE B 610 40.79 -23.94 4.30
C ILE B 610 41.54 -23.05 3.31
N LYS B 611 42.86 -23.06 3.40
CA LYS B 611 43.67 -22.23 2.52
C LYS B 611 43.53 -22.69 1.07
N TYR B 612 43.76 -21.76 0.14
CA TYR B 612 43.32 -21.94 -1.24
C TYR B 612 43.80 -23.24 -1.84
N THR B 613 44.99 -23.70 -1.44
CA THR B 613 45.55 -24.90 -2.05
C THR B 613 44.76 -26.14 -1.68
N ASP B 614 44.43 -26.30 -0.40
CA ASP B 614 43.85 -27.54 0.09
C ASP B 614 42.52 -27.84 -0.59
N ARG B 615 42.38 -29.06 -1.09
CA ARG B 615 41.19 -29.50 -1.78
C ARG B 615 40.66 -30.78 -1.18
N LYS B 616 40.79 -30.90 0.15
CA LYS B 616 40.29 -32.08 0.84
C LYS B 616 38.78 -32.20 0.70
N TRP B 617 38.07 -31.10 0.82
CA TRP B 617 36.62 -31.12 0.81
C TRP B 617 36.05 -31.53 -0.54
N CYS B 618 36.81 -31.38 -1.62
CA CYS B 618 36.28 -31.65 -2.95
C CYS B 618 35.91 -33.12 -3.14
N PHE B 619 36.45 -34.02 -2.32
CA PHE B 619 36.08 -35.43 -2.36
C PHE B 619 35.51 -35.94 -1.05
N ASP B 620 35.67 -35.20 0.04
CA ASP B 620 35.17 -35.62 1.35
C ASP B 620 33.67 -35.52 1.48
N GLY B 621 32.95 -35.16 0.42
CA GLY B 621 31.51 -35.07 0.50
C GLY B 621 30.87 -36.42 0.71
N GLU B 622 29.67 -36.38 1.28
CA GLU B 622 28.95 -37.59 1.66
C GLU B 622 28.60 -38.41 0.44
N ARG B 623 27.98 -39.57 0.66
CA ARG B 623 27.53 -40.41 -0.44
C ARG B 623 26.62 -39.62 -1.37
N ASN B 624 25.48 -39.17 -0.86
CA ASN B 624 24.55 -38.40 -1.67
C ASN B 624 25.18 -37.15 -2.20
N ASN B 625 26.26 -36.68 -1.57
CA ASN B 625 26.97 -35.52 -2.05
C ASN B 625 27.89 -35.90 -3.20
N GLN B 626 27.33 -36.56 -4.20
CA GLN B 626 28.07 -36.93 -5.40
C GLN B 626 27.55 -36.09 -6.57
N ILE B 627 28.04 -36.40 -7.78
CA ILE B 627 27.65 -35.70 -8.99
C ILE B 627 27.55 -36.71 -10.12
N LEU B 628 27.04 -36.23 -11.25
CA LEU B 628 26.95 -37.07 -12.45
C LEU B 628 27.59 -36.36 -13.63
N LEU B 646 34.36 -36.90 -7.13
CA LEU B 646 33.68 -35.61 -7.02
C LEU B 646 32.65 -35.63 -5.91
N ARG B 647 33.09 -35.40 -4.68
CA ARG B 647 32.21 -35.27 -3.53
C ARG B 647 32.62 -34.02 -2.77
N PRO B 648 32.21 -32.85 -3.23
CA PRO B 648 32.51 -31.62 -2.50
C PRO B 648 31.73 -31.58 -1.19
N ARG B 649 32.27 -30.81 -0.25
CA ARG B 649 31.59 -30.67 1.04
C ARG B 649 30.20 -30.05 0.90
N TRP B 650 29.92 -29.37 -0.21
CA TRP B 650 28.64 -28.74 -0.43
C TRP B 650 28.27 -28.87 -1.90
N LEU B 651 26.98 -28.70 -2.20
CA LEU B 651 26.45 -28.90 -3.53
C LEU B 651 25.97 -27.57 -4.10
N ASP B 652 26.36 -27.29 -5.34
CA ASP B 652 25.94 -26.09 -6.04
C ASP B 652 25.84 -26.45 -7.52
N ALA B 653 24.61 -26.55 -8.02
CA ALA B 653 24.41 -27.00 -9.40
C ALA B 653 25.15 -26.10 -10.39
N ARG B 654 25.42 -24.86 -10.03
CA ARG B 654 26.23 -24.01 -10.89
C ARG B 654 27.58 -24.66 -11.18
N THR B 655 28.16 -25.33 -10.18
CA THR B 655 29.45 -25.98 -10.39
C THR B 655 29.36 -27.12 -11.39
N TYR B 656 28.16 -27.62 -11.70
CA TYR B 656 28.07 -28.76 -12.60
C TYR B 656 26.86 -28.68 -13.53
N SER B 657 26.43 -27.49 -13.92
CA SER B 657 25.20 -27.39 -14.72
C SER B 657 25.47 -27.69 -16.18
N ASP B 658 26.31 -26.90 -16.80
CA ASP B 658 26.69 -27.11 -18.18
C ASP B 658 27.98 -27.91 -18.25
N PRO B 659 28.25 -28.57 -19.37
CA PRO B 659 29.54 -29.27 -19.48
C PRO B 659 30.73 -28.36 -19.30
N LEU B 660 30.67 -27.13 -19.83
CA LEU B 660 31.79 -26.22 -19.64
C LEU B 660 31.97 -25.85 -18.18
N ALA B 661 30.87 -25.64 -17.47
CA ALA B 661 30.94 -25.38 -16.04
C ALA B 661 31.53 -26.56 -15.30
N LEU B 662 31.11 -27.77 -15.66
CA LEU B 662 31.68 -28.96 -15.05
C LEU B 662 33.17 -29.05 -15.32
N LYS B 663 33.59 -28.74 -16.54
CA LYS B 663 35.00 -28.83 -16.89
C LYS B 663 35.81 -27.85 -16.08
N GLU B 664 35.32 -26.60 -15.96
CA GLU B 664 36.04 -25.61 -15.16
C GLU B 664 36.11 -26.03 -13.70
N PHE B 665 35.01 -26.54 -13.14
CA PHE B 665 35.01 -26.97 -11.76
C PHE B 665 35.94 -28.16 -11.56
N LYS B 666 35.99 -29.07 -12.52
CA LYS B 666 36.91 -30.19 -12.45
C LYS B 666 38.34 -29.70 -12.47
N ASP B 667 38.64 -28.72 -13.33
CA ASP B 667 39.97 -28.14 -13.35
C ASP B 667 40.32 -27.53 -12.01
N PHE B 668 39.38 -26.83 -11.40
CA PHE B 668 39.65 -26.23 -10.10
C PHE B 668 39.90 -27.30 -9.05
N ALA B 669 39.05 -28.33 -9.01
CA ALA B 669 39.20 -29.36 -8.00
C ALA B 669 40.48 -30.15 -8.20
N ALA B 670 40.98 -30.22 -9.43
CA ALA B 670 42.22 -30.92 -9.69
C ALA B 670 43.44 -30.12 -9.27
N GLY B 671 43.28 -28.85 -8.93
CA GLY B 671 44.42 -28.00 -8.68
C GLY B 671 45.04 -27.42 -9.93
N ARG B 672 44.38 -27.54 -11.07
CA ARG B 672 44.87 -26.95 -12.30
C ARG B 672 44.43 -25.49 -12.47
N LYS B 673 43.66 -24.97 -11.54
CA LYS B 673 43.18 -23.58 -11.62
C LYS B 673 43.54 -22.80 -10.37
ZN ZN D . -3.82 8.42 28.67
ZN ZN E . -16.66 23.73 -12.89
PB GDP F . -6.18 -27.19 8.54
O1B GDP F . -7.40 -26.78 9.30
O2B GDP F . -6.46 -28.32 7.59
O3B GDP F . -5.65 -26.01 7.77
O3A GDP F . -5.09 -27.73 9.55
PA GDP F . -5.44 -29.17 10.15
O1A GDP F . -5.08 -29.21 11.62
O2A GDP F . -6.90 -29.45 9.94
O5' GDP F . -4.52 -30.17 9.30
C5' GDP F . -5.11 -31.01 8.30
C4' GDP F . -4.03 -31.92 7.76
O4' GDP F . -2.81 -31.60 8.41
C3' GDP F . -4.36 -33.36 8.12
O3' GDP F . -4.72 -34.07 6.93
C2' GDP F . -3.08 -33.92 8.73
O2' GDP F . -2.44 -34.77 7.78
C1' GDP F . -2.18 -32.73 8.97
N9 GDP F . -2.00 -32.48 10.42
C8 GDP F . -2.90 -31.93 11.24
N7 GDP F . -2.40 -31.82 12.49
C5 GDP F . -1.15 -32.31 12.47
C6 GDP F . -0.07 -32.50 13.46
O6 GDP F . -0.23 -32.16 14.65
N1 GDP F . 1.07 -33.05 13.02
C2 GDP F . 1.26 -33.42 11.75
N2 GDP F . 2.45 -33.97 11.39
N3 GDP F . 0.30 -33.28 10.80
C4 GDP F . -0.89 -32.74 11.10
#